data_8UP2
#
_entry.id   8UP2
#
_cell.length_a   74.430
_cell.length_b   67.440
_cell.length_c   168.470
_cell.angle_alpha   90.000
_cell.angle_beta   90.000
_cell.angle_gamma   90.000
#
_symmetry.space_group_name_H-M   'P 1 21 1'
#
loop_
_entity.id
_entity.type
_entity.pdbx_description
1 polymer 'Human-mouse chimeric immunoglobulin heavy chain, Fd fragment'
2 polymer 'Human-mouse chimeric immunoglobulin, kappa light chain'
3 polymer 'Factor H binding protein, sequence variant ID 1'
4 non-polymer GLYCEROL
5 non-polymer 'ACETATE ION'
6 water water
#
loop_
_entity_poly.entity_id
_entity_poly.type
_entity_poly.pdbx_seq_one_letter_code
_entity_poly.pdbx_strand_id
1 'polypeptide(L)'
;EVQLQQSGPVLVKPGASVKMSCKASGYTFTDYYMNWVKQSHGKSLEWIGRVNPSNGATTYNQKFKGKATVTVDKSLSTSY
MQLNSLTSEDSAVYFCARDWEGPWFAYWGQGTLVTVSSASTKGPSVFPLAPSSKSTSGGTAALGCLVKDYFPEPVTVSWN
SGALTSGVHTFPAVLQSSGLYSLSSVVTVPSSSLGTQTYICNVNHKPSNTKVDKKVEPKSCDK
;
A,D
2 'polypeptide(L)'
;DVVMTQTPLTLSVTIGQPASISCKSSQTLFYSKGKTYLNWLFQRPGQSPKRLIYLVSKLDSGVPDRFSGSGSGTDFTLKI
SRVEAEDLGVYYCLQSTHFPYTFGGGTKLEIKRTVAAPSVFIFPPSDEQLKSGTASVVCLLNNFYPREAKVQWKVDNALQ
SGNSQESVTEQDSKDSTYSLSSTLTLSKADYEKHKVYACEVTHQGLSSPVTKSFNRGECS
;
B,E
3 'polypeptide(L)'
;MVAADIGAGLADALTAPLDHKDKGLQSLTLDQSVRKNEKLKLAAQGAEKTYGNGDSLNTGKLKNDKVSRFDFIRQIEVDG
QLITLESGEFQVYKQSHSALTAFQTEQIQDSEHSGKMVAKRQFRIGDIAGEHTSFDKLPEGGRATYRGTAFGSDDAGGKL
TYTIDFAAKQGNGKIEHLKSPELNVDLAAADIKPDGKRHAVISGSVLYNQAEKGSYSLGIFGGKAQEVAGSAEVKTVNGI
RHIGLAAKQLEHHHHHH
;
C,F
#
# COMPACT_ATOMS: atom_id res chain seq x y z
N GLU A 1 -14.78 -11.92 8.92
CA GLU A 1 -15.32 -10.68 9.55
C GLU A 1 -15.95 -11.06 10.88
N VAL A 2 -15.57 -10.34 11.92
CA VAL A 2 -16.15 -10.54 13.25
C VAL A 2 -17.40 -9.68 13.38
N GLN A 3 -18.46 -10.27 13.98
CA GLN A 3 -19.63 -9.54 14.43
C GLN A 3 -20.06 -9.99 15.82
N LEU A 4 -20.49 -9.02 16.62
CA LEU A 4 -21.19 -9.24 17.88
C LEU A 4 -22.61 -8.75 17.65
N GLN A 5 -23.54 -9.69 17.53
CA GLN A 5 -24.92 -9.44 17.17
C GLN A 5 -25.77 -9.57 18.42
N GLN A 6 -26.33 -8.44 18.89
CA GLN A 6 -27.17 -8.42 20.08
C GLN A 6 -28.64 -8.57 19.73
N SER A 7 -29.41 -9.03 20.70
CA SER A 7 -30.85 -9.22 20.53
C SER A 7 -31.54 -7.86 20.46
N GLY A 8 -32.81 -7.90 20.02
CA GLY A 8 -33.54 -6.69 19.66
C GLY A 8 -34.07 -5.94 20.85
N PRO A 9 -34.60 -4.75 20.57
CA PRO A 9 -35.10 -3.93 21.67
C PRO A 9 -36.27 -4.60 22.36
N VAL A 10 -36.43 -4.34 23.65
CA VAL A 10 -37.49 -4.97 24.40
C VAL A 10 -38.13 -4.04 25.42
N LEU A 11 -39.41 -4.30 25.66
CA LEU A 11 -40.20 -3.67 26.71
C LEU A 11 -40.44 -4.70 27.79
N VAL A 12 -40.17 -4.32 29.04
CA VAL A 12 -40.38 -5.22 30.16
C VAL A 12 -41.00 -4.44 31.33
N LYS A 13 -41.74 -5.13 32.12
CA LYS A 13 -42.51 -4.51 33.20
C LYS A 13 -41.72 -4.36 34.49
N PRO A 14 -41.98 -3.29 35.23
CA PRO A 14 -41.33 -3.12 36.54
C PRO A 14 -41.62 -4.33 37.42
N GLY A 15 -40.57 -4.83 38.07
CA GLY A 15 -40.64 -5.97 38.92
C GLY A 15 -40.34 -7.29 38.25
N ALA A 16 -40.33 -7.33 36.93
CA ALA A 16 -40.04 -8.53 36.17
C ALA A 16 -38.53 -8.63 35.93
N SER A 17 -38.14 -9.56 35.06
CA SER A 17 -36.75 -9.76 34.64
C SER A 17 -36.67 -9.71 33.11
N VAL A 18 -35.44 -9.56 32.61
CA VAL A 18 -35.21 -9.55 31.17
C VAL A 18 -33.88 -10.23 30.91
N LYS A 19 -33.81 -11.02 29.85
CA LYS A 19 -32.58 -11.68 29.44
C LYS A 19 -32.31 -11.34 27.98
N MET A 20 -31.11 -10.86 27.71
CA MET A 20 -30.67 -10.39 26.39
C MET A 20 -29.43 -11.15 25.98
N SER A 21 -29.14 -11.16 24.67
CA SER A 21 -28.11 -12.02 24.15
C SER A 21 -27.16 -11.26 23.22
N CYS A 22 -25.94 -11.82 23.12
CA CYS A 22 -24.87 -11.32 22.25
C CYS A 22 -24.27 -12.56 21.57
N LYS A 23 -24.49 -12.70 20.27
CA LYS A 23 -23.97 -13.82 19.49
C LYS A 23 -22.73 -13.38 18.75
N ALA A 24 -21.62 -14.08 18.97
CA ALA A 24 -20.36 -13.74 18.35
C ALA A 24 -20.11 -14.62 17.13
N SER A 25 -19.67 -14.02 16.04
CA SER A 25 -19.28 -14.78 14.86
C SER A 25 -17.93 -14.30 14.34
N GLY A 26 -17.24 -15.19 13.62
CA GLY A 26 -16.03 -14.83 12.93
C GLY A 26 -14.77 -15.05 13.72
N TYR A 27 -14.86 -15.59 14.92
CA TYR A 27 -13.67 -15.91 15.70
C TYR A 27 -14.05 -16.98 16.72
N THR A 28 -13.02 -17.58 17.32
CA THR A 28 -13.25 -18.56 18.37
C THR A 28 -13.74 -17.88 19.64
N PHE A 29 -15.03 -18.05 19.91
CA PHE A 29 -15.70 -17.38 21.03
C PHE A 29 -14.97 -17.55 22.35
N THR A 30 -14.45 -18.75 22.61
CA THR A 30 -13.87 -19.01 23.93
C THR A 30 -12.49 -18.40 24.08
N ASP A 31 -11.94 -17.77 23.06
CA ASP A 31 -10.61 -17.22 23.18
C ASP A 31 -10.54 -15.83 23.79
N TYR A 32 -11.66 -15.12 23.97
CA TYR A 32 -11.64 -13.74 24.46
C TYR A 32 -12.68 -13.51 25.54
N TYR A 33 -12.32 -12.71 26.54
CA TYR A 33 -13.31 -12.31 27.53
C TYR A 33 -14.39 -11.49 26.86
N MET A 34 -15.59 -11.51 27.45
CA MET A 34 -16.68 -10.65 26.98
C MET A 34 -17.18 -9.78 28.13
N ASN A 35 -17.29 -8.48 27.86
CA ASN A 35 -17.80 -7.49 28.80
C ASN A 35 -19.24 -7.14 28.48
N TRP A 36 -19.99 -6.75 29.50
CA TRP A 36 -21.30 -6.11 29.36
C TRP A 36 -21.25 -4.69 29.95
N VAL A 37 -21.94 -3.75 29.29
CA VAL A 37 -21.84 -2.32 29.59
C VAL A 37 -23.24 -1.72 29.53
N LYS A 38 -23.54 -0.78 30.44
CA LYS A 38 -24.81 -0.06 30.48
C LYS A 38 -24.59 1.39 30.06
N GLN A 39 -25.53 1.93 29.29
CA GLN A 39 -25.56 3.36 28.99
C GLN A 39 -26.98 3.89 29.11
N SER A 40 -27.27 4.54 30.24
CA SER A 40 -28.52 5.28 30.36
C SER A 40 -28.54 6.46 29.40
N HIS A 41 -29.74 6.82 28.96
CA HIS A 41 -29.88 7.87 27.96
C HIS A 41 -29.18 9.15 28.41
N GLY A 42 -28.27 9.63 27.58
CA GLY A 42 -27.53 10.84 27.82
C GLY A 42 -26.44 10.74 28.88
N LYS A 43 -26.16 9.54 29.38
CA LYS A 43 -25.19 9.36 30.45
C LYS A 43 -23.95 8.65 29.92
N SER A 44 -22.98 8.51 30.80
CA SER A 44 -21.72 7.89 30.43
C SER A 44 -21.92 6.38 30.44
N LEU A 45 -20.90 5.64 30.04
CA LEU A 45 -20.91 4.19 30.10
C LEU A 45 -20.61 3.70 31.50
N GLU A 46 -21.18 2.53 31.83
CA GLU A 46 -20.95 1.88 33.12
C GLU A 46 -20.65 0.41 32.85
N TRP A 47 -19.58 -0.11 33.42
CA TRP A 47 -19.22 -1.51 33.25
C TRP A 47 -20.01 -2.36 34.24
N ILE A 48 -20.63 -3.43 33.74
CA ILE A 48 -21.45 -4.33 34.53
C ILE A 48 -20.65 -5.56 34.97
N GLY A 49 -20.00 -6.22 34.04
CA GLY A 49 -19.22 -7.40 34.40
C GLY A 49 -18.53 -7.99 33.19
N ARG A 50 -17.77 -9.04 33.45
CA ARG A 50 -16.95 -9.68 32.41
C ARG A 50 -17.03 -11.17 32.63
N VAL A 51 -17.10 -11.92 31.54
CA VAL A 51 -17.16 -13.38 31.59
C VAL A 51 -16.03 -13.99 30.76
N ASN A 52 -15.52 -15.10 31.29
CA ASN A 52 -14.62 -16.01 30.59
C ASN A 52 -15.47 -17.04 29.87
N PRO A 53 -15.59 -16.98 28.54
CA PRO A 53 -16.53 -17.87 27.87
C PRO A 53 -16.10 -19.30 27.88
N SER A 54 -14.86 -19.57 28.18
CA SER A 54 -14.43 -20.95 28.15
CA SER A 54 -14.42 -20.95 28.15
C SER A 54 -14.94 -21.73 29.34
N ASN A 55 -15.18 -21.06 30.47
CA ASN A 55 -15.61 -21.74 31.68
C ASN A 55 -16.72 -21.04 32.45
N GLY A 56 -17.16 -19.86 32.03
CA GLY A 56 -18.27 -19.22 32.68
C GLY A 56 -17.94 -18.40 33.91
N ALA A 57 -16.67 -18.36 34.31
CA ALA A 57 -16.26 -17.53 35.44
C ALA A 57 -16.58 -16.08 35.13
N THR A 58 -17.03 -15.35 36.13
CA THR A 58 -17.48 -13.98 35.96
C THR A 58 -16.89 -13.08 37.03
N THR A 59 -16.76 -11.79 36.68
CA THR A 59 -16.41 -10.73 37.62
C THR A 59 -17.45 -9.64 37.42
N TYR A 60 -17.93 -9.05 38.50
CA TYR A 60 -18.99 -8.04 38.42
C TYR A 60 -18.58 -6.75 39.09
N ASN A 61 -19.14 -5.67 38.61
CA ASN A 61 -19.16 -4.41 39.33
C ASN A 61 -20.12 -4.57 40.49
N GLN A 62 -19.65 -4.31 41.72
CA GLN A 62 -20.52 -4.57 42.86
C GLN A 62 -21.80 -3.75 42.83
N LYS A 63 -21.86 -2.69 42.04
CA LYS A 63 -23.08 -1.88 41.91
C LYS A 63 -24.21 -2.69 41.25
N PHE A 64 -23.86 -3.77 40.55
CA PHE A 64 -24.84 -4.62 39.81
C PHE A 64 -25.00 -5.99 40.47
N LYS A 65 -24.42 -6.16 41.66
CA LYS A 65 -24.57 -7.43 42.43
C LYS A 65 -26.05 -7.58 42.80
N GLY A 66 -26.63 -8.71 42.43
CA GLY A 66 -28.04 -8.98 42.70
C GLY A 66 -28.96 -8.37 41.66
N LYS A 67 -28.42 -7.65 40.69
CA LYS A 67 -29.20 -7.05 39.59
C LYS A 67 -28.87 -7.80 38.31
N ALA A 68 -27.59 -7.97 38.00
CA ALA A 68 -27.16 -8.55 36.72
C ALA A 68 -26.51 -9.91 36.87
N THR A 69 -26.82 -10.83 35.96
CA THR A 69 -26.19 -12.17 35.90
C THR A 69 -25.72 -12.40 34.47
N VAL A 70 -24.44 -12.62 34.26
CA VAL A 70 -23.89 -12.87 32.93
C VAL A 70 -23.60 -14.36 32.79
N THR A 71 -23.95 -14.92 31.64
CA THR A 71 -23.73 -16.34 31.36
C THR A 71 -23.25 -16.48 29.93
N VAL A 72 -22.86 -17.71 29.57
CA VAL A 72 -22.54 -18.02 28.20
C VAL A 72 -23.11 -19.38 27.83
N ASP A 73 -23.30 -19.57 26.53
CA ASP A 73 -23.49 -20.88 25.90
C ASP A 73 -22.43 -21.03 24.80
N LYS A 74 -21.36 -21.77 25.12
CA LYS A 74 -20.25 -21.98 24.20
C LYS A 74 -20.72 -22.55 22.88
N SER A 75 -21.65 -23.50 22.92
CA SER A 75 -22.03 -24.23 21.72
C SER A 75 -22.74 -23.32 20.75
N LEU A 76 -23.31 -22.21 21.24
CA LEU A 76 -24.01 -21.23 20.44
C LEU A 76 -23.19 -19.96 20.26
N SER A 77 -21.94 -19.95 20.76
CA SER A 77 -21.06 -18.80 20.68
C SER A 77 -21.79 -17.56 21.16
N THR A 78 -22.56 -17.69 22.27
CA THR A 78 -23.38 -16.58 22.71
C THR A 78 -23.16 -16.28 24.19
N SER A 79 -23.19 -15.00 24.54
CA SER A 79 -23.25 -14.57 25.93
C SER A 79 -24.62 -13.96 26.19
N TYR A 80 -25.10 -14.11 27.42
CA TYR A 80 -26.40 -13.59 27.85
C TYR A 80 -26.21 -12.72 29.07
N MET A 81 -27.02 -11.70 29.23
CA MET A 81 -27.07 -11.04 30.51
C MET A 81 -28.52 -10.88 30.92
N GLN A 82 -28.81 -11.23 32.17
CA GLN A 82 -30.13 -11.17 32.76
C GLN A 82 -30.16 -10.11 33.85
N LEU A 83 -31.15 -9.24 33.77
CA LEU A 83 -31.43 -8.25 34.80
C LEU A 83 -32.70 -8.62 35.55
N ASN A 84 -32.65 -8.54 36.86
CA ASN A 84 -33.82 -8.87 37.67
C ASN A 84 -34.38 -7.66 38.40
N SER A 85 -35.59 -7.85 38.94
CA SER A 85 -36.28 -6.87 39.77
C SER A 85 -36.27 -5.49 39.14
N LEU A 86 -36.78 -5.42 37.92
CA LEU A 86 -36.58 -4.26 37.09
C LEU A 86 -37.27 -3.02 37.63
N THR A 87 -36.59 -1.89 37.51
CA THR A 87 -37.15 -0.57 37.78
C THR A 87 -36.84 0.36 36.60
N SER A 88 -37.41 1.58 36.67
CA SER A 88 -37.18 2.52 35.59
C SER A 88 -35.71 2.90 35.48
N GLU A 89 -34.95 2.75 36.58
CA GLU A 89 -33.52 3.00 36.50
C GLU A 89 -32.78 2.00 35.63
N ASP A 90 -33.40 0.85 35.28
CA ASP A 90 -32.76 -0.14 34.41
C ASP A 90 -33.03 0.12 32.92
N SER A 91 -33.88 1.10 32.62
CA SER A 91 -34.09 1.49 31.23
C SER A 91 -32.81 2.11 30.70
N ALA A 92 -32.25 1.53 29.65
CA ALA A 92 -30.94 1.96 29.15
C ALA A 92 -30.63 1.15 27.90
N VAL A 93 -29.53 1.51 27.22
CA VAL A 93 -28.94 0.66 26.19
C VAL A 93 -27.88 -0.20 26.86
N TYR A 94 -27.88 -1.49 26.58
CA TYR A 94 -26.85 -2.40 27.07
C TYR A 94 -26.03 -2.91 25.89
N PHE A 95 -24.72 -2.92 26.06
CA PHE A 95 -23.80 -3.35 25.01
C PHE A 95 -23.03 -4.58 25.49
N CYS A 96 -22.72 -5.52 24.58
CA CYS A 96 -21.64 -6.47 24.81
C CYS A 96 -20.40 -5.97 24.08
N ALA A 97 -19.24 -6.18 24.68
CA ALA A 97 -17.99 -5.71 24.10
C ALA A 97 -16.92 -6.75 24.38
N ARG A 98 -16.12 -7.07 23.37
CA ARG A 98 -15.04 -8.04 23.57
C ARG A 98 -13.90 -7.39 24.35
N ASP A 99 -13.09 -8.23 25.00
CA ASP A 99 -11.94 -7.78 25.78
C ASP A 99 -11.28 -6.58 25.13
N TRP A 100 -11.20 -5.48 25.87
CA TRP A 100 -10.62 -4.25 25.33
C TRP A 100 -9.27 -3.88 25.94
N GLU A 101 -8.60 -4.81 26.62
CA GLU A 101 -7.34 -4.47 27.28
C GLU A 101 -6.14 -4.45 26.35
N GLY A 102 -6.16 -5.23 25.26
CA GLY A 102 -4.92 -5.55 24.56
C GLY A 102 -4.93 -5.11 23.11
N PRO A 103 -3.91 -5.53 22.36
CA PRO A 103 -3.81 -5.11 20.95
C PRO A 103 -4.85 -5.74 20.07
N TRP A 104 -5.45 -6.86 20.49
CA TRP A 104 -6.47 -7.51 19.68
C TRP A 104 -7.69 -6.60 19.60
N PHE A 105 -8.36 -6.61 18.44
CA PHE A 105 -9.37 -5.61 18.15
C PHE A 105 -10.53 -5.67 19.14
N ALA A 106 -10.98 -4.48 19.57
CA ALA A 106 -11.97 -4.35 20.64
C ALA A 106 -13.34 -4.15 20.01
N TYR A 107 -13.96 -5.26 19.63
CA TYR A 107 -15.27 -5.27 19.01
C TYR A 107 -16.38 -4.92 20.01
N TRP A 108 -17.43 -4.25 19.49
CA TRP A 108 -18.65 -3.91 20.24
C TRP A 108 -19.88 -4.43 19.51
N GLY A 109 -20.86 -4.85 20.29
CA GLY A 109 -22.16 -5.15 19.74
C GLY A 109 -22.89 -3.84 19.44
N GLN A 110 -24.06 -3.96 18.78
CA GLN A 110 -24.82 -2.76 18.39
C GLN A 110 -25.70 -2.20 19.50
N GLY A 111 -25.78 -2.85 20.65
CA GLY A 111 -26.60 -2.44 21.78
C GLY A 111 -28.00 -3.02 21.69
N THR A 112 -28.62 -3.19 22.88
CA THR A 112 -30.02 -3.56 23.09
C THR A 112 -30.69 -2.48 23.92
N LEU A 113 -31.76 -1.89 23.40
CA LEU A 113 -32.50 -0.86 24.13
C LEU A 113 -33.58 -1.54 24.95
N VAL A 114 -33.48 -1.42 26.28
CA VAL A 114 -34.43 -1.97 27.23
C VAL A 114 -35.26 -0.82 27.79
N THR A 115 -36.59 -0.95 27.72
CA THR A 115 -37.51 0.05 28.28
C THR A 115 -38.28 -0.67 29.37
N VAL A 116 -38.24 -0.13 30.60
CA VAL A 116 -39.01 -0.68 31.72
C VAL A 116 -40.21 0.24 31.95
N SER A 117 -41.40 -0.30 31.69
CA SER A 117 -42.65 0.46 31.80
C SER A 117 -43.82 -0.52 31.89
N SER A 118 -44.91 -0.07 32.52
CA SER A 118 -46.11 -0.87 32.56
C SER A 118 -47.03 -0.61 31.38
N ALA A 119 -46.69 0.35 30.51
CA ALA A 119 -47.49 0.67 29.34
C ALA A 119 -47.44 -0.44 28.28
N SER A 120 -48.49 -0.53 27.48
CA SER A 120 -48.56 -1.54 26.43
C SER A 120 -47.81 -1.10 25.18
N THR A 121 -47.25 -2.10 24.49
CA THR A 121 -46.61 -1.89 23.19
C THR A 121 -47.65 -1.41 22.17
N LYS A 122 -47.26 -0.43 21.34
CA LYS A 122 -48.11 0.08 20.28
C LYS A 122 -47.24 0.49 19.09
N GLY A 123 -47.64 0.08 17.90
CA GLY A 123 -46.93 0.42 16.69
C GLY A 123 -47.36 1.78 16.16
N PRO A 124 -46.52 2.38 15.31
CA PRO A 124 -46.81 3.72 14.82
C PRO A 124 -47.81 3.75 13.68
N SER A 125 -48.47 4.89 13.57
CA SER A 125 -49.12 5.32 12.34
C SER A 125 -48.07 6.09 11.54
N VAL A 126 -48.09 5.94 10.23
CA VAL A 126 -47.11 6.60 9.36
C VAL A 126 -47.88 7.44 8.35
N PHE A 127 -47.62 8.75 8.35
CA PHE A 127 -48.30 9.72 7.52
C PHE A 127 -47.30 10.44 6.62
N PRO A 128 -47.69 10.76 5.39
CA PRO A 128 -46.75 11.47 4.51
C PRO A 128 -46.64 12.97 4.86
N LEU A 129 -45.44 13.50 4.66
CA LEU A 129 -45.17 14.95 4.68
C LEU A 129 -44.92 15.32 3.21
N ALA A 130 -45.95 15.77 2.53
CA ALA A 130 -45.91 15.83 1.09
C ALA A 130 -45.14 17.06 0.62
N PRO A 131 -44.37 16.95 -0.48
CA PRO A 131 -43.58 18.09 -0.94
C PRO A 131 -44.43 19.29 -1.30
N ALA A 141 -36.49 20.74 -2.90
CA ALA A 141 -37.74 20.41 -2.21
C ALA A 141 -37.54 19.44 -1.04
N ALA A 142 -38.42 19.56 -0.04
CA ALA A 142 -38.42 18.73 1.16
C ALA A 142 -39.69 17.89 1.22
N LEU A 143 -39.52 16.63 1.66
CA LEU A 143 -40.63 15.72 1.91
C LEU A 143 -40.22 14.83 3.07
N GLY A 144 -41.19 14.10 3.62
CA GLY A 144 -40.84 13.24 4.73
C GLY A 144 -42.00 12.38 5.16
N CYS A 145 -41.81 11.73 6.31
CA CYS A 145 -42.81 10.85 6.93
C CYS A 145 -42.91 11.21 8.41
N LEU A 146 -44.13 11.32 8.90
CA LEU A 146 -44.45 11.50 10.31
C LEU A 146 -44.75 10.12 10.90
N VAL A 147 -43.98 9.70 11.89
CA VAL A 147 -44.09 8.37 12.51
C VAL A 147 -44.66 8.59 13.91
N LYS A 148 -45.96 8.37 14.08
CA LYS A 148 -46.67 8.92 15.21
C LYS A 148 -47.27 7.83 16.11
N ASP A 149 -47.18 8.07 17.42
CA ASP A 149 -47.95 7.34 18.43
C ASP A 149 -47.48 5.91 18.56
N TYR A 150 -46.23 5.71 18.94
CA TYR A 150 -45.72 4.38 19.22
C TYR A 150 -45.04 4.28 20.60
N PHE A 151 -44.89 3.04 21.05
CA PHE A 151 -44.25 2.75 22.32
C PHE A 151 -43.82 1.29 22.33
N PRO A 152 -42.61 0.98 22.80
CA PRO A 152 -41.51 1.84 23.25
C PRO A 152 -40.69 2.29 22.06
N GLU A 153 -39.64 3.04 22.37
CA GLU A 153 -38.59 3.23 21.40
C GLU A 153 -37.92 1.89 21.16
N PRO A 154 -37.25 1.72 20.04
CA PRO A 154 -37.03 2.63 18.93
C PRO A 154 -37.81 2.25 17.69
N VAL A 155 -37.74 3.11 16.68
CA VAL A 155 -38.15 2.79 15.33
C VAL A 155 -36.94 3.01 14.45
N THR A 156 -36.94 2.37 13.29
CA THR A 156 -35.95 2.65 12.27
C THR A 156 -36.69 3.20 11.04
N VAL A 157 -36.05 4.16 10.36
CA VAL A 157 -36.59 4.74 9.13
C VAL A 157 -35.47 4.73 8.11
N SER A 158 -35.76 4.19 6.94
CA SER A 158 -34.88 4.33 5.79
C SER A 158 -35.74 4.86 4.66
N TRP A 159 -35.09 5.27 3.56
CA TRP A 159 -35.78 5.78 2.39
C TRP A 159 -35.39 4.97 1.16
N ASN A 160 -36.39 4.64 0.34
CA ASN A 160 -36.20 3.82 -0.87
C ASN A 160 -35.35 2.59 -0.57
N SER A 161 -35.72 1.91 0.53
CA SER A 161 -35.07 0.68 0.98
C SER A 161 -33.56 0.86 1.14
N GLY A 162 -33.13 2.08 1.47
CA GLY A 162 -31.74 2.35 1.76
C GLY A 162 -30.98 2.95 0.59
N ALA A 163 -31.58 3.02 -0.59
CA ALA A 163 -30.94 3.67 -1.73
C ALA A 163 -30.72 5.16 -1.47
N LEU A 164 -31.62 5.79 -0.74
CA LEU A 164 -31.62 7.24 -0.57
C LEU A 164 -31.13 7.54 0.84
N THR A 165 -29.94 8.10 0.94
CA THR A 165 -29.34 8.48 2.21
C THR A 165 -28.95 9.95 2.27
N SER A 166 -28.54 10.55 1.16
CA SER A 166 -28.09 11.92 1.18
C SER A 166 -29.25 12.85 1.50
N GLY A 167 -29.01 13.78 2.42
CA GLY A 167 -30.00 14.78 2.76
C GLY A 167 -31.10 14.31 3.67
N VAL A 168 -30.98 13.09 4.23
CA VAL A 168 -32.02 12.55 5.11
C VAL A 168 -31.74 13.03 6.52
N HIS A 169 -32.78 13.49 7.21
CA HIS A 169 -32.71 13.75 8.64
C HIS A 169 -33.87 13.01 9.31
N THR A 170 -33.52 12.04 10.17
CA THR A 170 -34.51 11.38 11.02
C THR A 170 -34.36 11.94 12.43
N PHE A 171 -35.38 12.61 12.88
CA PHE A 171 -35.29 13.37 14.11
C PHE A 171 -35.40 12.47 15.33
N PRO A 172 -34.73 12.85 16.42
CA PRO A 172 -34.95 12.16 17.70
C PRO A 172 -36.42 12.16 18.06
N ALA A 173 -36.89 11.05 18.60
CA ALA A 173 -38.29 11.01 18.99
C ALA A 173 -38.54 11.86 20.22
N VAL A 174 -39.76 12.39 20.32
CA VAL A 174 -40.21 13.11 21.49
C VAL A 174 -41.37 12.35 22.11
N LEU A 175 -41.36 12.30 23.42
CA LEU A 175 -42.47 11.71 24.17
C LEU A 175 -43.61 12.72 24.25
N GLN A 176 -44.75 12.34 23.72
CA GLN A 176 -45.92 13.21 23.76
C GLN A 176 -46.60 13.11 25.12
N SER A 177 -47.53 14.04 25.37
CA SER A 177 -48.26 14.04 26.64
C SER A 177 -49.12 12.79 26.82
N SER A 178 -49.47 12.10 25.73
CA SER A 178 -50.17 10.83 25.76
C SER A 178 -49.32 9.66 26.26
N GLY A 179 -48.02 9.84 26.43
CA GLY A 179 -47.11 8.77 26.76
C GLY A 179 -46.62 7.97 25.57
N LEU A 180 -46.96 8.39 24.36
CA LEU A 180 -46.50 7.74 23.14
C LEU A 180 -45.45 8.62 22.48
N TYR A 181 -44.50 8.01 21.80
CA TYR A 181 -43.49 8.73 21.04
C TYR A 181 -43.98 9.12 19.65
N SER A 182 -43.34 10.17 19.10
CA SER A 182 -43.57 10.55 17.72
C SER A 182 -42.26 11.14 17.16
N LEU A 183 -42.04 10.94 15.86
CA LEU A 183 -40.92 11.59 15.18
C LEU A 183 -41.23 11.77 13.70
N SER A 184 -40.47 12.67 13.06
CA SER A 184 -40.50 12.83 11.63
C SER A 184 -39.15 12.45 11.04
N SER A 185 -39.19 11.98 9.81
CA SER A 185 -38.02 11.80 8.97
C SER A 185 -38.24 12.57 7.69
N VAL A 186 -37.25 13.38 7.31
CA VAL A 186 -37.36 14.24 6.14
C VAL A 186 -36.16 14.01 5.24
N VAL A 187 -36.33 14.40 3.97
CA VAL A 187 -35.24 14.38 3.00
C VAL A 187 -35.46 15.57 2.08
N THR A 188 -34.37 16.21 1.68
CA THR A 188 -34.44 17.20 0.61
C THR A 188 -33.96 16.56 -0.68
N VAL A 189 -34.65 16.88 -1.76
CA VAL A 189 -34.35 16.33 -3.08
C VAL A 189 -34.52 17.43 -4.12
N PRO A 190 -33.98 17.21 -5.32
CA PRO A 190 -34.24 18.17 -6.41
C PRO A 190 -35.72 18.24 -6.73
N SER A 191 -36.25 19.45 -6.83
CA SER A 191 -37.65 19.61 -7.18
C SER A 191 -37.98 19.03 -8.56
N SER A 192 -36.97 18.88 -9.43
CA SER A 192 -37.22 18.35 -10.76
C SER A 192 -37.56 16.87 -10.74
N SER A 193 -37.10 16.12 -9.73
CA SER A 193 -37.32 14.69 -9.68
C SER A 193 -38.65 14.31 -9.06
N LEU A 194 -39.48 15.28 -8.65
CA LEU A 194 -40.72 14.93 -7.96
C LEU A 194 -41.71 14.21 -8.86
N GLY A 195 -41.71 14.50 -10.17
CA GLY A 195 -42.58 13.78 -11.07
C GLY A 195 -42.09 12.36 -11.33
N THR A 196 -40.78 12.19 -11.46
CA THR A 196 -40.20 10.92 -11.90
C THR A 196 -39.84 9.99 -10.73
N GLN A 197 -38.94 10.45 -9.84
CA GLN A 197 -38.40 9.56 -8.83
C GLN A 197 -39.44 9.27 -7.74
N THR A 198 -39.55 8.00 -7.38
CA THR A 198 -40.44 7.57 -6.29
C THR A 198 -39.72 7.70 -4.95
N TYR A 199 -40.46 8.14 -3.95
CA TYR A 199 -39.94 8.34 -2.59
C TYR A 199 -40.81 7.53 -1.64
N ILE A 200 -40.21 6.52 -1.02
CA ILE A 200 -40.89 5.64 -0.06
C ILE A 200 -40.11 5.67 1.24
N CYS A 201 -40.81 5.86 2.35
CA CYS A 201 -40.17 5.76 3.66
C CYS A 201 -40.50 4.40 4.27
N ASN A 202 -39.46 3.69 4.69
CA ASN A 202 -39.56 2.35 5.23
C ASN A 202 -39.42 2.44 6.75
N VAL A 203 -40.50 2.15 7.46
CA VAL A 203 -40.55 2.28 8.91
C VAL A 203 -40.65 0.89 9.52
N ASN A 204 -39.85 0.63 10.55
CA ASN A 204 -39.88 -0.64 11.26
C ASN A 204 -39.91 -0.35 12.75
N HIS A 205 -40.91 -0.91 13.43
CA HIS A 205 -40.98 -0.87 14.89
C HIS A 205 -40.95 -2.33 15.35
N LYS A 206 -39.80 -2.80 15.74
CA LYS A 206 -39.68 -4.21 16.05
C LYS A 206 -40.49 -4.66 17.26
N PRO A 207 -40.65 -3.87 18.34
CA PRO A 207 -41.41 -4.39 19.52
C PRO A 207 -42.85 -4.75 19.22
N SER A 208 -43.46 -4.14 18.20
CA SER A 208 -44.83 -4.43 17.80
C SER A 208 -44.93 -5.19 16.49
N ASN A 209 -43.79 -5.52 15.88
CA ASN A 209 -43.69 -6.12 14.55
C ASN A 209 -44.51 -5.32 13.55
N THR A 210 -44.31 -4.01 13.56
CA THR A 210 -45.00 -3.12 12.64
C THR A 210 -43.99 -2.70 11.57
N LYS A 211 -44.31 -3.01 10.32
CA LYS A 211 -43.49 -2.61 9.18
C LYS A 211 -44.40 -1.87 8.22
N VAL A 212 -44.01 -0.66 7.83
CA VAL A 212 -44.79 0.15 6.91
C VAL A 212 -43.84 0.72 5.87
N ASP A 213 -44.26 0.64 4.60
CA ASP A 213 -43.60 1.36 3.51
C ASP A 213 -44.63 2.37 3.01
N LYS A 214 -44.31 3.65 3.12
CA LYS A 214 -45.26 4.72 2.82
C LYS A 214 -44.73 5.51 1.64
N LYS A 215 -45.50 5.56 0.55
CA LYS A 215 -45.11 6.36 -0.60
C LYS A 215 -45.51 7.80 -0.34
N VAL A 216 -44.58 8.73 -0.58
CA VAL A 216 -44.76 10.16 -0.33
C VAL A 216 -44.81 10.85 -1.68
N GLU A 217 -45.92 11.50 -1.98
CA GLU A 217 -46.11 12.15 -3.26
C GLU A 217 -46.82 13.48 -3.08
N PRO A 218 -46.72 14.38 -4.08
CA PRO A 218 -47.47 15.65 -4.07
C PRO A 218 -48.97 15.44 -3.97
N ASP B 1 -13.72 2.53 44.39
CA ASP B 1 -13.47 2.38 42.92
C ASP B 1 -12.64 3.52 42.41
N VAL B 2 -11.97 3.27 41.30
CA VAL B 2 -11.13 4.29 40.68
C VAL B 2 -12.03 5.30 39.99
N VAL B 3 -11.92 6.54 40.39
CA VAL B 3 -12.70 7.62 39.79
C VAL B 3 -11.88 8.21 38.65
N MET B 4 -12.50 8.32 37.49
CA MET B 4 -11.89 8.88 36.28
C MET B 4 -12.50 10.27 36.05
N THR B 5 -11.69 11.31 36.21
CA THR B 5 -12.15 12.69 36.09
C THR B 5 -11.71 13.22 34.74
N GLN B 6 -12.66 13.38 33.84
CA GLN B 6 -12.43 13.72 32.45
C GLN B 6 -12.84 15.17 32.23
N THR B 7 -11.95 15.97 31.64
CA THR B 7 -12.21 17.38 31.37
C THR B 7 -11.65 17.77 30.00
N PRO B 8 -12.27 18.75 29.32
CA PRO B 8 -13.52 19.43 29.65
C PRO B 8 -14.72 18.55 29.37
N LEU B 9 -15.88 18.93 29.89
CA LEU B 9 -17.10 18.22 29.55
C LEU B 9 -17.50 18.46 28.11
N THR B 10 -17.26 19.68 27.62
CA THR B 10 -17.55 20.04 26.25
C THR B 10 -16.34 20.76 25.68
N LEU B 11 -16.05 20.47 24.43
CA LEU B 11 -14.94 21.07 23.72
C LEU B 11 -15.51 21.59 22.42
N SER B 12 -15.43 22.91 22.23
CA SER B 12 -15.96 23.54 21.03
C SER B 12 -14.75 24.07 20.25
N VAL B 13 -14.59 23.58 19.03
CA VAL B 13 -13.33 23.74 18.31
C VAL B 13 -13.63 23.97 16.84
N THR B 14 -12.82 24.83 16.21
CA THR B 14 -12.96 25.10 14.80
C THR B 14 -12.15 24.09 14.03
N ILE B 15 -12.67 23.70 12.85
CA ILE B 15 -11.94 22.77 11.99
C ILE B 15 -10.56 23.31 11.69
N GLY B 16 -9.57 22.42 11.76
CA GLY B 16 -8.19 22.79 11.59
C GLY B 16 -7.46 23.11 12.86
N GLN B 17 -8.17 23.35 13.94
CA GLN B 17 -7.53 23.66 15.21
C GLN B 17 -7.20 22.37 15.95
N PRO B 18 -6.25 22.42 16.87
CA PRO B 18 -5.98 21.25 17.70
C PRO B 18 -6.96 21.15 18.86
N ALA B 19 -7.01 19.96 19.46
CA ALA B 19 -7.89 19.70 20.58
C ALA B 19 -7.20 18.75 21.56
N SER B 20 -7.51 18.92 22.84
CA SER B 20 -6.89 18.12 23.89
C SER B 20 -7.93 17.79 24.95
N ILE B 21 -7.93 16.54 25.40
CA ILE B 21 -8.84 16.07 26.42
C ILE B 21 -8.01 15.42 27.53
N SER B 22 -8.37 15.69 28.76
CA SER B 22 -7.60 15.24 29.91
C SER B 22 -8.41 14.24 30.73
N CYS B 23 -7.70 13.21 31.22
CA CYS B 23 -8.28 12.21 32.10
C CYS B 23 -7.35 12.05 33.29
N LYS B 24 -7.87 12.23 34.50
CA LYS B 24 -7.12 12.03 35.73
C LYS B 24 -7.79 10.96 36.56
N SER B 25 -7.01 9.99 37.02
CA SER B 25 -7.54 8.93 37.84
C SER B 25 -7.22 9.15 39.31
N SER B 26 -8.10 8.61 40.16
CA SER B 26 -7.92 8.77 41.61
C SER B 26 -6.82 7.88 42.18
N GLN B 27 -6.31 6.92 41.42
CA GLN B 27 -5.10 6.20 41.81
C GLN B 27 -4.41 5.74 40.54
N THR B 28 -3.12 5.44 40.67
CA THR B 28 -2.33 5.14 39.48
C THR B 28 -2.91 3.97 38.70
N LEU B 29 -2.84 4.07 37.38
CA LEU B 29 -3.26 2.99 36.48
C LEU B 29 -2.09 2.11 36.05
N PHE B 30 -0.90 2.32 36.61
CA PHE B 30 0.18 1.37 36.39
C PHE B 30 -0.20 -0.03 36.86
N TYR B 31 -0.12 -1.02 35.96
CA TYR B 31 -0.38 -2.41 36.31
C TYR B 31 0.91 -3.17 36.62
N SER B 32 1.87 -3.05 35.71
CA SER B 32 3.20 -3.64 35.83
C SER B 32 4.06 -2.97 34.76
N LYS B 33 5.36 -3.27 34.78
CA LYS B 33 6.28 -2.56 33.90
C LYS B 33 5.77 -2.55 32.46
N GLY B 34 5.60 -1.35 31.91
CA GLY B 34 5.19 -1.18 30.53
C GLY B 34 3.73 -1.44 30.23
N LYS B 35 2.91 -1.73 31.25
CA LYS B 35 1.49 -2.03 31.07
C LYS B 35 0.67 -1.09 31.93
N THR B 36 0.02 -0.14 31.28
CA THR B 36 -0.89 0.78 31.95
C THR B 36 -2.18 0.77 31.13
N TYR B 37 -3.28 0.31 31.73
CA TYR B 37 -4.48 0.03 30.95
C TYR B 37 -5.39 1.25 30.94
N LEU B 38 -5.10 2.17 30.01
CA LEU B 38 -5.89 3.36 29.77
C LEU B 38 -6.26 3.40 28.29
N ASN B 39 -7.56 3.35 28.02
CA ASN B 39 -8.12 3.36 26.68
C ASN B 39 -8.80 4.69 26.46
N TRP B 40 -8.88 5.09 25.19
CA TRP B 40 -9.74 6.18 24.78
C TRP B 40 -10.76 5.64 23.80
N LEU B 41 -12.03 5.94 24.06
CA LEU B 41 -13.13 5.52 23.19
C LEU B 41 -13.81 6.72 22.56
N PHE B 42 -14.53 6.46 21.46
CA PHE B 42 -15.26 7.50 20.74
C PHE B 42 -16.63 6.96 20.40
N GLN B 43 -17.66 7.82 20.53
CA GLN B 43 -19.02 7.37 20.23
C GLN B 43 -19.79 8.47 19.51
N ARG B 44 -20.33 8.11 18.36
CA ARG B 44 -21.27 8.96 17.63
C ARG B 44 -22.67 8.73 18.18
N PRO B 45 -23.54 9.72 18.12
CA PRO B 45 -24.89 9.57 18.67
C PRO B 45 -25.62 8.41 18.01
N GLY B 46 -26.30 7.64 18.84
CA GLY B 46 -27.07 6.51 18.36
C GLY B 46 -26.27 5.35 17.85
N GLN B 47 -24.97 5.33 18.10
CA GLN B 47 -24.12 4.25 17.65
C GLN B 47 -23.33 3.69 18.82
N SER B 48 -22.66 2.57 18.56
CA SER B 48 -21.84 1.97 19.60
C SER B 48 -20.51 2.69 19.74
N PRO B 49 -19.92 2.69 20.93
CA PRO B 49 -18.57 3.21 21.08
C PRO B 49 -17.60 2.39 20.27
N LYS B 50 -16.48 3.01 19.88
CA LYS B 50 -15.34 2.29 19.34
C LYS B 50 -14.09 2.69 20.10
N ARG B 51 -13.12 1.81 20.11
CA ARG B 51 -11.83 2.14 20.72
C ARG B 51 -10.94 2.87 19.71
N LEU B 52 -10.30 3.93 20.17
CA LEU B 52 -9.29 4.66 19.41
C LEU B 52 -7.88 4.37 19.86
N ILE B 53 -7.66 4.35 21.18
CA ILE B 53 -6.34 4.22 21.78
C ILE B 53 -6.41 3.16 22.87
N TYR B 54 -5.40 2.28 22.93
CA TYR B 54 -5.24 1.34 24.03
C TYR B 54 -3.83 1.45 24.61
N LEU B 55 -3.68 1.00 25.85
CA LEU B 55 -2.38 0.98 26.52
C LEU B 55 -1.71 2.35 26.42
N VAL B 56 -2.51 3.36 26.73
CA VAL B 56 -2.16 4.77 26.87
C VAL B 56 -1.95 5.44 25.53
N SER B 57 -1.14 4.83 24.65
CA SER B 57 -0.64 5.53 23.48
C SER B 57 -0.71 4.75 22.18
N LYS B 58 -1.26 3.55 22.17
CA LYS B 58 -1.26 2.73 20.97
C LYS B 58 -2.52 2.99 20.17
N LEU B 59 -2.35 3.30 18.90
CA LEU B 59 -3.46 3.64 18.01
C LEU B 59 -4.07 2.38 17.43
N ASP B 60 -5.39 2.27 17.52
CA ASP B 60 -6.07 1.17 16.87
C ASP B 60 -6.01 1.29 15.35
N SER B 61 -6.06 0.14 14.70
CA SER B 61 -6.20 0.12 13.25
C SER B 61 -7.51 0.78 12.84
N GLY B 62 -7.48 1.48 11.72
CA GLY B 62 -8.64 2.22 11.29
C GLY B 62 -8.86 3.54 11.99
N VAL B 63 -7.85 4.08 12.67
CA VAL B 63 -7.93 5.38 13.33
C VAL B 63 -6.91 6.30 12.71
N PRO B 64 -7.29 7.51 12.28
CA PRO B 64 -6.31 8.44 11.72
C PRO B 64 -5.19 8.79 12.70
N ASP B 65 -4.01 9.04 12.15
CA ASP B 65 -2.83 9.39 12.95
C ASP B 65 -2.91 10.79 13.54
N ARG B 66 -3.96 11.57 13.24
CA ARG B 66 -4.20 12.83 13.92
C ARG B 66 -4.47 12.64 15.41
N PHE B 67 -4.85 11.42 15.80
CA PHE B 67 -5.14 11.12 17.19
C PHE B 67 -3.90 10.55 17.87
N SER B 68 -3.64 11.00 19.10
CA SER B 68 -2.52 10.48 19.88
C SER B 68 -2.87 10.47 21.36
N GLY B 69 -2.29 9.51 22.08
CA GLY B 69 -2.48 9.42 23.51
C GLY B 69 -1.17 9.45 24.25
N SER B 70 -1.17 10.05 25.43
CA SER B 70 0.04 10.14 26.24
C SER B 70 -0.34 10.12 27.72
N GLY B 71 0.68 10.06 28.56
CA GLY B 71 0.52 10.14 29.99
C GLY B 71 1.04 8.92 30.71
N SER B 72 0.89 8.95 32.02
CA SER B 72 1.38 7.88 32.88
C SER B 72 0.79 8.08 34.26
N GLY B 73 0.79 7.01 35.04
CA GLY B 73 0.34 7.13 36.42
C GLY B 73 -1.12 7.48 36.59
N THR B 74 -1.40 8.74 36.95
CA THR B 74 -2.76 9.21 37.13
C THR B 74 -3.17 10.26 36.11
N ASP B 75 -2.31 10.63 35.15
CA ASP B 75 -2.59 11.77 34.27
C ASP B 75 -2.41 11.36 32.82
N PHE B 76 -3.49 11.47 32.03
CA PHE B 76 -3.53 11.03 30.64
C PHE B 76 -4.17 12.08 29.76
N THR B 77 -3.76 12.09 28.48
CA THR B 77 -4.22 13.11 27.55
C THR B 77 -4.45 12.51 26.16
N LEU B 78 -5.60 12.81 25.58
CA LEU B 78 -5.89 12.53 24.18
C LEU B 78 -5.72 13.84 23.43
N LYS B 79 -4.96 13.81 22.33
CA LYS B 79 -4.78 14.99 21.49
C LYS B 79 -5.22 14.69 20.07
N ILE B 80 -5.88 15.67 19.46
CA ILE B 80 -6.16 15.67 18.03
C ILE B 80 -5.33 16.80 17.44
N SER B 81 -4.40 16.46 16.56
CA SER B 81 -3.48 17.48 16.03
C SER B 81 -4.23 18.57 15.28
N ARG B 82 -5.13 18.19 14.39
CA ARG B 82 -5.99 19.12 13.67
C ARG B 82 -7.37 18.49 13.52
N VAL B 83 -8.38 19.15 14.08
CA VAL B 83 -9.74 18.62 14.11
C VAL B 83 -10.31 18.66 12.70
N GLU B 84 -10.95 17.55 12.29
CA GLU B 84 -11.74 17.50 11.07
C GLU B 84 -13.21 17.42 11.44
N ALA B 85 -14.05 17.67 10.43
CA ALA B 85 -15.49 17.80 10.65
C ALA B 85 -16.08 16.54 11.26
N GLU B 86 -15.59 15.37 10.85
CA GLU B 86 -16.13 14.09 11.29
C GLU B 86 -15.70 13.71 12.71
N ASP B 87 -14.87 14.51 13.37
CA ASP B 87 -14.38 14.16 14.69
C ASP B 87 -15.39 14.43 15.80
N LEU B 88 -16.51 15.07 15.48
CA LEU B 88 -17.48 15.41 16.50
C LEU B 88 -18.14 14.17 17.07
N GLY B 89 -18.48 14.24 18.32
CA GLY B 89 -19.03 13.12 19.06
C GLY B 89 -18.56 13.18 20.49
N VAL B 90 -18.66 12.06 21.20
CA VAL B 90 -18.28 11.98 22.60
C VAL B 90 -17.09 11.04 22.73
N TYR B 91 -16.07 11.49 23.46
CA TYR B 91 -14.87 10.76 23.77
C TYR B 91 -14.88 10.39 25.25
N TYR B 92 -14.49 9.15 25.56
CA TYR B 92 -14.43 8.63 26.91
C TYR B 92 -13.05 8.04 27.20
N CYS B 93 -12.55 8.26 28.41
CA CYS B 93 -11.42 7.46 28.90
C CYS B 93 -11.98 6.27 29.68
N LEU B 94 -11.16 5.23 29.77
CA LEU B 94 -11.58 3.95 30.33
C LEU B 94 -10.35 3.29 30.94
N GLN B 95 -10.39 3.02 32.25
CA GLN B 95 -9.31 2.29 32.88
C GLN B 95 -9.70 0.83 33.11
N SER B 96 -8.76 -0.06 32.83
CA SER B 96 -8.92 -1.50 33.03
C SER B 96 -7.84 -2.10 33.92
N THR B 97 -7.11 -1.28 34.66
CA THR B 97 -6.08 -1.81 35.53
C THR B 97 -6.68 -2.42 36.77
N HIS B 98 -7.73 -1.79 37.27
CA HIS B 98 -8.38 -2.14 38.53
C HIS B 98 -9.82 -2.52 38.26
N PHE B 99 -10.31 -3.54 38.98
CA PHE B 99 -11.73 -3.82 38.94
C PHE B 99 -12.44 -3.11 40.08
N PRO B 100 -13.63 -2.54 39.83
CA PRO B 100 -14.33 -2.50 38.55
C PRO B 100 -13.68 -1.58 37.55
N TYR B 101 -13.72 -2.00 36.29
CA TYR B 101 -13.43 -1.07 35.22
C TYR B 101 -14.29 0.18 35.31
N THR B 102 -13.70 1.33 35.02
CA THR B 102 -14.43 2.58 35.14
C THR B 102 -14.11 3.53 34.01
N PHE B 103 -15.08 4.38 33.72
CA PHE B 103 -15.08 5.29 32.58
C PHE B 103 -15.10 6.73 33.08
N GLY B 104 -14.43 7.61 32.34
CA GLY B 104 -14.67 9.05 32.50
C GLY B 104 -16.08 9.42 32.13
N GLY B 105 -16.49 10.64 32.54
CA GLY B 105 -17.84 11.09 32.23
C GLY B 105 -18.09 11.51 30.80
N GLY B 106 -17.06 11.59 29.98
CA GLY B 106 -17.18 11.89 28.57
C GLY B 106 -16.88 13.36 28.29
N THR B 107 -16.39 13.60 27.09
CA THR B 107 -16.19 14.93 26.54
C THR B 107 -16.91 14.98 25.21
N LYS B 108 -17.84 15.94 25.05
CA LYS B 108 -18.54 16.11 23.79
C LYS B 108 -17.77 17.13 22.95
N LEU B 109 -17.26 16.70 21.81
CA LEU B 109 -16.57 17.58 20.89
C LEU B 109 -17.60 18.14 19.91
N GLU B 110 -17.76 19.47 19.89
CA GLU B 110 -18.63 20.15 18.96
C GLU B 110 -17.79 21.00 18.01
N ILE B 111 -18.27 21.15 16.79
CA ILE B 111 -17.56 21.90 15.76
C ILE B 111 -18.11 23.33 15.73
N LYS B 112 -17.21 24.33 15.80
CA LYS B 112 -17.58 25.73 15.58
C LYS B 112 -17.47 26.02 14.09
N ARG B 113 -18.47 26.69 13.53
CA ARG B 113 -18.43 27.03 12.12
C ARG B 113 -19.12 28.36 11.96
N THR B 114 -19.21 28.82 10.71
CA THR B 114 -19.87 30.09 10.43
C THR B 114 -21.37 29.93 10.56
N VAL B 115 -22.04 31.07 10.73
CA VAL B 115 -23.48 31.07 10.83
C VAL B 115 -24.09 30.60 9.53
N ALA B 116 -25.18 29.84 9.63
CA ALA B 116 -25.88 29.34 8.46
C ALA B 116 -27.37 29.45 8.76
N ALA B 117 -28.11 30.19 7.92
CA ALA B 117 -29.54 30.32 8.16
C ALA B 117 -30.26 29.02 7.80
N PRO B 118 -31.35 28.71 8.49
CA PRO B 118 -32.16 27.55 8.11
C PRO B 118 -32.93 27.80 6.84
N SER B 119 -33.13 26.72 6.08
CA SER B 119 -34.17 26.66 5.06
C SER B 119 -35.43 26.13 5.73
N VAL B 120 -36.54 26.81 5.54
CA VAL B 120 -37.76 26.55 6.30
C VAL B 120 -38.82 25.98 5.38
N PHE B 121 -39.52 24.96 5.87
CA PHE B 121 -40.57 24.28 5.14
C PHE B 121 -41.74 24.00 6.09
N ILE B 122 -42.98 24.11 5.59
CA ILE B 122 -44.15 23.81 6.41
C ILE B 122 -44.97 22.74 5.69
N PHE B 123 -45.54 21.82 6.46
CA PHE B 123 -46.26 20.67 5.94
C PHE B 123 -47.63 20.60 6.60
N PRO B 124 -48.72 20.61 5.84
CA PRO B 124 -50.03 20.42 6.44
C PRO B 124 -50.25 18.98 6.87
N PRO B 125 -51.21 18.74 7.75
CA PRO B 125 -51.59 17.36 8.06
C PRO B 125 -52.11 16.68 6.81
N SER B 126 -51.81 15.38 6.70
CA SER B 126 -52.32 14.57 5.62
C SER B 126 -53.82 14.32 5.81
N ASP B 127 -54.51 14.04 4.70
CA ASP B 127 -55.91 13.67 4.80
C ASP B 127 -56.08 12.38 5.59
N GLU B 128 -55.17 11.43 5.42
CA GLU B 128 -55.20 10.17 6.17
C GLU B 128 -55.24 10.42 7.67
N GLN B 129 -54.32 11.24 8.17
CA GLN B 129 -54.35 11.54 9.60
C GLN B 129 -55.64 12.24 10.00
N LEU B 130 -56.16 13.11 9.13
CA LEU B 130 -57.33 13.90 9.51
C LEU B 130 -58.52 12.99 9.80
N LYS B 131 -58.71 11.96 8.98
CA LYS B 131 -59.79 11.00 9.20
C LYS B 131 -59.76 10.47 10.62
N SER B 132 -58.56 10.29 11.18
CA SER B 132 -58.38 9.74 12.51
C SER B 132 -58.80 10.69 13.63
N GLY B 133 -59.01 11.97 13.35
CA GLY B 133 -59.43 12.91 14.36
C GLY B 133 -58.35 13.82 14.92
N THR B 134 -57.12 13.76 14.41
CA THR B 134 -56.04 14.60 14.90
C THR B 134 -55.34 15.22 13.71
N ALA B 135 -54.75 16.38 13.95
CA ALA B 135 -54.02 17.11 12.91
C ALA B 135 -52.64 17.45 13.45
N SER B 136 -51.61 17.02 12.74
CA SER B 136 -50.22 17.39 13.03
C SER B 136 -49.76 18.31 11.91
N VAL B 137 -49.31 19.51 12.28
CA VAL B 137 -48.69 20.45 11.35
C VAL B 137 -47.21 20.51 11.67
N VAL B 138 -46.36 20.35 10.65
CA VAL B 138 -44.92 20.23 10.90
C VAL B 138 -44.20 21.39 10.22
N CYS B 139 -43.24 21.95 10.96
CA CYS B 139 -42.34 22.99 10.47
C CYS B 139 -40.91 22.45 10.53
N LEU B 140 -40.21 22.45 9.39
CA LEU B 140 -38.84 21.97 9.32
C LEU B 140 -37.88 23.14 9.18
N LEU B 141 -36.87 23.20 10.04
CA LEU B 141 -35.76 24.15 9.88
C LEU B 141 -34.53 23.33 9.47
N ASN B 142 -34.04 23.51 8.25
CA ASN B 142 -33.03 22.58 7.75
C ASN B 142 -31.66 23.24 7.66
N ASN B 143 -30.67 22.57 8.25
CA ASN B 143 -29.25 22.77 8.00
C ASN B 143 -28.80 24.18 8.40
N PHE B 144 -28.87 24.45 9.70
CA PHE B 144 -28.55 25.77 10.22
C PHE B 144 -27.50 25.69 11.32
N TYR B 145 -26.92 26.83 11.65
CA TYR B 145 -25.89 26.97 12.69
C TYR B 145 -25.92 28.42 13.15
N PRO B 146 -25.89 28.70 14.46
CA PRO B 146 -25.81 27.75 15.57
C PRO B 146 -27.15 27.08 15.89
N ARG B 147 -27.13 26.25 16.94
CA ARG B 147 -28.28 25.42 17.29
C ARG B 147 -29.49 26.21 17.77
N GLU B 148 -29.28 27.38 18.38
CA GLU B 148 -30.39 28.15 18.93
C GLU B 148 -31.28 28.72 17.83
N ALA B 149 -32.58 28.54 17.99
CA ALA B 149 -33.57 29.01 17.04
C ALA B 149 -34.89 29.14 17.75
N LYS B 150 -35.67 30.13 17.34
CA LYS B 150 -37.02 30.36 17.85
C LYS B 150 -38.04 30.01 16.76
N VAL B 151 -38.97 29.13 17.09
CA VAL B 151 -40.09 28.82 16.21
C VAL B 151 -41.37 29.24 16.91
N GLN B 152 -42.18 30.04 16.21
CA GLN B 152 -43.45 30.52 16.72
C GLN B 152 -44.56 30.10 15.77
N TRP B 153 -45.55 29.37 16.29
CA TRP B 153 -46.71 29.00 15.48
C TRP B 153 -47.81 30.06 15.60
N LYS B 154 -48.49 30.31 14.49
CA LYS B 154 -49.61 31.24 14.43
C LYS B 154 -50.73 30.56 13.66
N VAL B 155 -51.95 30.61 14.19
CA VAL B 155 -53.14 30.10 13.53
C VAL B 155 -54.12 31.28 13.38
N ASP B 156 -54.53 31.56 12.15
CA ASP B 156 -55.32 32.75 11.86
C ASP B 156 -54.73 33.96 12.58
N ASN B 157 -53.41 34.05 12.57
CA ASN B 157 -52.62 35.16 13.08
C ASN B 157 -52.53 35.18 14.60
N ALA B 158 -53.17 34.24 15.31
CA ALA B 158 -53.06 34.19 16.76
C ALA B 158 -51.88 33.31 17.19
N LEU B 159 -51.09 33.81 18.13
CA LEU B 159 -49.89 33.09 18.56
C LEU B 159 -50.26 31.89 19.41
N GLN B 160 -49.69 30.74 19.06
CA GLN B 160 -49.96 29.51 19.79
C GLN B 160 -48.99 29.36 20.96
N SER B 161 -49.47 28.69 22.00
CA SER B 161 -48.64 28.27 23.11
C SER B 161 -49.17 26.95 23.66
N GLY B 162 -48.19 26.10 24.03
CA GLY B 162 -48.26 24.80 24.71
C GLY B 162 -48.86 23.68 23.91
N ASN B 163 -48.97 23.82 22.59
CA ASN B 163 -49.51 22.76 21.73
C ASN B 163 -48.51 22.34 20.65
N SER B 164 -47.23 22.60 20.87
CA SER B 164 -46.17 22.18 19.97
C SER B 164 -45.02 21.53 20.73
N GLN B 165 -44.28 20.69 20.03
CA GLN B 165 -43.07 20.08 20.55
C GLN B 165 -41.99 20.16 19.48
N GLU B 166 -40.74 20.35 19.91
CA GLU B 166 -39.62 20.43 19.00
C GLU B 166 -38.65 19.27 19.20
N SER B 167 -37.92 18.96 18.13
CA SER B 167 -36.84 17.99 18.15
C SER B 167 -35.69 18.54 17.30
N VAL B 168 -34.45 18.34 17.74
CA VAL B 168 -33.27 18.80 17.04
C VAL B 168 -32.35 17.64 16.75
N THR B 169 -31.80 17.60 15.53
CA THR B 169 -30.82 16.59 15.15
C THR B 169 -29.49 16.85 15.86
N GLU B 170 -28.68 15.81 15.92
CA GLU B 170 -27.29 16.01 16.29
C GLU B 170 -26.56 16.75 15.18
N GLN B 171 -25.46 17.40 15.56
CA GLN B 171 -24.63 18.11 14.60
C GLN B 171 -24.15 17.18 13.49
N ASP B 172 -24.24 17.67 12.26
CA ASP B 172 -23.93 16.85 11.10
C ASP B 172 -22.42 16.67 10.93
N SER B 173 -22.02 15.45 10.56
CA SER B 173 -20.60 15.12 10.54
C SER B 173 -19.88 15.65 9.31
N LYS B 174 -20.60 16.20 8.34
CA LYS B 174 -19.96 16.74 7.13
C LYS B 174 -20.02 18.25 7.08
N ASP B 175 -21.17 18.84 7.40
CA ASP B 175 -21.37 20.27 7.26
C ASP B 175 -21.53 20.98 8.60
N SER B 176 -21.55 20.26 9.72
CA SER B 176 -21.51 20.82 11.07
C SER B 176 -22.75 21.64 11.40
N THR B 177 -23.87 21.36 10.73
CA THR B 177 -25.13 22.05 10.95
C THR B 177 -26.10 21.18 11.77
N TYR B 178 -27.22 21.81 12.11
CA TYR B 178 -28.34 21.20 12.82
C TYR B 178 -29.58 21.33 11.97
N SER B 179 -30.56 20.48 12.23
CA SER B 179 -31.90 20.67 11.72
C SER B 179 -32.88 20.50 12.88
N LEU B 180 -34.07 21.08 12.71
CA LEU B 180 -35.05 21.11 13.78
C LEU B 180 -36.43 20.90 13.20
N SER B 181 -37.26 20.13 13.92
CA SER B 181 -38.66 19.93 13.57
C SER B 181 -39.51 20.49 14.70
N SER B 182 -40.58 21.18 14.35
CA SER B 182 -41.55 21.64 15.33
C SER B 182 -42.91 21.14 14.86
N THR B 183 -43.65 20.52 15.77
CA THR B 183 -44.91 19.87 15.44
C THR B 183 -45.99 20.47 16.30
N LEU B 184 -46.98 21.09 15.63
CA LEU B 184 -48.20 21.59 16.23
C LEU B 184 -49.31 20.55 16.11
N THR B 185 -49.90 20.20 17.24
CA THR B 185 -50.92 19.14 17.29
C THR B 185 -52.25 19.75 17.68
N LEU B 186 -53.26 19.54 16.84
CA LEU B 186 -54.61 20.03 17.03
C LEU B 186 -55.60 18.88 16.88
N SER B 187 -56.76 19.02 17.50
CA SER B 187 -57.85 18.14 17.12
C SER B 187 -58.26 18.43 15.67
N LYS B 188 -58.87 17.45 15.03
CA LYS B 188 -59.45 17.70 13.72
C LYS B 188 -60.46 18.84 13.81
N ALA B 189 -61.19 18.90 14.91
CA ALA B 189 -62.20 19.94 15.06
C ALA B 189 -61.57 21.32 15.02
N ASP B 190 -60.56 21.55 15.87
CA ASP B 190 -59.91 22.85 15.89
C ASP B 190 -59.23 23.16 14.57
N TYR B 191 -58.60 22.17 13.95
CA TYR B 191 -57.88 22.45 12.71
C TYR B 191 -58.82 23.00 11.64
N GLU B 192 -60.01 22.42 11.52
CA GLU B 192 -60.95 22.86 10.50
C GLU B 192 -61.57 24.21 10.83
N LYS B 193 -61.56 24.63 12.11
CA LYS B 193 -62.08 25.93 12.51
C LYS B 193 -61.28 27.10 11.95
N HIS B 194 -60.02 26.88 11.57
CA HIS B 194 -59.12 27.97 11.23
C HIS B 194 -58.59 27.77 9.82
N LYS B 195 -58.06 28.83 9.24
CA LYS B 195 -57.66 28.83 7.83
C LYS B 195 -56.16 28.94 7.61
N VAL B 196 -55.51 29.88 8.26
CA VAL B 196 -54.12 30.24 7.97
C VAL B 196 -53.23 29.62 9.04
N TYR B 197 -52.30 28.77 8.59
CA TYR B 197 -51.35 28.10 9.47
C TYR B 197 -49.95 28.55 9.09
N ALA B 198 -49.21 29.05 10.07
CA ALA B 198 -47.92 29.66 9.81
C ALA B 198 -46.91 29.34 10.91
N CYS B 199 -45.65 29.10 10.51
CA CYS B 199 -44.56 29.05 11.47
C CYS B 199 -43.59 30.18 11.16
N GLU B 200 -43.20 30.90 12.19
CA GLU B 200 -42.30 32.05 12.09
C GLU B 200 -40.99 31.71 12.77
N VAL B 201 -39.90 31.81 12.03
CA VAL B 201 -38.59 31.35 12.47
C VAL B 201 -37.68 32.57 12.67
N THR B 202 -37.08 32.64 13.86
CA THR B 202 -36.06 33.62 14.19
C THR B 202 -34.73 32.92 14.43
N HIS B 203 -33.66 33.42 13.81
CA HIS B 203 -32.37 32.78 13.90
C HIS B 203 -31.28 33.79 13.55
N GLN B 204 -30.12 33.63 14.19
CA GLN B 204 -28.98 34.53 13.98
C GLN B 204 -28.60 34.67 12.51
N GLY B 205 -28.86 33.68 11.69
CA GLY B 205 -28.51 33.78 10.29
C GLY B 205 -29.53 34.43 9.39
N LEU B 206 -30.68 34.84 9.94
CA LEU B 206 -31.75 35.49 9.21
C LEU B 206 -31.74 36.97 9.56
N SER B 207 -31.82 37.84 8.54
CA SER B 207 -31.82 39.27 8.84
C SER B 207 -33.15 39.70 9.43
N SER B 208 -34.22 39.01 9.10
CA SER B 208 -35.52 39.20 9.74
C SER B 208 -36.18 37.84 9.82
N PRO B 209 -37.15 37.67 10.73
CA PRO B 209 -37.79 36.36 10.84
C PRO B 209 -38.45 35.95 9.54
N VAL B 210 -38.44 34.65 9.29
CA VAL B 210 -39.02 34.06 8.08
C VAL B 210 -40.30 33.36 8.50
N THR B 211 -41.36 33.54 7.70
CA THR B 211 -42.61 32.84 7.92
C THR B 211 -42.93 31.95 6.73
N LYS B 212 -43.26 30.70 7.01
CA LYS B 212 -43.83 29.81 6.02
C LYS B 212 -45.26 29.52 6.46
N SER B 213 -46.17 29.42 5.49
CA SER B 213 -47.57 29.34 5.85
C SER B 213 -48.33 28.68 4.72
N PHE B 214 -49.51 28.17 5.06
CA PHE B 214 -50.45 27.64 4.08
C PHE B 214 -51.85 27.95 4.55
N ASN B 215 -52.79 27.87 3.60
CA ASN B 215 -54.22 27.98 3.87
C ASN B 215 -54.84 26.60 3.81
N ARG B 216 -55.55 26.22 4.87
CA ARG B 216 -56.17 24.91 4.91
C ARG B 216 -57.03 24.72 3.65
N GLY B 217 -56.76 23.63 2.92
CA GLY B 217 -57.24 23.48 1.56
C GLY B 217 -56.16 23.83 0.54
N GLY C 7 3.94 -24.01 36.41
CA GLY C 7 4.63 -24.99 35.55
C GLY C 7 4.66 -24.49 34.12
N ALA C 8 4.80 -25.39 33.16
CA ALA C 8 4.95 -24.98 31.75
C ALA C 8 3.66 -24.32 31.22
N GLY C 9 2.53 -24.47 31.92
CA GLY C 9 1.26 -23.81 31.54
C GLY C 9 0.74 -24.30 30.20
N LEU C 10 1.00 -25.55 29.85
CA LEU C 10 0.60 -26.11 28.54
C LEU C 10 -0.92 -26.32 28.52
N ALA C 11 -1.48 -26.93 29.57
CA ALA C 11 -2.92 -27.09 29.60
C ALA C 11 -3.62 -25.74 29.71
N ASP C 12 -3.06 -24.82 30.50
CA ASP C 12 -3.59 -23.45 30.56
C ASP C 12 -3.69 -22.84 29.16
N ALA C 13 -2.60 -22.92 28.39
CA ALA C 13 -2.58 -22.38 27.03
C ALA C 13 -3.68 -23.00 26.16
N LEU C 14 -4.02 -24.27 26.39
CA LEU C 14 -5.02 -24.92 25.55
C LEU C 14 -6.44 -24.65 26.02
N THR C 15 -6.62 -23.96 27.15
CA THR C 15 -7.93 -23.80 27.75
C THR C 15 -8.34 -22.35 27.99
N ALA C 16 -7.44 -21.48 28.22
CA ALA C 16 -7.78 -20.17 28.74
C ALA C 16 -7.91 -19.14 27.63
N PRO C 17 -8.76 -18.13 27.81
CA PRO C 17 -8.77 -17.00 26.89
C PRO C 17 -7.52 -16.16 27.01
N LEU C 18 -7.27 -15.42 25.94
CA LEU C 18 -6.15 -14.50 25.94
C LEU C 18 -6.32 -13.51 27.08
N ASP C 19 -5.22 -13.08 27.66
CA ASP C 19 -5.26 -12.15 28.78
C ASP C 19 -4.01 -11.29 28.67
N HIS C 20 -4.18 -10.01 28.40
CA HIS C 20 -3.02 -9.16 28.24
C HIS C 20 -2.25 -8.98 29.54
N LYS C 21 -2.87 -9.24 30.69
CA LYS C 21 -2.14 -9.13 31.93
C LYS C 21 -1.20 -10.32 32.13
N ASP C 22 -1.33 -11.37 31.33
CA ASP C 22 -0.32 -12.45 31.37
C ASP C 22 0.99 -11.96 30.76
N LYS C 23 2.06 -12.65 31.06
CA LYS C 23 3.40 -12.29 30.53
C LYS C 23 3.38 -12.34 29.01
N GLY C 24 3.82 -11.27 28.36
CA GLY C 24 3.91 -11.25 26.90
C GLY C 24 5.05 -12.13 26.42
N LEU C 25 5.02 -12.56 25.16
CA LEU C 25 3.99 -12.28 24.12
C LEU C 25 2.74 -13.08 24.46
N GLN C 26 1.57 -12.45 24.47
CA GLN C 26 0.38 -13.11 24.97
C GLN C 26 -0.38 -13.91 23.93
N SER C 27 -0.21 -13.60 22.64
CA SER C 27 -0.95 -14.26 21.56
CA SER C 27 -0.93 -14.30 21.57
C SER C 27 -0.06 -14.37 20.33
N LEU C 28 -0.24 -15.47 19.59
CA LEU C 28 0.41 -15.65 18.28
C LEU C 28 -0.67 -16.14 17.31
N THR C 29 -0.84 -15.44 16.18
CA THR C 29 -1.82 -15.85 15.16
C THR C 29 -1.24 -16.98 14.31
N LEU C 30 -1.97 -18.10 14.25
CA LEU C 30 -1.54 -19.29 13.52
C LEU C 30 -1.98 -19.15 12.08
N ASP C 31 -1.08 -18.72 11.22
CA ASP C 31 -1.38 -18.60 9.79
C ASP C 31 -0.63 -19.64 8.97
N GLN C 32 0.71 -19.63 9.01
CA GLN C 32 1.50 -20.66 8.37
C GLN C 32 1.33 -22.02 9.03
N SER C 33 1.00 -22.04 10.32
CA SER C 33 0.99 -23.28 11.06
C SER C 33 -0.23 -24.13 10.76
N VAL C 34 -1.31 -23.52 10.29
CA VAL C 34 -2.56 -24.28 9.99
C VAL C 34 -3.02 -23.80 8.63
N ARG C 35 -2.96 -24.64 7.63
CA ARG C 35 -3.36 -24.24 6.26
C ARG C 35 -4.88 -24.19 6.17
N LYS C 36 -5.38 -23.33 5.29
CA LYS C 36 -6.83 -23.34 4.96
C LYS C 36 -7.18 -24.78 4.58
N ASN C 37 -8.38 -25.24 4.89
CA ASN C 37 -8.91 -26.59 4.57
C ASN C 37 -8.40 -27.63 5.57
N GLU C 38 -7.63 -27.21 6.56
CA GLU C 38 -7.04 -28.13 7.53
C GLU C 38 -7.30 -27.69 8.95
N LYS C 39 -7.10 -28.62 9.86
CA LYS C 39 -7.24 -28.35 11.30
C LYS C 39 -5.97 -28.84 11.98
N LEU C 40 -5.55 -28.18 13.02
CA LEU C 40 -4.42 -28.57 13.83
C LEU C 40 -4.91 -28.83 15.25
N LYS C 41 -4.73 -30.06 15.73
CA LYS C 41 -5.11 -30.41 17.09
C LYS C 41 -3.84 -30.55 17.91
N LEU C 42 -3.75 -29.75 18.98
CA LEU C 42 -2.65 -29.79 19.94
C LEU C 42 -3.11 -30.45 21.22
N ALA C 43 -2.21 -31.20 21.86
CA ALA C 43 -2.55 -31.84 23.12
C ALA C 43 -1.35 -31.85 24.06
N ALA C 44 -1.60 -31.58 25.32
CA ALA C 44 -0.57 -31.62 26.35
C ALA C 44 -1.25 -31.60 27.70
N GLN C 45 -0.63 -32.28 28.67
CA GLN C 45 -1.02 -32.21 30.08
C GLN C 45 -2.52 -32.48 30.26
N GLY C 46 -3.04 -33.43 29.50
CA GLY C 46 -4.43 -33.81 29.62
C GLY C 46 -5.44 -32.89 28.97
N ALA C 47 -4.99 -31.89 28.25
CA ALA C 47 -5.88 -30.96 27.58
C ALA C 47 -5.64 -31.08 26.09
N GLU C 48 -6.60 -30.60 25.31
CA GLU C 48 -6.49 -30.55 23.86
C GLU C 48 -7.28 -29.37 23.32
N LYS C 49 -6.84 -28.87 22.16
CA LYS C 49 -7.56 -27.80 21.48
C LYS C 49 -7.30 -27.95 19.99
N THR C 50 -8.33 -27.68 19.19
CA THR C 50 -8.23 -27.73 17.73
C THR C 50 -8.29 -26.32 17.14
N TYR C 51 -7.34 -26.03 16.23
CA TYR C 51 -7.18 -24.72 15.65
C TYR C 51 -7.39 -24.76 14.14
N GLY C 52 -7.94 -23.67 13.62
CA GLY C 52 -8.01 -23.42 12.20
C GLY C 52 -7.12 -22.24 11.83
N ASN C 53 -6.99 -22.06 10.52
CA ASN C 53 -6.20 -20.96 10.01
C ASN C 53 -6.71 -19.62 10.53
N GLY C 54 -5.79 -18.82 11.06
CA GLY C 54 -6.07 -17.50 11.58
C GLY C 54 -6.42 -17.48 13.04
N ASP C 55 -6.49 -18.63 13.69
CA ASP C 55 -6.84 -18.67 15.10
C ASP C 55 -5.62 -18.28 15.95
N SER C 56 -5.89 -17.78 17.17
CA SER C 56 -4.82 -17.41 18.08
C SER C 56 -4.35 -18.58 18.95
N LEU C 57 -3.04 -18.66 19.15
CA LEU C 57 -2.41 -19.51 20.13
C LEU C 57 -2.14 -18.67 21.38
N ASN C 58 -2.53 -19.19 22.56
CA ASN C 58 -2.35 -18.46 23.81
C ASN C 58 -0.96 -18.70 24.39
N THR C 59 0.00 -17.94 23.88
CA THR C 59 1.37 -18.03 24.35
C THR C 59 1.56 -17.33 25.69
N GLY C 60 0.59 -16.50 26.11
CA GLY C 60 0.72 -15.82 27.39
C GLY C 60 0.83 -16.78 28.56
N LYS C 61 0.25 -17.97 28.42
CA LYS C 61 0.34 -18.95 29.51
C LYS C 61 1.65 -19.71 29.53
N LEU C 62 2.47 -19.62 28.48
CA LEU C 62 3.69 -20.41 28.36
C LEU C 62 4.88 -19.68 28.96
N LYS C 63 5.96 -20.44 29.21
CA LYS C 63 7.17 -19.87 29.80
C LYS C 63 8.01 -19.17 28.72
N ASN C 64 8.59 -18.04 29.09
CA ASN C 64 9.46 -17.28 28.20
C ASN C 64 10.82 -17.95 28.08
N ASP C 65 11.47 -17.75 26.92
CA ASP C 65 12.87 -18.16 26.67
C ASP C 65 13.06 -19.66 26.71
N LYS C 66 12.01 -20.39 26.43
CA LYS C 66 12.05 -21.87 26.43
C LYS C 66 11.22 -22.40 25.28
N VAL C 67 11.47 -23.64 24.88
CA VAL C 67 10.64 -24.32 23.87
C VAL C 67 9.52 -25.05 24.62
N SER C 68 8.27 -24.71 24.38
CA SER C 68 7.12 -25.46 24.85
C SER C 68 6.72 -26.49 23.80
N ARG C 69 6.38 -27.70 24.24
CA ARG C 69 6.16 -28.84 23.35
C ARG C 69 4.77 -29.42 23.54
N PHE C 70 4.05 -29.58 22.43
CA PHE C 70 2.76 -30.22 22.38
C PHE C 70 2.80 -31.40 21.41
N ASP C 71 1.95 -32.38 21.64
CA ASP C 71 1.64 -33.33 20.59
C ASP C 71 0.73 -32.66 19.57
N PHE C 72 0.95 -32.93 18.27
CA PHE C 72 0.03 -32.44 17.26
C PHE C 72 -0.44 -33.54 16.31
N ILE C 73 -1.66 -33.31 15.82
CA ILE C 73 -2.29 -34.02 14.72
C ILE C 73 -2.75 -32.97 13.72
N ARG C 74 -2.43 -33.18 12.45
CA ARG C 74 -2.97 -32.38 11.37
C ARG C 74 -4.08 -33.18 10.71
N GLN C 75 -5.27 -32.58 10.57
CA GLN C 75 -6.45 -33.27 10.06
C GLN C 75 -7.17 -32.48 9.01
N ILE C 76 -7.95 -33.19 8.18
CA ILE C 76 -8.93 -32.59 7.28
C ILE C 76 -10.27 -33.27 7.51
N GLU C 77 -11.34 -32.52 7.27
CA GLU C 77 -12.70 -33.02 7.40
C GLU C 77 -13.19 -33.37 6.00
N VAL C 78 -13.51 -34.64 5.79
CA VAL C 78 -13.95 -35.15 4.50
C VAL C 78 -15.33 -35.74 4.67
N ASP C 79 -16.36 -35.03 4.20
CA ASP C 79 -17.72 -35.53 4.20
C ASP C 79 -18.12 -36.00 5.60
N GLY C 80 -17.78 -35.19 6.59
CA GLY C 80 -18.21 -35.44 7.95
C GLY C 80 -17.25 -36.23 8.80
N GLN C 81 -16.18 -36.76 8.24
CA GLN C 81 -15.23 -37.65 8.92
C GLN C 81 -13.88 -36.96 8.98
N LEU C 82 -13.20 -37.11 10.12
CA LEU C 82 -11.89 -36.51 10.37
C LEU C 82 -10.79 -37.49 9.95
N ILE C 83 -9.89 -37.01 9.07
CA ILE C 83 -8.82 -37.77 8.48
C ILE C 83 -7.48 -37.21 8.98
N THR C 84 -6.65 -38.07 9.55
CA THR C 84 -5.35 -37.65 10.06
C THR C 84 -4.30 -37.72 8.96
N LEU C 85 -3.64 -36.58 8.68
CA LEU C 85 -2.63 -36.51 7.65
C LEU C 85 -1.20 -36.61 8.18
N GLU C 86 -0.96 -36.18 9.41
CA GLU C 86 0.40 -36.03 9.91
C GLU C 86 0.32 -35.94 11.42
N SER C 87 1.36 -36.43 12.10
CA SER C 87 1.48 -36.24 13.52
C SER C 87 2.93 -36.06 13.91
N GLY C 88 3.11 -35.53 15.11
CA GLY C 88 4.43 -35.22 15.65
C GLY C 88 4.35 -34.29 16.85
N GLU C 89 5.43 -33.52 17.02
CA GLU C 89 5.60 -32.57 18.11
C GLU C 89 5.53 -31.16 17.53
N PHE C 90 4.73 -30.31 18.19
CA PHE C 90 4.60 -28.89 17.89
C PHE C 90 5.38 -28.13 18.94
N GLN C 91 6.28 -27.27 18.51
CA GLN C 91 7.21 -26.55 19.36
C GLN C 91 6.90 -25.06 19.28
N VAL C 92 6.93 -24.38 20.42
CA VAL C 92 6.67 -22.95 20.52
C VAL C 92 7.82 -22.35 21.30
N TYR C 93 8.46 -21.33 20.75
CA TYR C 93 9.46 -20.56 21.47
C TYR C 93 8.93 -19.14 21.70
N LYS C 94 8.83 -18.76 22.97
CA LYS C 94 8.22 -17.50 23.39
C LYS C 94 9.23 -16.50 23.92
N GLN C 95 9.23 -15.31 23.37
CA GLN C 95 9.92 -14.15 23.93
C GLN C 95 8.85 -13.14 24.35
N SER C 96 9.27 -11.95 24.71
CA SER C 96 8.32 -10.98 25.24
C SER C 96 7.58 -10.17 24.20
N HIS C 97 8.12 -10.06 22.98
CA HIS C 97 7.50 -9.26 21.94
C HIS C 97 7.39 -10.06 20.66
N SER C 98 7.74 -11.34 20.73
CA SER C 98 7.89 -12.20 19.56
C SER C 98 7.78 -13.64 20.01
N ALA C 99 7.39 -14.51 19.07
CA ALA C 99 7.34 -15.95 19.31
C ALA C 99 7.36 -16.67 17.98
N LEU C 100 7.69 -17.96 18.02
CA LEU C 100 7.67 -18.70 16.78
C LEU C 100 7.27 -20.14 17.06
N THR C 101 6.76 -20.80 16.02
CA THR C 101 6.38 -22.19 16.10
C THR C 101 7.17 -23.03 15.11
N ALA C 102 7.15 -24.33 15.39
CA ALA C 102 7.86 -25.27 14.54
C ALA C 102 7.21 -26.63 14.69
N PHE C 103 7.37 -27.45 13.65
CA PHE C 103 6.83 -28.81 13.60
C PHE C 103 7.94 -29.82 13.40
N GLN C 104 7.99 -30.82 14.28
CA GLN C 104 8.77 -32.04 14.09
C GLN C 104 7.78 -33.13 13.71
N THR C 105 7.66 -33.37 12.42
CA THR C 105 6.87 -34.49 11.95
C THR C 105 7.49 -35.80 12.35
N GLU C 106 6.65 -36.74 12.76
CA GLU C 106 7.05 -38.12 13.05
C GLU C 106 6.32 -39.15 12.21
N GLN C 107 5.11 -38.85 11.77
CA GLN C 107 4.28 -39.78 11.00
C GLN C 107 3.48 -39.01 9.96
N ILE C 108 3.29 -39.66 8.80
CA ILE C 108 2.44 -39.15 7.72
C ILE C 108 1.59 -40.30 7.21
N GLN C 109 0.60 -39.95 6.38
CA GLN C 109 -0.21 -40.97 5.74
C GLN C 109 0.65 -41.92 4.92
N ASP C 110 0.37 -43.21 5.02
CA ASP C 110 0.98 -44.25 4.17
C ASP C 110 0.23 -44.27 2.84
N SER C 111 0.85 -43.70 1.82
CA SER C 111 0.32 -43.81 0.47
C SER C 111 0.26 -45.28 0.05
N GLY C 115 -5.00 -45.58 4.23
CA GLY C 115 -5.63 -45.56 5.54
C GLY C 115 -4.71 -45.83 6.73
N LYS C 116 -3.41 -46.04 6.46
CA LYS C 116 -2.39 -46.29 7.46
C LYS C 116 -1.40 -45.12 7.54
N MET C 117 -0.63 -45.08 8.62
CA MET C 117 0.48 -44.13 8.79
C MET C 117 1.83 -44.80 8.59
N VAL C 118 2.81 -44.00 8.20
CA VAL C 118 4.20 -44.43 8.09
C VAL C 118 5.09 -43.40 8.77
N ALA C 119 6.18 -43.88 9.35
CA ALA C 119 7.15 -43.00 9.97
C ALA C 119 7.86 -42.15 8.93
N LYS C 120 7.99 -40.85 9.24
CA LYS C 120 8.66 -39.88 8.38
C LYS C 120 9.05 -38.70 9.25
N ARG C 121 10.30 -38.29 9.18
CA ARG C 121 10.79 -37.20 10.02
C ARG C 121 11.14 -35.99 9.16
N GLN C 122 10.71 -34.83 9.61
CA GLN C 122 10.91 -33.59 8.89
C GLN C 122 10.71 -32.49 9.92
N PHE C 123 11.46 -31.41 9.77
CA PHE C 123 11.37 -30.28 10.70
C PHE C 123 11.19 -29.01 9.90
N ARG C 124 10.15 -28.22 10.26
CA ARG C 124 9.89 -26.98 9.55
C ARG C 124 9.48 -25.92 10.55
N ILE C 125 9.71 -24.67 10.19
CA ILE C 125 9.24 -23.52 10.96
C ILE C 125 7.82 -23.20 10.53
N GLY C 126 6.99 -22.81 11.48
CA GLY C 126 5.62 -22.42 11.21
C GLY C 126 5.49 -20.92 11.12
N ASP C 127 4.95 -20.29 12.16
CA ASP C 127 4.74 -18.86 12.17
C ASP C 127 5.84 -18.18 12.98
N ILE C 128 6.21 -16.97 12.54
CA ILE C 128 7.05 -16.08 13.34
C ILE C 128 6.27 -14.77 13.44
N ALA C 129 5.93 -14.38 14.67
CA ALA C 129 5.13 -13.18 14.75
C ALA C 129 5.33 -12.46 16.07
N GLY C 130 4.65 -11.33 16.21
CA GLY C 130 4.77 -10.54 17.41
C GLY C 130 4.48 -9.08 17.13
N GLU C 131 4.98 -8.25 18.03
CA GLU C 131 4.87 -6.79 17.96
C GLU C 131 5.97 -6.25 17.05
N HIS C 132 5.70 -6.29 15.75
CA HIS C 132 6.72 -5.91 14.78
C HIS C 132 7.17 -4.48 15.00
N THR C 133 8.48 -4.25 14.97
CA THR C 133 9.02 -2.90 15.03
C THR C 133 8.88 -2.24 13.67
N SER C 134 8.33 -1.02 13.66
CA SER C 134 8.23 -0.27 12.41
C SER C 134 9.62 0.19 11.97
N PHE C 135 9.91 -0.01 10.68
CA PHE C 135 11.15 0.49 10.12
C PHE C 135 11.29 1.99 10.36
N ASP C 136 10.16 2.70 10.29
CA ASP C 136 10.14 4.16 10.44
C ASP C 136 10.19 4.63 11.88
N LYS C 137 10.25 3.71 12.85
CA LYS C 137 10.34 4.04 14.27
C LYS C 137 11.53 3.28 14.88
N LEU C 138 12.59 3.08 14.11
CA LEU C 138 13.76 2.44 14.67
C LEU C 138 14.61 3.44 15.46
N PRO C 139 15.40 2.95 16.41
CA PRO C 139 16.42 3.82 17.02
C PRO C 139 17.27 4.46 15.95
N GLU C 140 17.63 5.74 16.15
CA GLU C 140 18.40 6.43 15.13
C GLU C 140 19.88 6.05 15.14
N GLY C 141 20.38 5.57 16.26
CA GLY C 141 21.76 5.11 16.30
C GLY C 141 21.97 4.16 17.46
N GLY C 142 23.24 3.88 17.72
CA GLY C 142 23.60 2.90 18.72
C GLY C 142 23.75 1.51 18.12
N ARG C 143 24.23 0.60 18.96
CA ARG C 143 24.47 -0.79 18.60
C ARG C 143 23.82 -1.68 19.66
N ALA C 144 22.92 -2.56 19.21
CA ALA C 144 22.22 -3.48 20.09
C ALA C 144 22.78 -4.88 19.88
N THR C 145 22.98 -5.59 20.98
CA THR C 145 23.38 -6.98 20.99
C THR C 145 22.19 -7.79 21.47
N TYR C 146 21.83 -8.81 20.69
CA TYR C 146 20.79 -9.77 21.03
C TYR C 146 21.40 -11.13 21.33
N ARG C 147 20.90 -11.78 22.38
CA ARG C 147 21.30 -13.14 22.74
C ARG C 147 20.06 -14.01 22.85
N GLY C 148 20.16 -15.23 22.34
CA GLY C 148 19.03 -16.11 22.49
C GLY C 148 19.33 -17.49 21.95
N THR C 149 18.34 -18.06 21.28
CA THR C 149 18.31 -19.47 20.98
C THR C 149 18.22 -19.67 19.48
N ALA C 150 18.87 -20.73 19.02
CA ALA C 150 18.70 -21.28 17.68
C ALA C 150 18.30 -22.73 17.88
N PHE C 151 17.17 -23.14 17.29
CA PHE C 151 16.75 -24.51 17.46
C PHE C 151 16.39 -25.16 16.14
N GLY C 152 16.73 -26.44 16.05
CA GLY C 152 16.43 -27.23 14.87
C GLY C 152 15.95 -28.61 15.26
N SER C 153 15.83 -29.49 14.29
CA SER C 153 15.39 -30.85 14.60
C SER C 153 16.22 -31.49 15.72
N ASP C 154 15.51 -31.94 16.75
CA ASP C 154 16.10 -32.68 17.88
C ASP C 154 17.14 -31.85 18.62
N ASP C 155 17.09 -30.51 18.56
CA ASP C 155 18.15 -29.70 19.16
C ASP C 155 17.66 -28.28 19.46
N ALA C 156 17.35 -28.03 20.72
CA ALA C 156 16.97 -26.69 21.16
C ALA C 156 18.08 -26.03 21.96
N GLY C 157 19.30 -26.57 21.88
CA GLY C 157 20.46 -26.04 22.57
C GLY C 157 21.33 -25.08 21.80
N GLY C 158 20.96 -24.67 20.58
CA GLY C 158 21.75 -23.72 19.85
C GLY C 158 21.67 -22.33 20.48
N LYS C 159 22.77 -21.59 20.37
CA LYS C 159 22.85 -20.24 20.91
C LYS C 159 23.03 -19.27 19.75
N LEU C 160 22.20 -18.24 19.74
CA LEU C 160 22.24 -17.21 18.72
C LEU C 160 22.75 -15.93 19.34
N THR C 161 23.71 -15.30 18.68
CA THR C 161 24.15 -13.95 18.96
C THR C 161 23.97 -13.08 17.72
N TYR C 162 23.47 -11.87 17.89
CA TYR C 162 23.20 -11.01 16.77
C TYR C 162 23.42 -9.59 17.23
N THR C 163 23.99 -8.77 16.35
CA THR C 163 24.24 -7.36 16.62
C THR C 163 23.69 -6.51 15.50
N ILE C 164 23.03 -5.42 15.87
CA ILE C 164 22.48 -4.48 14.92
C ILE C 164 23.13 -3.13 15.18
N ASP C 165 23.58 -2.49 14.10
CA ASP C 165 24.06 -1.12 14.12
C ASP C 165 22.97 -0.24 13.52
N PHE C 166 22.28 0.50 14.38
CA PHE C 166 21.11 1.25 13.93
C PHE C 166 21.46 2.50 13.13
N ALA C 167 22.71 2.95 13.15
CA ALA C 167 23.11 4.03 12.25
C ALA C 167 23.36 3.50 10.84
N ALA C 168 24.16 2.44 10.73
CA ALA C 168 24.35 1.78 9.45
C ALA C 168 23.11 1.04 8.99
N LYS C 169 22.16 0.79 9.89
CA LYS C 169 21.00 -0.06 9.63
C LYS C 169 21.45 -1.37 9.01
N GLN C 170 22.28 -2.08 9.76
CA GLN C 170 22.85 -3.34 9.30
C GLN C 170 23.08 -4.23 10.52
N GLY C 171 22.99 -5.53 10.30
CA GLY C 171 23.19 -6.49 11.37
C GLY C 171 23.95 -7.70 10.89
N ASN C 172 24.45 -8.47 11.85
CA ASN C 172 25.16 -9.72 11.59
C ASN C 172 25.24 -10.51 12.88
N GLY C 173 25.45 -11.81 12.75
CA GLY C 173 25.61 -12.64 13.93
C GLY C 173 26.14 -14.03 13.66
N LYS C 174 25.83 -14.94 14.57
CA LYS C 174 26.43 -16.25 14.61
C LYS C 174 25.50 -17.22 15.33
N ILE C 175 25.46 -18.46 14.86
CA ILE C 175 24.83 -19.58 15.55
C ILE C 175 25.95 -20.47 16.08
N GLU C 176 25.85 -20.88 17.34
CA GLU C 176 26.81 -21.77 17.96
C GLU C 176 26.09 -22.85 18.76
N HIS C 177 26.80 -23.96 18.98
CA HIS C 177 26.50 -25.02 19.92
C HIS C 177 25.39 -25.96 19.49
N LEU C 178 24.93 -25.89 18.24
CA LEU C 178 24.10 -26.97 17.71
C LEU C 178 24.93 -28.24 17.58
N LYS C 179 24.28 -29.38 17.82
CA LYS C 179 24.99 -30.65 17.86
C LYS C 179 25.53 -31.05 16.49
N SER C 180 24.89 -30.59 15.41
CA SER C 180 25.37 -30.85 14.06
C SER C 180 26.30 -29.73 13.65
N PRO C 181 27.61 -29.95 13.56
CA PRO C 181 28.52 -28.81 13.46
C PRO C 181 28.28 -27.92 12.25
N GLU C 182 27.80 -28.48 11.14
CA GLU C 182 27.62 -27.71 9.92
C GLU C 182 26.50 -26.69 10.07
N LEU C 183 25.67 -26.82 11.09
CA LEU C 183 24.61 -25.86 11.30
C LEU C 183 25.06 -24.62 12.06
N ASN C 184 26.28 -24.59 12.59
CA ASN C 184 26.74 -23.46 13.40
C ASN C 184 27.34 -22.40 12.49
N VAL C 185 26.46 -21.76 11.72
CA VAL C 185 26.84 -20.84 10.65
C VAL C 185 26.94 -19.41 11.17
N ASP C 186 27.67 -18.60 10.41
CA ASP C 186 27.66 -17.16 10.59
C ASP C 186 26.50 -16.57 9.81
N LEU C 187 25.87 -15.54 10.40
CA LEU C 187 24.79 -14.80 9.75
C LEU C 187 25.40 -13.52 9.21
N ALA C 188 25.58 -13.47 7.90
CA ALA C 188 26.39 -12.43 7.30
C ALA C 188 25.71 -11.07 7.39
N ALA C 189 26.54 -10.03 7.41
CA ALA C 189 26.04 -8.66 7.41
C ALA C 189 24.97 -8.46 6.36
N ALA C 190 23.88 -7.82 6.78
CA ALA C 190 22.72 -7.56 5.93
C ALA C 190 22.04 -6.28 6.37
N ASP C 191 21.36 -5.62 5.43
CA ASP C 191 20.68 -4.37 5.67
C ASP C 191 19.31 -4.59 6.29
N ILE C 192 18.91 -3.65 7.15
CA ILE C 192 17.52 -3.57 7.61
C ILE C 192 16.72 -2.86 6.53
N LYS C 193 15.60 -3.46 6.14
CA LYS C 193 14.75 -2.91 5.11
C LYS C 193 13.31 -2.94 5.60
N PRO C 194 12.47 -2.04 5.09
CA PRO C 194 11.02 -2.16 5.33
C PRO C 194 10.40 -3.21 4.41
N ASP C 195 9.50 -4.01 4.97
CA ASP C 195 8.73 -4.94 4.16
C ASP C 195 7.41 -4.29 3.75
N GLY C 196 6.49 -5.08 3.22
CA GLY C 196 5.24 -4.53 2.70
C GLY C 196 4.50 -3.65 3.69
N LYS C 197 4.45 -4.07 4.97
CA LYS C 197 3.81 -3.27 6.00
C LYS C 197 4.78 -2.34 6.70
N ARG C 198 5.96 -2.13 6.12
CA ARG C 198 6.98 -1.25 6.69
C ARG C 198 7.47 -1.77 8.04
N HIS C 199 7.38 -3.08 8.24
CA HIS C 199 8.04 -3.75 9.34
C HIS C 199 9.53 -3.84 9.06
N ALA C 200 10.34 -3.69 10.10
CA ALA C 200 11.79 -3.78 9.97
C ALA C 200 12.21 -5.24 9.88
N VAL C 201 12.86 -5.61 8.77
CA VAL C 201 13.27 -6.98 8.49
C VAL C 201 14.68 -7.01 7.95
N ILE C 202 15.38 -8.12 8.16
CA ILE C 202 16.75 -8.32 7.70
C ILE C 202 16.79 -9.67 7.00
N SER C 203 17.35 -9.72 5.80
CA SER C 203 17.52 -10.97 5.08
C SER C 203 18.93 -11.00 4.52
N GLY C 204 19.63 -12.12 4.71
CA GLY C 204 20.97 -12.25 4.19
C GLY C 204 21.43 -13.68 4.08
N SER C 205 22.72 -13.85 3.78
CA SER C 205 23.27 -15.19 3.61
C SER C 205 23.78 -15.72 4.94
N VAL C 206 23.95 -17.03 5.00
CA VAL C 206 24.69 -17.65 6.09
C VAL C 206 25.99 -18.18 5.49
N LEU C 207 27.02 -18.27 6.32
CA LEU C 207 28.35 -18.68 5.88
C LEU C 207 28.89 -19.76 6.80
N TYR C 208 29.65 -20.70 6.22
CA TYR C 208 30.37 -21.71 6.99
C TYR C 208 31.79 -21.75 6.43
N ASN C 209 32.77 -21.35 7.23
CA ASN C 209 34.15 -21.27 6.75
C ASN C 209 34.23 -20.36 5.53
N GLN C 210 33.61 -19.19 5.66
CA GLN C 210 33.54 -18.17 4.61
C GLN C 210 32.80 -18.59 3.33
N ALA C 211 32.33 -19.83 3.26
CA ALA C 211 31.56 -20.29 2.10
C ALA C 211 30.08 -20.05 2.31
N GLU C 212 29.41 -19.54 1.29
CA GLU C 212 27.96 -19.38 1.33
C GLU C 212 27.27 -20.72 1.51
N LYS C 213 26.28 -20.78 2.42
CA LYS C 213 25.68 -22.05 2.77
C LYS C 213 24.17 -21.93 3.03
N GLY C 214 23.53 -20.86 2.58
CA GLY C 214 22.10 -20.70 2.75
C GLY C 214 21.71 -19.27 3.08
N SER C 215 20.62 -19.10 3.81
CA SER C 215 20.12 -17.75 4.07
C SER C 215 19.46 -17.70 5.44
N TYR C 216 19.21 -16.46 5.89
CA TYR C 216 18.49 -16.23 7.13
C TYR C 216 17.63 -14.99 6.95
N SER C 217 16.55 -14.92 7.76
CA SER C 217 15.77 -13.69 7.79
C SER C 217 15.26 -13.50 9.22
N LEU C 218 15.31 -12.25 9.66
CA LEU C 218 14.92 -11.89 11.01
C LEU C 218 14.01 -10.68 10.95
N GLY C 219 12.95 -10.70 11.74
CA GLY C 219 12.18 -9.50 11.99
C GLY C 219 12.69 -8.87 13.27
N ILE C 220 12.50 -7.56 13.38
CA ILE C 220 12.76 -6.81 14.61
C ILE C 220 11.44 -6.59 15.32
N PHE C 221 11.42 -6.80 16.64
CA PHE C 221 10.20 -6.79 17.43
C PHE C 221 10.37 -5.95 18.70
N GLY C 222 9.26 -5.34 19.11
CA GLY C 222 9.22 -4.51 20.30
C GLY C 222 9.33 -3.03 19.93
N GLY C 223 8.68 -2.18 20.74
CA GLY C 223 8.72 -0.76 20.47
C GLY C 223 10.12 -0.17 20.45
N LYS C 224 11.03 -0.73 21.24
CA LYS C 224 12.42 -0.29 21.26
C LYS C 224 13.37 -1.32 20.64
N ALA C 225 12.89 -2.09 19.66
CA ALA C 225 13.72 -3.08 19.00
C ALA C 225 14.39 -3.99 20.03
N GLN C 226 13.61 -4.43 21.01
CA GLN C 226 14.13 -5.30 22.05
C GLN C 226 14.51 -6.68 21.54
N GLU C 227 13.90 -7.15 20.45
CA GLU C 227 14.01 -8.55 20.10
C GLU C 227 14.21 -8.73 18.59
N VAL C 228 14.80 -9.88 18.23
CA VAL C 228 14.80 -10.36 16.86
C VAL C 228 14.27 -11.79 16.84
N ALA C 229 13.58 -12.13 15.74
CA ALA C 229 13.06 -13.48 15.59
C ALA C 229 12.91 -13.79 14.12
N GLY C 230 13.12 -15.06 13.79
CA GLY C 230 13.15 -15.44 12.39
C GLY C 230 13.61 -16.87 12.21
N SER C 231 14.29 -17.11 11.08
CA SER C 231 14.73 -18.48 10.80
C SER C 231 15.91 -18.44 9.83
N ALA C 232 16.61 -19.57 9.74
CA ALA C 232 17.68 -19.75 8.78
C ALA C 232 17.43 -21.05 8.04
N GLU C 233 17.92 -21.10 6.80
CA GLU C 233 17.96 -22.31 5.99
C GLU C 233 19.42 -22.63 5.71
N VAL C 234 19.87 -23.81 6.09
CA VAL C 234 21.25 -24.21 5.87
C VAL C 234 21.29 -25.35 4.87
N LYS C 235 22.06 -25.17 3.79
CA LYS C 235 22.15 -26.19 2.75
C LYS C 235 23.14 -27.28 3.18
N THR C 236 22.70 -28.55 3.07
CA THR C 236 23.53 -29.71 3.41
C THR C 236 23.34 -30.77 2.33
N VAL C 237 24.21 -31.79 2.34
CA VAL C 237 24.08 -32.83 1.32
C VAL C 237 22.86 -33.71 1.50
N ASN C 238 22.19 -33.61 2.66
CA ASN C 238 20.96 -34.36 2.91
C ASN C 238 19.71 -33.48 2.81
N GLY C 239 19.86 -32.26 2.34
CA GLY C 239 18.74 -31.35 2.16
C GLY C 239 18.94 -30.06 2.94
N ILE C 240 17.98 -29.17 2.76
CA ILE C 240 17.95 -27.93 3.52
C ILE C 240 17.51 -28.23 4.95
N ARG C 241 18.23 -27.65 5.90
CA ARG C 241 17.89 -27.78 7.31
C ARG C 241 17.41 -26.42 7.82
N HIS C 242 16.26 -26.43 8.49
CA HIS C 242 15.62 -25.22 8.98
C HIS C 242 15.97 -25.03 10.45
N ILE C 243 16.21 -23.78 10.83
CA ILE C 243 16.62 -23.43 12.18
C ILE C 243 15.78 -22.25 12.64
N GLY C 244 15.09 -22.39 13.77
CA GLY C 244 14.36 -21.26 14.32
C GLY C 244 15.30 -20.36 15.11
N LEU C 245 15.05 -19.06 15.06
CA LEU C 245 15.94 -18.06 15.62
C LEU C 245 15.15 -17.09 16.48
N ALA C 246 15.62 -16.86 17.71
CA ALA C 246 15.01 -15.83 18.54
C ALA C 246 16.00 -15.31 19.57
N ALA C 247 16.12 -14.00 19.67
CA ALA C 247 17.07 -13.42 20.61
C ALA C 247 16.56 -12.08 21.13
N LYS C 248 17.15 -11.65 22.24
CA LYS C 248 16.68 -10.45 22.91
C LYS C 248 17.84 -9.69 23.53
N GLN C 249 17.66 -8.39 23.62
CA GLN C 249 18.60 -7.56 24.35
C GLN C 249 18.46 -7.79 25.87
N LEU C 250 19.51 -7.43 26.62
CA LEU C 250 19.41 -7.44 28.08
C LEU C 250 18.35 -6.46 28.58
N GLU D 1 18.37 -5.96 -7.96
CA GLU D 1 18.45 -4.70 -8.74
C GLU D 1 19.22 -4.95 -10.04
N VAL D 2 18.60 -4.60 -11.14
CA VAL D 2 19.23 -4.70 -12.46
C VAL D 2 20.04 -3.44 -12.71
N GLN D 3 21.25 -3.62 -13.26
CA GLN D 3 22.09 -2.56 -13.76
C GLN D 3 22.67 -2.94 -15.12
N LEU D 4 22.68 -1.99 -16.03
CA LEU D 4 23.47 -2.08 -17.26
C LEU D 4 24.60 -1.09 -17.12
N GLN D 5 25.81 -1.60 -16.92
CA GLN D 5 26.99 -0.80 -16.64
C GLN D 5 27.87 -0.72 -17.89
N GLN D 6 27.96 0.45 -18.49
CA GLN D 6 28.75 0.64 -19.69
C GLN D 6 30.16 1.11 -19.35
N SER D 7 31.07 0.87 -20.28
CA SER D 7 32.47 1.27 -20.13
C SER D 7 32.60 2.80 -20.21
N GLY D 8 33.77 3.29 -19.79
CA GLY D 8 33.96 4.71 -19.58
C GLY D 8 34.22 5.46 -20.87
N PRO D 9 34.23 6.80 -20.77
CA PRO D 9 34.45 7.61 -21.96
C PRO D 9 35.80 7.35 -22.58
N VAL D 10 35.88 7.52 -23.88
CA VAL D 10 37.10 7.20 -24.61
CA VAL D 10 37.11 7.21 -24.61
C VAL D 10 37.35 8.22 -25.72
N LEU D 11 38.63 8.50 -25.93
CA LEU D 11 39.13 9.25 -27.06
C LEU D 11 39.79 8.25 -28.01
N VAL D 12 39.42 8.31 -29.29
CA VAL D 12 40.03 7.45 -30.30
C VAL D 12 40.29 8.24 -31.58
N LYS D 13 41.24 7.79 -32.35
CA LYS D 13 41.73 8.54 -33.49
C LYS D 13 41.00 8.23 -34.78
N PRO D 14 40.86 9.24 -35.66
CA PRO D 14 40.21 9.00 -36.95
C PRO D 14 40.94 7.90 -37.69
N GLY D 15 40.16 6.99 -38.29
CA GLY D 15 40.69 5.86 -39.00
C GLY D 15 40.90 4.63 -38.18
N ALA D 16 40.89 4.74 -36.85
CA ALA D 16 41.05 3.60 -35.97
C ALA D 16 39.69 2.99 -35.66
N SER D 17 39.66 2.04 -34.74
CA SER D 17 38.42 1.45 -34.23
C SER D 17 38.33 1.63 -32.72
N VAL D 18 37.13 1.38 -32.19
CA VAL D 18 36.86 1.44 -30.77
C VAL D 18 35.88 0.33 -30.42
N LYS D 19 36.08 -0.30 -29.28
CA LYS D 19 35.19 -1.31 -28.75
C LYS D 19 34.78 -0.91 -27.34
N MET D 20 33.49 -0.88 -27.12
CA MET D 20 32.88 -0.50 -25.85
C MET D 20 32.01 -1.64 -25.32
N SER D 21 31.75 -1.62 -24.01
CA SER D 21 31.10 -2.74 -23.36
C SER D 21 29.90 -2.30 -22.52
N CYS D 22 28.98 -3.26 -22.33
CA CYS D 22 27.78 -3.11 -21.51
C CYS D 22 27.65 -4.38 -20.67
N LYS D 23 27.90 -4.28 -19.37
CA LYS D 23 27.84 -5.41 -18.46
C LYS D 23 26.51 -5.39 -17.72
N ALA D 24 25.75 -6.46 -17.89
CA ALA D 24 24.44 -6.60 -17.27
C ALA D 24 24.53 -7.35 -15.95
N SER D 25 23.86 -6.85 -14.94
CA SER D 25 23.75 -7.58 -13.70
C SER D 25 22.31 -7.59 -13.20
N GLY D 26 21.99 -8.59 -12.40
CA GLY D 26 20.75 -8.64 -11.69
C GLY D 26 19.66 -9.40 -12.39
N TYR D 27 19.96 -10.00 -13.53
CA TYR D 27 19.02 -10.83 -14.25
C TYR D 27 19.80 -11.78 -15.15
N THR D 28 19.10 -12.76 -15.67
CA THR D 28 19.71 -13.71 -16.61
C THR D 28 19.94 -13.05 -17.96
N PHE D 29 21.22 -12.77 -18.26
CA PHE D 29 21.60 -12.00 -19.44
C PHE D 29 21.02 -12.57 -20.73
N THR D 30 21.01 -13.91 -20.86
CA THR D 30 20.57 -14.52 -22.12
C THR D 30 19.07 -14.50 -22.30
N ASP D 31 18.29 -13.96 -21.34
CA ASP D 31 16.85 -13.99 -21.47
C ASP D 31 16.25 -12.80 -22.23
N TYR D 32 17.04 -11.78 -22.55
CA TYR D 32 16.52 -10.56 -23.17
C TYR D 32 17.42 -10.07 -24.27
N TYR D 33 16.80 -9.61 -25.35
CA TYR D 33 17.57 -8.95 -26.41
C TYR D 33 18.25 -7.72 -25.84
N MET D 34 19.37 -7.35 -26.44
CA MET D 34 20.04 -6.11 -26.08
C MET D 34 20.21 -5.24 -27.32
N ASN D 35 19.83 -3.97 -27.19
CA ASN D 35 19.95 -2.99 -28.25
C ASN D 35 21.14 -2.08 -27.98
N TRP D 36 21.71 -1.54 -29.07
CA TRP D 36 22.65 -0.45 -29.04
C TRP D 36 22.07 0.75 -29.80
N VAL D 37 22.32 1.95 -29.25
CA VAL D 37 21.73 3.20 -29.70
C VAL D 37 22.81 4.30 -29.73
N LYS D 38 22.73 5.18 -30.72
CA LYS D 38 23.62 6.32 -30.86
C LYS D 38 22.86 7.61 -30.62
N GLN D 39 23.49 8.55 -29.94
CA GLN D 39 22.94 9.90 -29.76
C GLN D 39 24.07 10.89 -29.95
N SER D 40 24.13 11.49 -31.14
CA SER D 40 25.01 12.62 -31.41
C SER D 40 24.58 13.83 -30.59
N HIS D 41 25.54 14.67 -30.26
CA HIS D 41 25.26 15.81 -29.38
C HIS D 41 24.12 16.65 -29.93
N GLY D 42 23.10 16.84 -29.10
CA GLY D 42 21.91 17.59 -29.42
C GLY D 42 21.00 16.98 -30.46
N LYS D 43 21.20 15.71 -30.82
CA LYS D 43 20.41 15.07 -31.86
C LYS D 43 19.49 14.03 -31.23
N SER D 44 18.68 13.44 -32.07
CA SER D 44 17.76 12.43 -31.62
C SER D 44 18.52 11.11 -31.48
N LEU D 45 17.83 10.12 -30.95
CA LEU D 45 18.36 8.77 -30.80
C LEU D 45 18.29 8.03 -32.13
N GLU D 46 19.29 7.15 -32.36
CA GLU D 46 19.35 6.35 -33.57
C GLU D 46 19.65 4.89 -33.20
N TRP D 47 18.84 3.96 -33.69
CA TRP D 47 19.05 2.56 -33.37
C TRP D 47 20.13 1.95 -34.26
N ILE D 48 21.09 1.26 -33.65
CA ILE D 48 22.21 0.65 -34.37
C ILE D 48 21.96 -0.81 -34.67
N GLY D 49 21.52 -1.57 -33.68
CA GLY D 49 21.32 -2.99 -33.87
C GLY D 49 20.88 -3.64 -32.59
N ARG D 50 20.56 -4.92 -32.69
CA ARG D 50 20.04 -5.70 -31.57
C ARG D 50 20.69 -7.08 -31.63
N VAL D 51 20.99 -7.63 -30.47
CA VAL D 51 21.60 -8.95 -30.39
C VAL D 51 20.80 -9.87 -29.47
N ASN D 52 20.72 -11.14 -29.88
CA ASN D 52 20.26 -12.25 -29.06
C ASN D 52 21.44 -12.76 -28.25
N PRO D 53 21.50 -12.49 -26.94
CA PRO D 53 22.70 -12.88 -26.20
C PRO D 53 22.86 -14.38 -26.05
N SER D 54 21.81 -15.16 -26.26
CA SER D 54 21.96 -16.60 -26.06
C SER D 54 22.73 -17.23 -27.21
N ASN D 55 22.70 -16.64 -28.41
CA ASN D 55 23.39 -17.26 -29.54
C ASN D 55 24.18 -16.28 -30.40
N GLY D 56 24.13 -14.97 -30.12
CA GLY D 56 24.92 -14.03 -30.87
C GLY D 56 24.33 -13.54 -32.17
N ALA D 57 23.13 -14.00 -32.53
CA ALA D 57 22.48 -13.54 -33.73
C ALA D 57 22.21 -12.05 -33.60
N THR D 58 22.39 -11.31 -34.68
CA THR D 58 22.24 -9.85 -34.67
C THR D 58 21.36 -9.39 -35.81
N THR D 59 20.77 -8.20 -35.60
CA THR D 59 20.05 -7.46 -36.62
C THR D 59 20.57 -6.04 -36.57
N TYR D 60 20.87 -5.46 -37.72
CA TYR D 60 21.47 -4.14 -37.78
C TYR D 60 20.60 -3.18 -38.57
N ASN D 61 20.71 -1.93 -38.19
CA ASN D 61 20.27 -0.83 -39.06
C ASN D 61 21.24 -0.77 -40.23
N GLN D 62 20.72 -0.88 -41.46
CA GLN D 62 21.56 -0.82 -42.66
C GLN D 62 22.51 0.37 -42.67
N LYS D 63 22.10 1.49 -42.07
CA LYS D 63 22.95 2.66 -42.05
C LYS D 63 24.25 2.41 -41.31
N PHE D 64 24.33 1.34 -40.50
CA PHE D 64 25.52 1.02 -39.73
C PHE D 64 26.21 -0.24 -40.23
N LYS D 65 25.74 -0.85 -41.31
CA LYS D 65 26.46 -2.01 -41.86
C LYS D 65 27.88 -1.61 -42.28
N GLY D 66 28.84 -2.44 -41.90
CA GLY D 66 30.22 -2.13 -42.13
C GLY D 66 30.84 -1.18 -41.14
N LYS D 67 30.06 -0.50 -40.31
CA LYS D 67 30.53 0.44 -39.30
C LYS D 67 30.51 -0.19 -37.92
N ALA D 68 29.40 -0.85 -37.56
CA ALA D 68 29.17 -1.37 -36.22
C ALA D 68 29.10 -2.89 -36.22
N THR D 69 29.70 -3.50 -35.21
CA THR D 69 29.65 -4.93 -34.99
C THR D 69 29.28 -5.15 -33.54
N VAL D 70 28.13 -5.80 -33.28
CA VAL D 70 27.68 -6.11 -31.92
C VAL D 70 27.98 -7.57 -31.62
N THR D 71 28.53 -7.82 -30.42
CA THR D 71 28.84 -9.18 -29.99
C THR D 71 28.42 -9.33 -28.53
N VAL D 72 28.49 -10.57 -28.03
CA VAL D 72 28.28 -10.83 -26.62
C VAL D 72 29.32 -11.82 -26.13
N ASP D 73 29.56 -11.78 -24.82
CA ASP D 73 30.23 -12.85 -24.09
C ASP D 73 29.29 -13.22 -22.94
N LYS D 74 28.59 -14.35 -23.15
CA LYS D 74 27.62 -14.86 -22.19
C LYS D 74 28.22 -15.06 -20.82
N SER D 75 29.43 -15.62 -20.79
CA SER D 75 30.01 -15.99 -19.51
C SER D 75 30.33 -14.77 -18.68
N LEU D 76 30.42 -13.59 -19.31
CA LEU D 76 30.68 -12.34 -18.61
C LEU D 76 29.44 -11.47 -18.53
N SER D 77 28.32 -11.97 -19.04
CA SER D 77 27.06 -11.24 -19.06
C SER D 77 27.25 -9.87 -19.68
N THR D 78 28.06 -9.81 -20.76
CA THR D 78 28.42 -8.53 -21.36
C THR D 78 28.14 -8.52 -22.86
N SER D 79 27.64 -7.39 -23.34
CA SER D 79 27.58 -7.10 -24.76
C SER D 79 28.65 -6.06 -25.10
N TYR D 80 29.18 -6.15 -26.33
CA TYR D 80 30.18 -5.25 -26.84
C TYR D 80 29.72 -4.67 -28.15
N MET D 81 30.09 -3.43 -28.42
CA MET D 81 29.93 -2.92 -29.77
C MET D 81 31.23 -2.30 -30.22
N GLN D 82 31.65 -2.67 -31.43
CA GLN D 82 32.85 -2.19 -32.07
C GLN D 82 32.50 -1.33 -33.26
N LEU D 83 33.06 -0.13 -33.30
CA LEU D 83 32.95 0.78 -34.43
C LEU D 83 34.28 0.82 -35.17
N ASN D 84 34.22 0.75 -36.48
CA ASN D 84 35.46 0.78 -37.27
C ASN D 84 35.55 2.02 -38.15
N SER D 85 36.77 2.23 -38.67
CA SER D 85 37.06 3.30 -39.62
C SER D 85 36.51 4.63 -39.14
N LEU D 86 36.91 5.01 -37.91
CA LEU D 86 36.24 6.11 -37.23
C LEU D 86 36.45 7.44 -37.93
N THR D 87 35.38 8.22 -37.95
CA THR D 87 35.39 9.62 -38.36
C THR D 87 34.74 10.48 -37.29
N SER D 88 34.79 11.80 -37.51
CA SER D 88 34.20 12.70 -36.54
C SER D 88 32.70 12.51 -36.43
N GLU D 89 32.07 11.96 -37.46
CA GLU D 89 30.63 11.70 -37.37
C GLU D 89 30.30 10.59 -36.36
N ASP D 90 31.29 9.79 -35.95
CA ASP D 90 31.06 8.77 -34.93
C ASP D 90 31.20 9.29 -33.50
N SER D 91 31.64 10.53 -33.33
CA SER D 91 31.62 11.13 -32.00
C SER D 91 30.18 11.26 -31.52
N ALA D 92 29.88 10.68 -30.36
CA ALA D 92 28.50 10.56 -29.88
C ALA D 92 28.51 9.84 -28.55
N VAL D 93 27.35 9.85 -27.87
CA VAL D 93 27.08 8.95 -26.76
C VAL D 93 26.44 7.70 -27.31
N TYR D 94 26.93 6.54 -26.88
CA TYR D 94 26.34 5.28 -27.26
C TYR D 94 25.75 4.62 -26.03
N PHE D 95 24.52 4.16 -26.15
CA PHE D 95 23.81 3.50 -25.08
C PHE D 95 23.57 2.04 -25.42
N CYS D 96 23.60 1.19 -24.40
CA CYS D 96 22.98 -0.12 -24.48
C CYS D 96 21.63 -0.06 -23.76
N ALA D 97 20.67 -0.79 -24.30
CA ALA D 97 19.32 -0.76 -23.76
C ALA D 97 18.71 -2.12 -23.93
N ARG D 98 18.14 -2.66 -22.88
CA ARG D 98 17.49 -3.95 -22.97
C ARG D 98 16.18 -3.85 -23.77
N ASP D 99 15.76 -5.00 -24.30
CA ASP D 99 14.53 -5.08 -25.09
C ASP D 99 13.44 -4.17 -24.55
N TRP D 100 12.96 -3.29 -25.40
CA TRP D 100 11.96 -2.30 -24.98
C TRP D 100 10.58 -2.54 -25.61
N GLU D 101 10.34 -3.71 -26.21
CA GLU D 101 9.07 -3.94 -26.87
C GLU D 101 7.93 -4.28 -25.92
N GLY D 102 8.21 -4.87 -24.74
CA GLY D 102 7.14 -5.50 -24.00
C GLY D 102 6.98 -5.01 -22.60
N PRO D 103 6.19 -5.71 -21.78
CA PRO D 103 5.92 -5.22 -20.42
C PRO D 103 7.10 -5.31 -19.50
N TRP D 104 8.08 -6.17 -19.80
CA TRP D 104 9.27 -6.28 -18.98
C TRP D 104 10.04 -4.96 -19.02
N PHE D 105 10.59 -4.58 -17.87
CA PHE D 105 11.12 -3.24 -17.70
C PHE D 105 12.24 -2.96 -18.70
N ALA D 106 12.21 -1.74 -19.25
CA ALA D 106 13.09 -1.35 -20.35
C ALA D 106 14.29 -0.57 -19.79
N TYR D 107 15.29 -1.32 -19.35
CA TYR D 107 16.49 -0.76 -18.74
C TYR D 107 17.41 -0.14 -19.80
N TRP D 108 18.13 0.90 -19.36
CA TRP D 108 19.15 1.59 -20.16
C TRP D 108 20.46 1.66 -19.41
N GLY D 109 21.56 1.53 -20.15
CA GLY D 109 22.86 1.84 -19.59
C GLY D 109 23.03 3.34 -19.46
N GLN D 110 24.12 3.75 -18.81
CA GLN D 110 24.36 5.17 -18.56
C GLN D 110 25.02 5.91 -19.73
N GLY D 111 25.37 5.20 -20.77
CA GLY D 111 25.99 5.73 -21.96
C GLY D 111 27.50 5.77 -21.87
N THR D 112 28.13 5.70 -23.04
CA THR D 112 29.57 5.87 -23.24
C THR D 112 29.80 7.04 -24.21
N LEU D 113 30.57 8.04 -23.78
CA LEU D 113 30.89 9.16 -24.64
C LEU D 113 32.17 8.85 -25.41
N VAL D 114 32.04 8.76 -26.74
CA VAL D 114 33.15 8.51 -27.65
C VAL D 114 33.52 9.83 -28.34
N THR D 115 34.80 10.21 -28.27
CA THR D 115 35.29 11.38 -28.98
C THR D 115 36.30 10.90 -30.01
N VAL D 116 36.08 11.27 -31.27
CA VAL D 116 37.02 10.96 -32.36
C VAL D 116 37.80 12.22 -32.69
N SER D 117 39.10 12.19 -32.44
CA SER D 117 39.95 13.34 -32.65
C SER D 117 41.39 12.87 -32.63
N SER D 118 42.25 13.64 -33.32
CA SER D 118 43.68 13.36 -33.32
C SER D 118 44.41 14.06 -32.18
N ALA D 119 43.71 14.91 -31.42
CA ALA D 119 44.31 15.64 -30.31
C ALA D 119 44.64 14.71 -29.14
N SER D 120 45.62 15.13 -28.34
CA SER D 120 46.04 14.33 -27.20
C SER D 120 45.17 14.60 -25.97
N THR D 121 45.03 13.57 -25.16
CA THR D 121 44.31 13.68 -23.90
C THR D 121 45.06 14.62 -22.97
N LYS D 122 44.31 15.49 -22.28
CA LYS D 122 44.86 16.38 -21.27
C LYS D 122 43.89 16.57 -20.11
N GLY D 123 44.40 16.48 -18.87
CA GLY D 123 43.56 16.62 -17.69
C GLY D 123 43.44 18.09 -17.30
N PRO D 124 42.41 18.43 -16.52
CA PRO D 124 42.17 19.83 -16.17
C PRO D 124 43.06 20.34 -15.04
N SER D 125 43.23 21.67 -15.07
CA SER D 125 43.63 22.44 -13.89
C SER D 125 42.37 22.89 -13.17
N VAL D 126 42.40 22.87 -11.85
CA VAL D 126 41.22 23.22 -11.05
C VAL D 126 41.58 24.40 -10.17
N PHE D 127 40.83 25.50 -10.31
CA PHE D 127 41.08 26.73 -9.59
C PHE D 127 39.85 27.11 -8.76
N PRO D 128 40.06 27.70 -7.59
CA PRO D 128 38.92 28.09 -6.75
C PRO D 128 38.27 29.37 -7.26
N LEU D 129 36.94 29.43 -7.08
CA LEU D 129 36.15 30.65 -7.26
C LEU D 129 35.73 31.06 -5.86
N ALA D 130 36.49 31.96 -5.26
CA ALA D 130 36.37 32.15 -3.83
C ALA D 130 35.20 33.07 -3.51
N PRO D 131 34.50 32.85 -2.39
CA PRO D 131 33.32 33.66 -2.05
C PRO D 131 33.69 35.10 -1.73
N ALA D 141 25.70 33.67 -0.25
CA ALA D 141 27.01 33.76 -0.90
C ALA D 141 27.23 32.65 -1.95
N ALA D 142 28.03 32.96 -2.96
CA ALA D 142 28.37 32.05 -4.05
C ALA D 142 29.85 31.69 -4.03
N LEU D 143 30.16 30.42 -4.31
CA LEU D 143 31.55 29.98 -4.48
C LEU D 143 31.54 28.88 -5.54
N GLY D 144 32.74 28.50 -5.99
CA GLY D 144 32.79 27.48 -7.02
C GLY D 144 34.20 27.04 -7.34
N CYS D 145 34.30 26.23 -8.42
CA CYS D 145 35.58 25.79 -8.98
C CYS D 145 35.55 25.99 -10.49
N LEU D 146 36.67 26.46 -11.02
CA LEU D 146 36.91 26.60 -12.45
C LEU D 146 37.75 25.39 -12.90
N VAL D 147 37.22 24.63 -13.85
CA VAL D 147 37.82 23.38 -14.32
C VAL D 147 38.28 23.63 -15.75
N LYS D 148 39.58 23.91 -15.93
CA LYS D 148 40.07 24.52 -17.15
C LYS D 148 41.06 23.64 -17.90
N ASP D 149 40.92 23.64 -19.22
CA ASP D 149 41.91 23.17 -20.17
C ASP D 149 42.03 21.67 -20.16
N TYR D 150 40.95 20.97 -20.50
CA TYR D 150 40.98 19.52 -20.58
C TYR D 150 40.45 19.04 -21.93
N PHE D 151 40.78 17.78 -22.27
CA PHE D 151 40.32 17.16 -23.49
C PHE D 151 40.49 15.66 -23.34
N PRO D 152 39.51 14.85 -23.76
CA PRO D 152 38.17 15.17 -24.27
C PRO D 152 37.21 15.40 -23.12
N GLU D 153 35.95 15.66 -23.46
CA GLU D 153 34.89 15.54 -22.50
C GLU D 153 34.79 14.09 -22.11
N PRO D 154 34.19 13.78 -20.96
CA PRO D 154 33.60 14.64 -19.95
C PRO D 154 34.44 14.78 -18.71
N VAL D 155 34.03 15.67 -17.81
CA VAL D 155 34.50 15.66 -16.43
C VAL D 155 33.27 15.49 -15.54
N THR D 156 33.52 15.03 -14.33
CA THR D 156 32.48 15.05 -13.31
C THR D 156 32.94 15.93 -12.14
N VAL D 157 31.98 16.68 -11.57
CA VAL D 157 32.21 17.55 -10.42
C VAL D 157 31.19 17.21 -9.37
N SER D 158 31.64 17.01 -8.15
CA SER D 158 30.74 16.93 -7.00
C SER D 158 31.28 17.88 -5.94
N TRP D 159 30.48 18.11 -4.90
CA TRP D 159 30.89 18.98 -3.80
C TRP D 159 30.81 18.20 -2.48
N ASN D 160 31.85 18.37 -1.65
CA ASN D 160 31.96 17.69 -0.36
C ASN D 160 31.66 16.20 -0.52
N SER D 161 32.21 15.63 -1.59
CA SER D 161 32.11 14.19 -1.89
C SER D 161 30.66 13.75 -2.04
N GLY D 162 29.79 14.65 -2.51
CA GLY D 162 28.40 14.31 -2.75
C GLY D 162 27.48 14.69 -1.62
N ALA D 163 28.01 15.21 -0.52
CA ALA D 163 27.17 15.66 0.59
C ALA D 163 26.39 16.91 0.22
N LEU D 164 26.96 17.78 -0.59
CA LEU D 164 26.39 19.09 -0.91
C LEU D 164 25.84 19.02 -2.34
N THR D 165 24.52 19.05 -2.47
CA THR D 165 23.88 19.03 -3.77
C THR D 165 22.94 20.21 -3.99
N SER D 166 22.32 20.73 -2.94
CA SER D 166 21.39 21.84 -3.08
C SER D 166 22.14 23.09 -3.51
N GLY D 167 21.62 23.74 -4.54
CA GLY D 167 22.18 25.01 -4.99
C GLY D 167 23.39 24.89 -5.89
N VAL D 168 23.73 23.68 -6.33
CA VAL D 168 24.91 23.47 -7.17
C VAL D 168 24.49 23.64 -8.62
N HIS D 169 25.30 24.36 -9.38
CA HIS D 169 25.17 24.41 -10.83
C HIS D 169 26.53 24.09 -11.45
N THR D 170 26.61 22.99 -12.17
CA THR D 170 27.79 22.68 -12.98
C THR D 170 27.44 22.97 -14.44
N PHE D 171 28.14 23.94 -15.00
CA PHE D 171 27.83 24.48 -16.31
C PHE D 171 28.30 23.55 -17.41
N PRO D 172 27.55 23.47 -18.51
CA PRO D 172 28.04 22.77 -19.69
C PRO D 172 29.40 23.30 -20.09
N ALA D 173 30.26 22.39 -20.52
CA ALA D 173 31.58 22.80 -20.96
C ALA D 173 31.53 23.54 -22.28
N VAL D 174 32.47 24.46 -22.46
CA VAL D 174 32.63 25.21 -23.70
C VAL D 174 34.01 24.90 -24.26
N LEU D 175 34.06 24.69 -25.56
CA LEU D 175 35.32 24.51 -26.26
C LEU D 175 35.97 25.86 -26.48
N GLN D 176 37.18 26.01 -25.95
CA GLN D 176 37.96 27.22 -26.10
C GLN D 176 38.68 27.21 -27.45
N SER D 177 39.20 28.37 -27.83
CA SER D 177 39.89 28.48 -29.12
C SER D 177 41.14 27.61 -29.20
N SER D 178 41.71 27.23 -28.05
CA SER D 178 42.83 26.31 -27.93
C SER D 178 42.50 24.87 -28.27
N GLY D 179 41.22 24.53 -28.46
CA GLY D 179 40.81 23.16 -28.63
C GLY D 179 40.60 22.39 -27.35
N LEU D 180 40.71 23.04 -26.19
CA LEU D 180 40.53 22.44 -24.89
C LEU D 180 39.22 22.93 -24.29
N TYR D 181 38.58 22.11 -23.49
CA TYR D 181 37.32 22.47 -22.81
C TYR D 181 37.59 23.20 -21.49
N SER D 182 36.60 23.98 -21.05
CA SER D 182 36.63 24.53 -19.70
C SER D 182 35.18 24.65 -19.20
N LEU D 183 35.02 24.53 -17.88
CA LEU D 183 33.71 24.78 -17.26
C LEU D 183 33.91 25.24 -15.81
N SER D 184 32.86 25.86 -15.25
CA SER D 184 32.81 26.16 -13.83
C SER D 184 31.66 25.39 -13.18
N SER D 185 31.85 25.07 -11.90
CA SER D 185 30.82 24.57 -11.02
C SER D 185 30.69 25.52 -9.83
N VAL D 186 29.46 25.92 -9.50
CA VAL D 186 29.21 26.92 -8.46
C VAL D 186 28.13 26.39 -7.51
N VAL D 187 28.08 26.97 -6.32
CA VAL D 187 27.09 26.62 -5.33
C VAL D 187 26.82 27.88 -4.52
N THR D 188 25.56 28.10 -4.17
CA THR D 188 25.23 29.16 -3.23
C THR D 188 24.98 28.55 -1.86
N VAL D 189 25.48 29.22 -0.83
CA VAL D 189 25.38 28.76 0.54
C VAL D 189 25.13 29.96 1.44
N PRO D 190 24.63 29.71 2.65
CA PRO D 190 24.43 30.83 3.59
C PRO D 190 25.77 31.44 3.98
N SER D 191 25.83 32.78 3.95
CA SER D 191 27.07 33.49 4.25
C SER D 191 27.59 33.17 5.65
N SER D 192 26.70 32.77 6.57
CA SER D 192 27.11 32.50 7.94
C SER D 192 27.96 31.24 8.07
N SER D 193 27.90 30.34 7.09
CA SER D 193 28.60 29.08 7.14
C SER D 193 30.02 29.16 6.58
N LEU D 194 30.43 30.31 6.04
CA LEU D 194 31.71 30.39 5.34
C LEU D 194 32.89 30.20 6.29
N GLY D 195 32.80 30.75 7.49
CA GLY D 195 33.89 30.59 8.45
C GLY D 195 33.98 29.17 8.98
N THR D 196 32.84 28.49 9.11
CA THR D 196 32.80 27.15 9.70
C THR D 196 32.87 26.05 8.63
N GLN D 197 31.85 25.97 7.76
CA GLN D 197 31.70 24.80 6.89
C GLN D 197 32.76 24.80 5.79
N THR D 198 33.32 23.61 5.55
CA THR D 198 34.34 23.44 4.52
C THR D 198 33.67 23.11 3.19
N TYR D 199 34.20 23.68 2.13
CA TYR D 199 33.68 23.50 0.77
C TYR D 199 34.82 22.98 -0.10
N ILE D 200 34.66 21.75 -0.59
CA ILE D 200 35.62 21.07 -1.45
C ILE D 200 34.92 20.62 -2.72
N CYS D 201 35.48 20.98 -3.88
CA CYS D 201 34.98 20.46 -5.15
C CYS D 201 35.84 19.28 -5.60
N ASN D 202 35.17 18.19 -5.94
CA ASN D 202 35.79 16.93 -6.33
C ASN D 202 35.65 16.80 -7.83
N VAL D 203 36.78 16.86 -8.54
CA VAL D 203 36.80 16.87 -10.00
C VAL D 203 37.43 15.57 -10.47
N ASN D 204 36.79 14.92 -11.44
CA ASN D 204 37.36 13.69 -12.02
C ASN D 204 37.31 13.78 -13.53
N HIS D 205 38.44 13.52 -14.16
CA HIS D 205 38.54 13.44 -15.63
C HIS D 205 39.09 12.06 -15.95
N LYS D 206 38.20 11.13 -16.24
CA LYS D 206 38.64 9.74 -16.40
C LYS D 206 39.59 9.53 -17.57
N PRO D 207 39.43 10.16 -18.73
CA PRO D 207 40.36 9.87 -19.85
C PRO D 207 41.82 10.11 -19.53
N SER D 208 42.14 11.03 -18.61
CA SER D 208 43.51 11.33 -18.21
C SER D 208 43.87 10.81 -16.83
N ASN D 209 42.93 10.14 -16.16
CA ASN D 209 43.06 9.68 -14.79
C ASN D 209 43.50 10.82 -13.90
N THR D 210 42.81 11.96 -14.06
CA THR D 210 43.03 13.13 -13.24
C THR D 210 41.92 13.26 -12.21
N LYS D 211 42.29 13.28 -10.93
CA LYS D 211 41.36 13.40 -9.82
C LYS D 211 41.88 14.52 -8.94
N VAL D 212 41.05 15.53 -8.70
CA VAL D 212 41.45 16.67 -7.90
C VAL D 212 40.35 16.97 -6.90
N ASP D 213 40.74 17.20 -5.64
CA ASP D 213 39.85 17.74 -4.61
C ASP D 213 40.41 19.10 -4.23
N LYS D 214 39.63 20.15 -4.49
CA LYS D 214 40.12 21.52 -4.29
C LYS D 214 39.28 22.16 -3.21
N LYS D 215 39.95 22.63 -2.14
CA LYS D 215 39.29 23.37 -1.08
C LYS D 215 39.10 24.81 -1.52
N VAL D 216 37.87 25.32 -1.34
CA VAL D 216 37.50 26.67 -1.75
C VAL D 216 37.24 27.48 -0.48
N GLU D 217 38.01 28.55 -0.29
CA GLU D 217 37.87 29.37 0.91
C GLU D 217 38.03 30.84 0.58
N PRO D 218 37.60 31.72 1.50
CA PRO D 218 37.75 33.18 1.34
C PRO D 218 39.21 33.60 1.14
N ASP E 1 12.64 2.96 -44.70
CA ASP E 1 12.49 2.90 -43.23
C ASP E 1 11.27 3.69 -42.81
N VAL E 2 10.72 3.31 -41.67
CA VAL E 2 9.54 3.99 -41.17
C VAL E 2 9.97 5.34 -40.62
N VAL E 3 9.34 6.39 -41.11
CA VAL E 3 9.64 7.74 -40.68
C VAL E 3 8.66 8.11 -39.60
N MET E 4 9.18 8.58 -38.47
CA MET E 4 8.36 9.03 -37.35
C MET E 4 8.43 10.55 -37.23
N THR E 5 7.28 11.18 -37.45
CA THR E 5 7.15 12.63 -37.49
C THR E 5 6.50 13.10 -36.20
N GLN E 6 7.32 13.70 -35.35
CA GLN E 6 6.96 14.10 -34.01
C GLN E 6 6.80 15.61 -33.97
N THR E 7 5.66 16.07 -33.45
CA THR E 7 5.36 17.51 -33.31
C THR E 7 4.64 17.78 -31.99
N PRO E 8 4.83 18.98 -31.41
CA PRO E 8 5.73 20.05 -31.86
C PRO E 8 7.18 19.74 -31.51
N LEU E 9 8.13 20.44 -32.10
CA LEU E 9 9.52 20.29 -31.70
C LEU E 9 9.75 20.81 -30.30
N THR E 10 9.07 21.90 -29.92
CA THR E 10 9.16 22.46 -28.59
C THR E 10 7.76 22.77 -28.09
N LEU E 11 7.55 22.53 -26.81
CA LEU E 11 6.28 22.76 -26.13
C LEU E 11 6.61 23.61 -24.92
N SER E 12 6.00 24.79 -24.83
CA SER E 12 6.25 25.69 -23.72
C SER E 12 4.93 25.81 -22.96
N VAL E 13 4.93 25.42 -21.70
CA VAL E 13 3.71 25.13 -20.96
C VAL E 13 3.82 25.65 -19.55
N THR E 14 2.73 26.24 -19.04
CA THR E 14 2.71 26.70 -17.67
C THR E 14 2.31 25.56 -16.78
N ILE E 15 2.90 25.53 -15.57
CA ILE E 15 2.58 24.48 -14.61
C ILE E 15 1.08 24.47 -14.36
N GLY E 16 0.51 23.28 -14.31
CA GLY E 16 -0.92 23.09 -14.15
C GLY E 16 -1.69 22.99 -15.43
N GLN E 17 -1.11 23.38 -16.55
CA GLN E 17 -1.80 23.26 -17.82
C GLN E 17 -1.56 21.87 -18.42
N PRO E 18 -2.42 21.46 -19.35
CA PRO E 18 -2.18 20.19 -20.05
C PRO E 18 -1.21 20.34 -21.21
N ALA E 19 -0.69 19.19 -21.66
CA ALA E 19 0.24 19.17 -22.77
C ALA E 19 -0.04 17.92 -23.61
N SER E 20 0.22 18.04 -24.90
CA SER E 20 -0.03 16.97 -25.86
C SER E 20 1.07 16.93 -26.89
N ILE E 21 1.55 15.72 -27.20
CA ILE E 21 2.59 15.51 -28.19
C ILE E 21 2.09 14.48 -29.19
N SER E 22 2.33 14.73 -30.47
CA SER E 22 1.83 13.91 -31.56
C SER E 22 2.97 13.22 -32.30
N CYS E 23 2.74 11.95 -32.64
CA CYS E 23 3.66 11.15 -33.43
C CYS E 23 2.87 10.49 -34.56
N LYS E 24 3.30 10.72 -35.80
CA LYS E 24 2.73 10.09 -36.99
C LYS E 24 3.80 9.30 -37.74
N SER E 25 3.47 8.06 -38.08
CA SER E 25 4.40 7.21 -38.81
C SER E 25 4.04 7.14 -40.28
N SER E 26 5.04 6.88 -41.10
CA SER E 26 4.88 6.78 -42.55
C SER E 26 4.21 5.48 -42.98
N GLN E 27 4.06 4.52 -42.08
CA GLN E 27 3.23 3.36 -42.36
C GLN E 27 2.72 2.81 -41.04
N THR E 28 1.64 2.04 -41.11
CA THR E 28 1.01 1.60 -39.88
C THR E 28 1.99 0.83 -39.01
N LEU E 29 1.88 1.06 -37.70
CA LEU E 29 2.65 0.33 -36.70
C LEU E 29 1.90 -0.87 -36.16
N PHE E 30 0.73 -1.20 -36.72
CA PHE E 30 0.08 -2.46 -36.41
C PHE E 30 1.00 -3.64 -36.71
N TYR E 31 1.23 -4.49 -35.72
CA TYR E 31 2.03 -5.70 -35.92
C TYR E 31 1.14 -6.92 -36.10
N SER E 32 0.20 -7.09 -35.19
CA SER E 32 -0.79 -8.15 -35.22
C SER E 32 -1.87 -7.75 -34.23
N LYS E 33 -2.95 -8.53 -34.20
CA LYS E 33 -4.11 -8.14 -33.42
C LYS E 33 -3.71 -7.82 -31.98
N GLY E 34 -4.01 -6.59 -31.56
CA GLY E 34 -3.74 -6.15 -30.22
C GLY E 34 -2.32 -5.71 -29.94
N LYS E 35 -1.42 -5.74 -30.94
CA LYS E 35 0.00 -5.46 -30.74
C LYS E 35 0.44 -4.38 -31.71
N THR E 36 0.69 -3.19 -31.19
CA THR E 36 1.21 -2.07 -31.95
C THR E 36 2.39 -1.53 -31.15
N TYR E 37 3.60 -1.60 -31.71
CA TYR E 37 4.80 -1.31 -30.91
C TYR E 37 5.15 0.15 -31.06
N LEU E 38 4.53 0.98 -30.23
CA LEU E 38 4.80 2.41 -30.15
C LEU E 38 5.11 2.74 -28.70
N ASN E 39 6.31 3.25 -28.46
CA ASN E 39 6.77 3.60 -27.13
C ASN E 39 6.89 5.11 -27.07
N TRP E 40 6.79 5.63 -25.86
CA TRP E 40 7.16 7.00 -25.57
C TRP E 40 8.27 6.98 -24.55
N LEU E 41 9.34 7.70 -24.84
CA LEU E 41 10.49 7.82 -23.94
C LEU E 41 10.64 9.26 -23.49
N PHE E 42 11.41 9.42 -22.42
CA PHE E 42 11.69 10.71 -21.81
C PHE E 42 13.15 10.76 -21.43
N GLN E 43 13.80 11.90 -21.67
CA GLN E 43 15.22 12.07 -21.34
C GLN E 43 15.48 13.44 -20.75
N ARG E 44 16.09 13.45 -19.57
CA ARG E 44 16.62 14.67 -18.97
C ARG E 44 18.01 14.92 -19.56
N PRO E 45 18.43 16.19 -19.60
CA PRO E 45 19.73 16.48 -20.18
C PRO E 45 20.84 15.80 -19.39
N GLY E 46 21.80 15.25 -20.13
CA GLY E 46 22.93 14.58 -19.53
C GLY E 46 22.61 13.23 -18.95
N GLN E 47 21.41 12.72 -19.13
CA GLN E 47 21.01 11.44 -18.57
C GLN E 47 20.55 10.48 -19.66
N SER E 48 20.32 9.23 -19.26
CA SER E 48 19.83 8.25 -20.22
C SER E 48 18.33 8.40 -20.40
N PRO E 49 17.82 8.06 -21.58
CA PRO E 49 16.37 7.99 -21.76
C PRO E 49 15.78 6.98 -20.81
N LYS E 50 14.48 7.17 -20.51
CA LYS E 50 13.70 6.14 -19.87
C LYS E 50 12.39 5.98 -20.63
N ARG E 51 11.82 4.79 -20.52
CA ARG E 51 10.52 4.51 -21.14
C ARG E 51 9.40 4.98 -20.21
N LEU E 52 8.42 5.67 -20.78
CA LEU E 52 7.18 6.02 -20.06
C LEU E 52 5.99 5.18 -20.44
N ILE E 53 5.83 4.88 -21.73
CA ILE E 53 4.66 4.22 -22.27
C ILE E 53 5.16 3.17 -23.26
N TYR E 54 4.55 1.99 -23.24
CA TYR E 54 4.82 0.97 -24.24
C TYR E 54 3.49 0.46 -24.81
N LEU E 55 3.55 -0.18 -25.96
CA LEU E 55 2.35 -0.76 -26.58
C LEU E 55 1.22 0.27 -26.60
N VAL E 56 1.58 1.46 -27.04
CA VAL E 56 0.73 2.64 -27.31
C VAL E 56 0.25 3.32 -26.04
N SER E 57 -0.29 2.56 -25.10
CA SER E 57 -1.06 3.14 -24.00
C SER E 57 -0.73 2.61 -22.63
N LYS E 58 0.25 1.71 -22.51
CA LYS E 58 0.53 1.07 -21.24
C LYS E 58 1.59 1.86 -20.49
N LEU E 59 1.29 2.21 -19.24
CA LEU E 59 2.17 3.03 -18.43
C LEU E 59 3.21 2.17 -17.74
N ASP E 60 4.47 2.58 -17.81
CA ASP E 60 5.50 1.89 -17.07
C ASP E 60 5.38 2.13 -15.56
N SER E 61 5.84 1.17 -14.79
CA SER E 61 5.91 1.38 -13.36
C SER E 61 6.86 2.53 -13.07
N GLY E 62 6.55 3.28 -12.01
CA GLY E 62 7.33 4.44 -11.68
C GLY E 62 7.06 5.66 -12.52
N VAL E 63 5.94 5.68 -13.24
CA VAL E 63 5.54 6.82 -14.06
C VAL E 63 4.21 7.35 -13.54
N PRO E 64 4.08 8.65 -13.26
CA PRO E 64 2.80 9.17 -12.77
C PRO E 64 1.66 9.03 -13.78
N ASP E 65 0.45 8.79 -13.25
CA ASP E 65 -0.76 8.63 -14.06
C ASP E 65 -1.21 9.91 -14.75
N ARG E 66 -0.53 11.04 -14.52
CA ARG E 66 -0.75 12.22 -15.34
C ARG E 66 -0.38 11.98 -16.80
N PHE E 67 0.45 10.97 -17.06
CA PHE E 67 0.86 10.63 -18.42
C PHE E 67 -0.07 9.58 -19.00
N SER E 68 -0.40 9.74 -20.28
CA SER E 68 -1.22 8.76 -20.98
C SER E 68 -0.92 8.77 -22.47
N GLY E 69 -1.07 7.60 -23.09
CA GLY E 69 -0.85 7.46 -24.51
C GLY E 69 -2.07 6.87 -25.19
N SER E 70 -2.25 7.23 -26.46
CA SER E 70 -3.38 6.77 -27.25
C SER E 70 -3.00 6.74 -28.72
N GLY E 71 -3.91 6.23 -29.53
CA GLY E 71 -3.72 6.20 -30.96
C GLY E 71 -3.74 4.79 -31.51
N SER E 72 -3.55 4.73 -32.82
CA SER E 72 -3.59 3.47 -33.56
C SER E 72 -3.11 3.76 -34.97
N GLY E 73 -2.64 2.70 -35.64
CA GLY E 73 -2.27 2.79 -37.03
C GLY E 73 -1.04 3.64 -37.26
N THR E 74 -1.26 4.88 -37.73
CA THR E 74 -0.20 5.81 -38.03
C THR E 74 -0.23 7.04 -37.13
N ASP E 75 -1.16 7.16 -36.20
CA ASP E 75 -1.32 8.40 -35.43
C ASP E 75 -1.39 8.12 -33.95
N PHE E 76 -0.48 8.74 -33.19
CA PHE E 76 -0.35 8.49 -31.77
C PHE E 76 -0.17 9.80 -31.02
N THR E 77 -0.56 9.77 -29.74
CA THR E 77 -0.54 10.97 -28.92
C THR E 77 -0.13 10.66 -27.49
N LEU E 78 0.80 11.46 -26.96
CA LEU E 78 1.15 11.45 -25.55
C LEU E 78 0.49 12.67 -24.91
N LYS E 79 -0.21 12.46 -23.80
CA LYS E 79 -0.86 13.56 -23.08
C LYS E 79 -0.34 13.62 -21.65
N ILE E 80 -0.17 14.84 -21.15
CA ILE E 80 0.10 15.10 -19.71
C ILE E 80 -1.14 15.86 -19.21
N SER E 81 -1.90 15.30 -18.28
CA SER E 81 -3.14 15.90 -17.75
C SER E 81 -2.85 17.29 -17.20
N ARG E 82 -1.83 17.40 -16.35
CA ARG E 82 -1.45 18.66 -15.69
C ARG E 82 0.07 18.66 -15.56
N VAL E 83 0.75 19.55 -16.26
CA VAL E 83 2.23 19.57 -16.30
C VAL E 83 2.76 19.94 -14.92
N GLU E 84 3.74 19.23 -14.41
CA GLU E 84 4.40 19.57 -13.14
C GLU E 84 5.78 20.12 -13.50
N ALA E 85 6.44 20.75 -12.55
CA ALA E 85 7.72 21.40 -12.84
C ALA E 85 8.75 20.41 -13.36
N GLU E 86 8.72 19.20 -12.85
CA GLU E 86 9.72 18.18 -13.14
C GLU E 86 9.51 17.49 -14.48
N ASP E 87 8.44 17.80 -15.20
CA ASP E 87 8.16 17.17 -16.48
C ASP E 87 9.01 17.72 -17.63
N LEU E 88 9.82 18.73 -17.38
CA LEU E 88 10.61 19.31 -18.45
C LEU E 88 11.71 18.35 -18.91
N GLY E 89 12.04 18.44 -20.18
CA GLY E 89 13.00 17.55 -20.81
C GLY E 89 12.58 17.23 -22.22
N VAL E 90 13.07 16.13 -22.78
CA VAL E 90 12.81 15.77 -24.17
C VAL E 90 12.05 14.47 -24.20
N TYR E 91 10.95 14.44 -24.97
CA TYR E 91 10.13 13.26 -25.15
C TYR E 91 10.33 12.75 -26.56
N TYR E 92 10.43 11.42 -26.71
CA TYR E 92 10.59 10.78 -28.00
C TYR E 92 9.56 9.68 -28.19
N CYS E 93 9.08 9.55 -29.42
CA CYS E 93 8.36 8.35 -29.81
C CYS E 93 9.34 7.36 -30.47
N LEU E 94 8.96 6.08 -30.44
CA LEU E 94 9.85 5.01 -30.87
C LEU E 94 8.97 3.88 -31.37
N GLN E 95 9.14 3.48 -32.64
CA GLN E 95 8.43 2.32 -33.18
C GLN E 95 9.33 1.10 -33.25
N SER E 96 8.80 -0.04 -32.85
CA SER E 96 9.52 -1.30 -32.91
C SER E 96 8.78 -2.37 -33.71
N THR E 97 7.76 -1.98 -34.48
CA THR E 97 7.03 -2.95 -35.30
C THR E 97 7.87 -3.41 -36.47
N HIS E 98 8.62 -2.48 -37.06
CA HIS E 98 9.38 -2.73 -38.28
C HIS E 98 10.85 -2.50 -38.01
N PHE E 99 11.70 -3.36 -38.59
CA PHE E 99 13.13 -3.09 -38.59
C PHE E 99 13.51 -2.26 -39.82
N PRO E 100 14.37 -1.25 -39.66
CA PRO E 100 15.02 -0.83 -38.41
C PRO E 100 14.06 -0.12 -37.49
N TYR E 101 14.23 -0.31 -36.18
CA TYR E 101 13.57 0.55 -35.21
C TYR E 101 13.89 2.00 -35.48
N THR E 102 12.90 2.89 -35.30
CA THR E 102 13.11 4.30 -35.58
C THR E 102 12.43 5.18 -34.55
N PHE E 103 13.01 6.37 -34.39
CA PHE E 103 12.64 7.32 -33.36
C PHE E 103 12.11 8.59 -34.01
N GLY E 104 11.11 9.19 -33.36
CA GLY E 104 10.78 10.58 -33.63
C GLY E 104 11.94 11.52 -33.32
N GLY E 105 11.88 12.73 -33.87
CA GLY E 105 12.95 13.69 -33.66
C GLY E 105 13.00 14.38 -32.31
N GLY E 106 12.02 14.16 -31.45
CA GLY E 106 11.99 14.63 -30.09
C GLY E 106 11.13 15.87 -29.95
N THR E 107 10.54 16.02 -28.78
CA THR E 107 9.85 17.24 -28.37
C THR E 107 10.46 17.71 -27.06
N LYS E 108 10.93 18.96 -27.03
CA LYS E 108 11.49 19.53 -25.81
C LYS E 108 10.39 20.29 -25.08
N LEU E 109 10.05 19.83 -23.89
CA LEU E 109 9.06 20.50 -23.05
C LEU E 109 9.77 21.47 -22.13
N GLU E 110 9.39 22.76 -22.23
CA GLU E 110 9.94 23.84 -21.42
C GLU E 110 8.81 24.40 -20.56
N ILE E 111 9.16 24.88 -19.39
CA ILE E 111 8.20 25.39 -18.41
C ILE E 111 8.16 26.92 -18.51
N LYS E 112 6.95 27.46 -18.70
CA LYS E 112 6.73 28.90 -18.63
C LYS E 112 6.50 29.29 -17.17
N ARG E 113 7.17 30.33 -16.72
CA ARG E 113 6.99 30.78 -15.35
C ARG E 113 7.08 32.29 -15.34
N THR E 114 6.95 32.88 -14.15
CA THR E 114 7.09 34.32 -14.04
C THR E 114 8.54 34.74 -14.22
N VAL E 115 8.72 36.02 -14.54
CA VAL E 115 10.06 36.58 -14.66
C VAL E 115 10.77 36.50 -13.34
N ALA E 116 12.07 36.19 -13.40
CA ALA E 116 12.90 36.11 -12.20
C ALA E 116 14.23 36.78 -12.53
N ALA E 117 14.59 37.83 -11.79
CA ALA E 117 15.87 38.48 -12.05
C ALA E 117 17.02 37.59 -11.59
N PRO E 118 18.17 37.69 -12.25
CA PRO E 118 19.34 36.96 -11.77
C PRO E 118 19.97 37.61 -10.55
N SER E 119 20.52 36.76 -9.68
CA SER E 119 21.48 37.19 -8.68
C SER E 119 22.87 37.08 -9.29
N VAL E 120 23.63 38.16 -9.22
CA VAL E 120 24.86 38.31 -9.99
C VAL E 120 26.05 38.30 -9.04
N PHE E 121 27.09 37.53 -9.41
CA PHE E 121 28.30 37.40 -8.61
C PHE E 121 29.52 37.49 -9.53
N ILE E 122 30.60 38.13 -9.08
CA ILE E 122 31.81 38.23 -9.88
C ILE E 122 32.97 37.64 -9.08
N PHE E 123 33.86 36.94 -9.79
CA PHE E 123 34.96 36.21 -9.18
C PHE E 123 36.28 36.59 -9.86
N PRO E 124 37.26 37.10 -9.13
CA PRO E 124 38.56 37.36 -9.75
C PRO E 124 39.32 36.07 -10.00
N PRO E 125 40.34 36.10 -10.85
CA PRO E 125 41.23 34.95 -10.99
C PRO E 125 41.92 34.63 -9.68
N SER E 126 42.13 33.33 -9.46
CA SER E 126 42.91 32.87 -8.31
C SER E 126 44.38 33.21 -8.51
N ASP E 127 45.11 33.31 -7.40
CA ASP E 127 46.56 33.52 -7.50
C ASP E 127 47.22 32.30 -8.13
N GLU E 128 46.72 31.10 -7.80
CA GLU E 128 47.24 29.88 -8.39
C GLU E 128 47.21 29.96 -9.91
N GLN E 129 46.06 30.36 -10.48
CA GLN E 129 46.00 30.45 -11.93
C GLN E 129 46.95 31.52 -12.47
N LEU E 130 47.10 32.63 -11.73
CA LEU E 130 47.90 33.74 -12.23
C LEU E 130 49.35 33.33 -12.41
N LYS E 131 49.90 32.55 -11.48
CA LYS E 131 51.25 32.02 -11.63
C LYS E 131 51.45 31.35 -12.98
N SER E 132 50.38 30.78 -13.55
CA SER E 132 50.47 30.01 -14.79
C SER E 132 50.46 30.88 -16.05
N GLY E 133 50.25 32.19 -15.93
CA GLY E 133 50.30 33.07 -17.08
C GLY E 133 48.97 33.44 -17.70
N THR E 134 47.84 32.97 -17.15
CA THR E 134 46.52 33.29 -17.67
C THR E 134 45.64 33.73 -16.51
N ALA E 135 44.64 34.54 -16.83
CA ALA E 135 43.67 35.01 -15.83
C ALA E 135 42.27 34.79 -16.35
N SER E 136 41.44 34.10 -15.57
CA SER E 136 40.04 33.88 -15.88
C SER E 136 39.23 34.68 -14.88
N VAL E 137 38.39 35.59 -15.38
CA VAL E 137 37.41 36.32 -14.57
C VAL E 137 36.02 35.77 -14.88
N VAL E 138 35.28 35.37 -13.85
CA VAL E 138 33.99 34.69 -14.02
C VAL E 138 32.89 35.57 -13.46
N CYS E 139 31.83 35.73 -14.24
CA CYS E 139 30.59 36.38 -13.83
C CYS E 139 29.48 35.32 -13.79
N LEU E 140 28.82 35.18 -12.64
CA LEU E 140 27.73 34.22 -12.46
C LEU E 140 26.38 34.95 -12.43
N LEU E 141 25.45 34.55 -13.29
CA LEU E 141 24.05 34.98 -13.24
C LEU E 141 23.21 33.81 -12.71
N ASN E 142 22.68 33.93 -11.51
CA ASN E 142 22.09 32.78 -10.86
C ASN E 142 20.56 32.85 -10.82
N ASN E 143 19.92 31.79 -11.30
CA ASN E 143 18.50 31.47 -11.06
C ASN E 143 17.56 32.54 -11.60
N PHE E 144 17.59 32.71 -12.93
CA PHE E 144 16.79 33.73 -13.59
C PHE E 144 15.87 33.12 -14.64
N TYR E 145 14.88 33.89 -15.08
CA TYR E 145 13.93 33.48 -16.09
C TYR E 145 13.38 34.75 -16.73
N PRO E 146 13.27 34.85 -18.06
CA PRO E 146 13.60 33.84 -19.07
C PRO E 146 15.10 33.74 -19.35
N ARG E 147 15.42 32.84 -20.29
CA ARG E 147 16.81 32.47 -20.55
C ARG E 147 17.63 33.61 -21.15
N GLU E 148 16.96 34.53 -21.85
CA GLU E 148 17.66 35.64 -22.49
C GLU E 148 18.27 36.58 -21.46
N ALA E 149 19.55 36.84 -21.61
CA ALA E 149 20.28 37.76 -20.75
C ALA E 149 21.45 38.31 -21.56
N LYS E 150 21.85 39.53 -21.24
CA LYS E 150 23.00 40.19 -21.86
C LYS E 150 24.06 40.42 -20.78
N VAL E 151 25.26 39.92 -21.02
CA VAL E 151 26.40 40.17 -20.13
C VAL E 151 27.44 40.97 -20.89
N GLN E 152 27.89 42.06 -20.29
CA GLN E 152 28.86 42.96 -20.90
C GLN E 152 30.02 43.09 -19.91
N TRP E 153 31.24 42.79 -20.37
CA TRP E 153 32.42 42.95 -19.55
C TRP E 153 33.02 44.32 -19.77
N LYS E 154 33.50 44.95 -18.71
CA LYS E 154 34.24 46.20 -18.80
C LYS E 154 35.50 46.08 -17.96
N VAL E 155 36.62 46.50 -18.54
CA VAL E 155 37.91 46.55 -17.86
C VAL E 155 38.33 48.01 -17.83
N ASP E 156 38.57 48.54 -16.63
CA ASP E 156 38.88 49.96 -16.47
C ASP E 156 37.89 50.81 -17.24
N ASN E 157 36.62 50.39 -17.21
CA ASN E 157 35.48 51.03 -17.85
C ASN E 157 35.45 50.86 -19.36
N ALA E 158 36.41 50.16 -19.95
CA ALA E 158 36.40 49.92 -21.39
C ALA E 158 35.66 48.63 -21.72
N LEU E 159 34.77 48.70 -22.72
CA LEU E 159 33.95 47.57 -23.11
C LEU E 159 34.81 46.50 -23.77
N GLN E 160 34.62 45.25 -23.35
CA GLN E 160 35.35 44.12 -23.93
C GLN E 160 34.53 43.49 -25.03
N SER E 161 35.21 42.94 -26.03
CA SER E 161 34.57 42.06 -26.98
C SER E 161 35.57 41.01 -27.43
N GLY E 162 35.07 39.83 -27.78
CA GLY E 162 35.87 38.79 -28.38
C GLY E 162 36.69 37.95 -27.43
N ASN E 163 36.71 38.26 -26.14
CA ASN E 163 37.55 37.55 -25.18
C ASN E 163 36.75 36.94 -24.04
N SER E 164 35.48 36.61 -24.28
CA SER E 164 34.67 35.96 -23.29
C SER E 164 33.86 34.85 -23.94
N GLN E 165 33.46 33.88 -23.11
CA GLN E 165 32.58 32.81 -23.54
C GLN E 165 31.52 32.61 -22.47
N GLU E 166 30.33 32.22 -22.91
CA GLU E 166 29.20 31.98 -22.03
C GLU E 166 28.76 30.52 -22.05
N SER E 167 28.20 30.09 -20.94
CA SER E 167 27.57 28.79 -20.81
C SER E 167 26.29 28.94 -20.00
N VAL E 168 25.23 28.27 -20.41
CA VAL E 168 23.95 28.31 -19.73
C VAL E 168 23.53 26.93 -19.29
N THR E 169 22.99 26.82 -18.07
CA THR E 169 22.46 25.56 -17.58
C THR E 169 21.15 25.21 -18.29
N GLU E 170 20.80 23.93 -18.20
CA GLU E 170 19.44 23.53 -18.57
C GLU E 170 18.45 24.07 -17.55
N GLN E 171 17.20 24.19 -17.98
CA GLN E 171 16.14 24.65 -17.08
C GLN E 171 16.03 23.76 -15.84
N ASP E 172 15.93 24.39 -14.67
CA ASP E 172 15.91 23.67 -13.41
C ASP E 172 14.59 22.95 -13.20
N SER E 173 14.68 21.71 -12.72
CA SER E 173 13.49 20.88 -12.60
C SER E 173 12.61 21.25 -11.42
N LYS E 174 13.05 22.12 -10.51
CA LYS E 174 12.23 22.51 -9.36
C LYS E 174 11.71 23.94 -9.47
N ASP E 175 12.55 24.90 -9.82
CA ASP E 175 12.14 26.31 -9.88
C ASP E 175 12.07 26.85 -11.30
N SER E 176 12.38 26.03 -12.31
CA SER E 176 12.18 26.37 -13.72
C SER E 176 13.04 27.55 -14.17
N THR E 177 14.16 27.80 -13.50
CA THR E 177 15.06 28.90 -13.85
C THR E 177 16.31 28.39 -14.57
N TYR E 178 17.10 29.34 -15.02
CA TYR E 178 18.38 29.13 -15.66
C TYR E 178 19.47 29.84 -14.85
N SER E 179 20.70 29.39 -15.04
CA SER E 179 21.84 30.14 -14.59
C SER E 179 22.84 30.20 -15.73
N LEU E 180 23.74 31.18 -15.65
CA LEU E 180 24.65 31.46 -16.76
C LEU E 180 26.02 31.86 -16.22
N SER E 181 27.07 31.35 -16.86
CA SER E 181 28.42 31.78 -16.54
C SER E 181 29.00 32.52 -17.75
N SER E 182 29.71 33.59 -17.48
CA SER E 182 30.48 34.27 -18.52
C SER E 182 31.92 34.36 -18.03
N THR E 183 32.85 33.98 -18.88
CA THR E 183 34.24 33.86 -18.48
C THR E 183 35.05 34.76 -19.40
N LEU E 184 35.71 35.75 -18.80
CA LEU E 184 36.63 36.64 -19.49
C LEU E 184 38.05 36.08 -19.32
N THR E 185 38.77 35.92 -20.41
CA THR E 185 40.09 35.29 -20.40
C THR E 185 41.14 36.28 -20.87
N LEU E 186 42.10 36.58 -20.00
CA LEU E 186 43.23 37.43 -20.37
C LEU E 186 44.55 36.75 -20.01
N SER E 187 45.60 37.20 -20.69
CA SER E 187 46.95 36.90 -20.24
C SER E 187 47.17 37.52 -18.87
N LYS E 188 48.11 36.94 -18.12
CA LYS E 188 48.50 37.55 -16.87
C LYS E 188 48.98 38.97 -17.11
N ALA E 189 49.62 39.20 -18.25
CA ALA E 189 50.14 40.53 -18.56
C ALA E 189 49.03 41.57 -18.56
N ASP E 190 47.99 41.34 -19.36
CA ASP E 190 46.91 42.30 -19.46
C ASP E 190 46.16 42.44 -18.16
N TYR E 191 45.92 41.32 -17.46
CA TYR E 191 45.16 41.42 -16.22
C TYR E 191 45.83 42.38 -15.24
N GLU E 192 47.16 42.31 -15.14
CA GLU E 192 47.87 43.16 -14.18
C GLU E 192 47.95 44.61 -14.65
N LYS E 193 47.79 44.85 -15.96
CA LYS E 193 47.78 46.21 -16.49
C LYS E 193 46.60 47.05 -15.96
N HIS E 194 45.47 46.42 -15.66
CA HIS E 194 44.23 47.14 -15.42
C HIS E 194 43.75 46.92 -14.01
N LYS E 195 42.84 47.79 -13.55
CA LYS E 195 42.45 47.83 -12.14
C LYS E 195 41.03 47.36 -11.87
N VAL E 196 40.05 47.89 -12.57
CA VAL E 196 38.64 47.67 -12.26
C VAL E 196 38.07 46.65 -13.23
N TYR E 197 37.51 45.59 -12.69
CA TYR E 197 36.91 44.53 -13.48
C TYR E 197 35.43 44.46 -13.16
N ALA E 198 34.59 44.58 -14.18
CA ALA E 198 33.15 44.64 -13.96
C ALA E 198 32.38 43.87 -15.02
N CYS E 199 31.31 43.18 -14.59
CA CYS E 199 30.35 42.63 -15.53
C CYS E 199 29.00 43.28 -15.28
N GLU E 200 28.36 43.68 -16.36
CA GLU E 200 27.09 44.40 -16.32
C GLU E 200 26.02 43.53 -16.97
N VAL E 201 24.95 43.29 -16.24
CA VAL E 201 23.92 42.34 -16.62
C VAL E 201 22.63 43.09 -16.94
N THR E 202 22.07 42.79 -18.09
CA THR E 202 20.78 43.30 -18.54
C THR E 202 19.82 42.12 -18.69
N HIS E 203 18.66 42.22 -18.05
CA HIS E 203 17.70 41.12 -18.03
C HIS E 203 16.30 41.67 -17.79
N GLN E 204 15.30 41.00 -18.38
CA GLN E 204 13.89 41.40 -18.21
C GLN E 204 13.48 41.63 -16.77
N GLY E 205 14.04 40.86 -15.85
CA GLY E 205 13.61 40.99 -14.45
C GLY E 205 14.30 42.07 -13.67
N LEU E 206 15.20 42.81 -14.31
CA LEU E 206 15.94 43.89 -13.67
C LEU E 206 15.37 45.21 -14.19
N SER E 207 15.10 46.14 -13.28
CA SER E 207 14.57 47.43 -13.74
C SER E 207 15.65 48.29 -14.36
N SER E 208 16.90 48.07 -13.98
CA SER E 208 18.03 48.71 -14.63
C SER E 208 19.19 47.71 -14.58
N PRO E 209 20.16 47.84 -15.47
CA PRO E 209 21.27 46.87 -15.47
C PRO E 209 22.01 46.87 -14.15
N VAL E 210 22.52 45.68 -13.78
CA VAL E 210 23.21 45.46 -12.53
C VAL E 210 24.68 45.28 -12.86
N THR E 211 25.56 45.92 -12.09
CA THR E 211 26.99 45.75 -12.25
C THR E 211 27.62 45.19 -10.99
N LYS E 212 28.38 44.10 -11.14
CA LYS E 212 29.23 43.61 -10.07
C LYS E 212 30.67 43.83 -10.51
N SER E 213 31.52 44.21 -9.57
CA SER E 213 32.87 44.58 -9.97
C SER E 213 33.80 44.43 -8.78
N PHE E 214 35.10 44.37 -9.10
CA PHE E 214 36.14 44.34 -8.08
C PHE E 214 37.34 45.13 -8.60
N ASN E 215 38.21 45.50 -7.65
CA ASN E 215 39.51 46.10 -7.93
C ASN E 215 40.59 45.06 -7.70
N ARG E 216 41.49 44.90 -8.67
CA ARG E 216 42.49 43.84 -8.65
C ARG E 216 43.40 43.87 -7.40
N GLY F 7 6.50 -27.29 -33.61
CA GLY F 7 6.05 -28.31 -32.66
C GLY F 7 5.78 -27.70 -31.30
N ALA F 8 6.03 -28.46 -30.24
CA ALA F 8 5.74 -28.00 -28.87
C ALA F 8 6.65 -26.82 -28.46
N GLY F 9 7.76 -26.60 -29.18
CA GLY F 9 8.65 -25.45 -28.91
C GLY F 9 9.30 -25.56 -27.54
N LEU F 10 9.56 -26.76 -27.06
CA LEU F 10 10.11 -26.97 -25.69
C LEU F 10 11.58 -26.58 -25.67
N ALA F 11 12.37 -27.05 -26.64
CA ALA F 11 13.79 -26.71 -26.74
C ALA F 11 13.88 -25.20 -26.97
N ASP F 12 13.00 -24.65 -27.79
CA ASP F 12 12.96 -23.20 -28.06
C ASP F 12 12.73 -22.48 -26.72
N ALA F 13 11.78 -22.92 -25.91
CA ALA F 13 11.52 -22.27 -24.63
C ALA F 13 12.76 -22.29 -23.74
N LEU F 14 13.57 -23.33 -23.81
CA LEU F 14 14.74 -23.45 -22.94
C LEU F 14 15.97 -22.70 -23.47
N THR F 15 15.89 -22.13 -24.65
CA THR F 15 17.04 -21.53 -25.33
C THR F 15 16.85 -20.07 -25.73
N ALA F 16 15.70 -19.66 -25.99
CA ALA F 16 15.49 -18.37 -26.63
C ALA F 16 15.21 -17.28 -25.61
N PRO F 17 15.62 -16.05 -25.93
CA PRO F 17 15.16 -14.90 -25.15
C PRO F 17 13.68 -14.65 -25.31
N LEU F 18 13.15 -13.95 -24.31
CA LEU F 18 11.76 -13.52 -24.38
C LEU F 18 11.54 -12.65 -25.61
N ASP F 19 10.35 -12.73 -26.18
CA ASP F 19 10.08 -11.98 -27.40
C ASP F 19 8.60 -11.65 -27.38
N HIS F 20 8.25 -10.38 -27.26
CA HIS F 20 6.84 -10.05 -27.16
C HIS F 20 6.07 -10.32 -28.45
N LYS F 21 6.74 -10.39 -29.62
CA LYS F 21 6.06 -10.73 -30.86
C LYS F 21 5.64 -12.19 -30.92
N ASP F 22 6.19 -13.06 -30.07
CA ASP F 22 5.66 -14.41 -29.92
C ASP F 22 4.24 -14.38 -29.33
N LYS F 23 3.54 -15.51 -29.47
CA LYS F 23 2.17 -15.60 -28.96
C LYS F 23 2.16 -15.55 -27.44
N GLY F 24 1.40 -14.62 -26.88
CA GLY F 24 1.31 -14.53 -25.44
C GLY F 24 0.50 -15.68 -24.87
N LEU F 25 0.65 -15.89 -23.57
CA LEU F 25 1.49 -15.17 -22.62
C LEU F 25 2.98 -15.45 -22.86
N GLN F 26 3.80 -14.42 -22.96
CA GLN F 26 5.18 -14.63 -23.41
C GLN F 26 6.15 -14.98 -22.29
N SER F 27 5.87 -14.61 -21.05
CA SER F 27 6.78 -14.93 -19.96
C SER F 27 5.98 -15.18 -18.69
N LEU F 28 6.53 -16.02 -17.84
CA LEU F 28 6.00 -16.31 -16.51
C LEU F 28 7.17 -16.22 -15.53
N THR F 29 7.03 -15.41 -14.49
CA THR F 29 8.07 -15.30 -13.46
C THR F 29 7.95 -16.48 -12.50
N LEU F 30 9.06 -17.21 -12.33
CA LEU F 30 9.10 -18.38 -11.45
C LEU F 30 9.41 -17.89 -10.05
N ASP F 31 8.42 -17.86 -9.18
CA ASP F 31 8.64 -17.46 -7.79
C ASP F 31 8.34 -18.61 -6.86
N GLN F 32 7.11 -19.11 -6.87
CA GLN F 32 6.76 -20.30 -6.11
C GLN F 32 7.46 -21.52 -6.63
N SER F 33 7.78 -21.54 -7.94
CA SER F 33 8.29 -22.76 -8.56
C SER F 33 9.75 -23.03 -8.20
N VAL F 34 10.47 -22.01 -7.78
CA VAL F 34 11.89 -22.16 -7.42
C VAL F 34 12.09 -21.40 -6.13
N ARG F 35 12.37 -22.10 -5.05
CA ARG F 35 12.56 -21.45 -3.74
C ARG F 35 13.93 -20.81 -3.69
N LYS F 36 14.05 -19.77 -2.90
CA LYS F 36 15.39 -19.20 -2.64
C LYS F 36 16.27 -20.34 -2.14
N ASN F 37 17.56 -20.31 -2.41
CA ASN F 37 18.56 -21.33 -1.99
C ASN F 37 18.51 -22.56 -2.88
N GLU F 38 17.61 -22.61 -3.84
CA GLU F 38 17.46 -23.78 -4.73
C GLU F 38 17.56 -23.38 -6.19
N LYS F 39 17.75 -24.38 -7.03
CA LYS F 39 17.77 -24.21 -8.47
C LYS F 39 16.86 -25.27 -9.06
N LEU F 40 16.25 -24.94 -10.18
CA LEU F 40 15.38 -25.83 -10.90
C LEU F 40 15.94 -26.03 -12.31
N LYS F 41 16.28 -27.28 -12.66
CA LYS F 41 16.78 -27.56 -13.98
C LYS F 41 15.69 -28.27 -14.77
N LEU F 42 15.35 -27.71 -15.92
CA LEU F 42 14.36 -28.26 -16.84
C LEU F 42 15.07 -28.81 -18.08
N ALA F 43 14.54 -29.91 -18.61
CA ALA F 43 15.11 -30.51 -19.81
C ALA F 43 14.01 -31.06 -20.70
N ALA F 44 14.19 -30.89 -22.00
CA ALA F 44 13.27 -31.42 -23.00
C ALA F 44 13.90 -31.28 -24.38
N GLN F 45 13.60 -32.24 -25.26
CA GLN F 45 13.95 -32.12 -26.68
C GLN F 45 15.44 -31.79 -26.86
N GLY F 46 16.30 -32.41 -26.05
CA GLY F 46 17.73 -32.23 -26.17
C GLY F 46 18.31 -30.95 -25.59
N ALA F 47 17.50 -30.12 -24.97
CA ALA F 47 17.95 -28.86 -24.40
C ALA F 47 17.76 -28.92 -22.89
N GLU F 48 18.46 -28.01 -22.21
CA GLU F 48 18.29 -27.87 -20.77
C GLU F 48 18.55 -26.44 -20.33
N LYS F 49 17.95 -26.06 -19.20
CA LYS F 49 18.13 -24.71 -18.66
C LYS F 49 17.92 -24.77 -17.15
N THR F 50 18.74 -24.03 -16.42
CA THR F 50 18.67 -23.92 -14.96
C THR F 50 18.14 -22.57 -14.54
N TYR F 51 17.14 -22.58 -13.64
CA TYR F 51 16.44 -21.40 -13.17
C TYR F 51 16.62 -21.19 -11.67
N GLY F 52 16.67 -19.91 -11.28
CA GLY F 52 16.64 -19.52 -9.90
C GLY F 52 15.38 -18.73 -9.59
N ASN F 53 15.14 -18.50 -8.31
CA ASN F 53 13.96 -17.75 -7.91
C ASN F 53 13.92 -16.38 -8.59
N GLY F 54 12.77 -16.07 -9.18
CA GLY F 54 12.54 -14.81 -9.81
C GLY F 54 12.91 -14.78 -11.27
N ASP F 55 13.44 -15.87 -11.80
CA ASP F 55 13.81 -15.92 -13.21
C ASP F 55 12.56 -16.14 -14.05
N SER F 56 12.63 -15.73 -15.34
CA SER F 56 11.52 -15.91 -16.25
C SER F 56 11.56 -17.23 -16.99
N LEU F 57 10.38 -17.80 -17.17
CA LEU F 57 10.15 -18.93 -18.04
C LEU F 57 9.55 -18.44 -19.35
N ASN F 58 10.16 -18.87 -20.48
CA ASN F 58 9.74 -18.40 -21.80
C ASN F 58 8.57 -19.23 -22.32
N THR F 59 7.40 -18.86 -21.87
CA THR F 59 6.16 -19.48 -22.31
C THR F 59 5.77 -19.06 -23.72
N GLY F 60 6.35 -17.97 -24.25
CA GLY F 60 5.99 -17.51 -25.58
C GLY F 60 6.26 -18.58 -26.63
N LYS F 61 7.26 -19.42 -26.39
CA LYS F 61 7.57 -20.47 -27.36
C LYS F 61 6.66 -21.70 -27.27
N LEU F 62 5.89 -21.81 -26.19
CA LEU F 62 5.05 -23.00 -25.94
C LEU F 62 3.68 -22.88 -26.63
N LYS F 63 2.95 -23.98 -26.71
CA LYS F 63 1.62 -24.02 -27.35
C LYS F 63 0.56 -23.54 -26.36
N ASN F 64 -0.41 -22.78 -26.84
CA ASN F 64 -1.52 -22.30 -26.01
C ASN F 64 -2.58 -23.38 -25.79
N ASP F 65 -3.24 -23.37 -24.64
CA ASP F 65 -4.39 -24.26 -24.34
C ASP F 65 -3.95 -25.72 -24.26
N LYS F 66 -2.71 -25.94 -23.90
CA LYS F 66 -2.15 -27.29 -23.77
C LYS F 66 -1.18 -27.36 -22.61
N VAL F 67 -1.01 -28.53 -22.02
CA VAL F 67 0.05 -28.76 -21.03
C VAL F 67 1.35 -29.06 -21.77
N SER F 68 2.39 -28.30 -21.46
CA SER F 68 3.74 -28.57 -21.94
C SER F 68 4.51 -29.25 -20.81
N ARG F 69 5.31 -30.26 -21.15
CA ARG F 69 5.92 -31.14 -20.17
C ARG F 69 7.43 -31.15 -20.31
N PHE F 70 8.11 -30.96 -19.20
CA PHE F 70 9.56 -31.00 -19.10
C PHE F 70 9.99 -31.98 -18.02
N ASP F 71 11.16 -32.58 -18.17
CA ASP F 71 11.76 -33.21 -17.02
C ASP F 71 12.33 -32.14 -16.10
N PHE F 72 12.22 -32.33 -14.78
CA PHE F 72 12.82 -31.40 -13.81
C PHE F 72 13.69 -32.09 -12.78
N ILE F 73 14.70 -31.37 -12.32
CA ILE F 73 15.54 -31.78 -11.17
C ILE F 73 15.55 -30.55 -10.27
N ARG F 74 15.30 -30.70 -8.98
CA ARG F 74 15.43 -29.58 -8.03
C ARG F 74 16.79 -29.82 -7.39
N GLN F 75 17.63 -28.81 -7.27
CA GLN F 75 18.99 -29.00 -6.75
C GLN F 75 19.41 -27.90 -5.79
N ILE F 76 20.35 -28.16 -4.92
CA ILE F 76 20.99 -27.14 -4.08
C ILE F 76 22.49 -27.28 -4.26
N GLU F 77 23.20 -26.17 -4.15
CA GLU F 77 24.64 -26.13 -4.23
C GLU F 77 25.21 -26.11 -2.82
N VAL F 78 26.03 -27.10 -2.49
CA VAL F 78 26.62 -27.26 -1.16
C VAL F 78 28.14 -27.30 -1.32
N ASP F 79 28.80 -26.24 -0.87
CA ASP F 79 30.26 -26.13 -0.96
C ASP F 79 30.77 -26.56 -2.33
N GLY F 80 30.11 -26.06 -3.36
CA GLY F 80 30.58 -26.22 -4.71
C GLY F 80 30.04 -27.42 -5.45
N GLN F 81 29.27 -28.28 -4.78
CA GLN F 81 28.75 -29.49 -5.42
C GLN F 81 27.23 -29.40 -5.49
N LEU F 82 26.68 -29.95 -6.56
CA LEU F 82 25.25 -29.88 -6.84
C LEU F 82 24.60 -31.16 -6.31
N ILE F 83 23.60 -30.97 -5.48
CA ILE F 83 22.90 -32.03 -4.76
C ILE F 83 21.47 -32.07 -5.29
N THR F 84 21.04 -33.22 -5.79
CA THR F 84 19.68 -33.38 -6.32
C THR F 84 18.73 -33.77 -5.20
N LEU F 85 17.70 -32.94 -5.00
CA LEU F 85 16.72 -33.18 -3.95
C LEU F 85 15.46 -33.85 -4.45
N GLU F 86 15.07 -33.65 -5.70
CA GLU F 86 13.77 -34.05 -6.19
C GLU F 86 13.86 -34.12 -7.71
N SER F 87 13.07 -35.03 -8.30
CA SER F 87 12.93 -35.06 -9.75
C SER F 87 11.54 -35.50 -10.12
N GLY F 88 11.18 -35.22 -11.35
CA GLY F 88 9.87 -35.56 -11.87
C GLY F 88 9.60 -34.79 -13.16
N GLU F 89 8.31 -34.53 -13.38
CA GLU F 89 7.83 -33.79 -14.54
C GLU F 89 7.32 -32.42 -14.11
N PHE F 90 7.69 -31.41 -14.89
CA PHE F 90 7.24 -30.02 -14.73
C PHE F 90 6.25 -29.73 -15.83
N GLN F 91 5.10 -29.23 -15.45
CA GLN F 91 3.98 -29.01 -16.36
C GLN F 91 3.70 -27.52 -16.43
N VAL F 92 3.45 -27.03 -17.63
CA VAL F 92 3.12 -25.63 -17.88
C VAL F 92 1.84 -25.62 -18.70
N TYR F 93 0.84 -24.88 -18.24
CA TYR F 93 -0.36 -24.64 -19.02
C TYR F 93 -0.43 -23.17 -19.40
N LYS F 94 -0.48 -22.89 -20.69
CA LYS F 94 -0.37 -21.54 -21.22
C LYS F 94 -1.69 -21.05 -21.82
N GLN F 95 -2.14 -19.88 -21.36
CA GLN F 95 -3.20 -19.14 -22.04
C GLN F 95 -2.62 -17.84 -22.59
N SER F 96 -3.47 -16.93 -23.06
CA SER F 96 -2.98 -15.73 -23.73
C SER F 96 -2.62 -14.60 -22.78
N HIS F 97 -3.19 -14.58 -21.58
CA HIS F 97 -2.93 -13.53 -20.62
C HIS F 97 -2.54 -14.11 -19.26
N SER F 98 -2.40 -15.43 -19.18
CA SER F 98 -2.21 -16.15 -17.93
C SER F 98 -1.53 -17.48 -18.26
N ALA F 99 -0.86 -18.00 -17.24
CA ALA F 99 -0.27 -19.33 -17.34
C ALA F 99 -0.02 -19.86 -15.95
N LEU F 100 0.18 -21.18 -15.88
CA LEU F 100 0.48 -21.74 -14.57
C LEU F 100 1.39 -22.94 -14.72
N THR F 101 2.08 -23.24 -13.65
CA THR F 101 2.99 -24.37 -13.58
C THR F 101 2.58 -25.34 -12.49
N ALA F 102 3.09 -26.57 -12.64
CA ALA F 102 2.82 -27.64 -11.69
C ALA F 102 3.96 -28.65 -11.73
N PHE F 103 4.12 -29.35 -10.61
CA PHE F 103 5.13 -30.37 -10.42
C PHE F 103 4.49 -31.70 -10.13
N GLN F 104 4.86 -32.71 -10.90
CA GLN F 104 4.59 -34.11 -10.60
C GLN F 104 5.90 -34.69 -10.10
N THR F 105 6.04 -34.78 -8.78
CA THR F 105 7.20 -35.43 -8.21
C THR F 105 7.14 -36.91 -8.50
N GLU F 106 8.29 -37.47 -8.82
CA GLU F 106 8.47 -38.92 -8.95
C GLU F 106 9.56 -39.48 -8.04
N GLN F 107 10.59 -38.72 -7.69
CA GLN F 107 11.66 -39.17 -6.82
C GLN F 107 12.08 -38.05 -5.88
N ILE F 108 12.44 -38.44 -4.65
CA ILE F 108 13.05 -37.54 -3.68
C ILE F 108 14.26 -38.22 -3.09
N GLN F 109 15.02 -37.46 -2.32
CA GLN F 109 16.14 -38.02 -1.57
C GLN F 109 15.68 -39.10 -0.60
N ASP F 110 16.45 -40.20 -0.56
CA ASP F 110 16.23 -41.31 0.37
C ASP F 110 16.90 -40.97 1.69
N SER F 111 16.11 -40.48 2.64
CA SER F 111 16.62 -40.24 3.98
C SER F 111 17.23 -41.53 4.54
N GLY F 115 22.36 -39.52 -0.78
CA GLY F 115 22.98 -39.93 -2.02
C GLY F 115 22.14 -40.89 -2.87
N LYS F 116 21.19 -41.58 -2.24
CA LYS F 116 20.24 -42.43 -2.94
C LYS F 116 18.91 -41.68 -3.08
N MET F 117 18.13 -42.07 -4.09
CA MET F 117 16.79 -41.54 -4.34
C MET F 117 15.77 -42.62 -4.04
N VAL F 118 14.56 -42.20 -3.68
CA VAL F 118 13.45 -43.11 -3.46
C VAL F 118 12.24 -42.59 -4.22
N ALA F 119 11.43 -43.50 -4.74
CA ALA F 119 10.21 -43.11 -5.43
C ALA F 119 9.21 -42.50 -4.46
N LYS F 120 8.63 -41.39 -4.87
CA LYS F 120 7.62 -40.70 -4.09
C LYS F 120 6.83 -39.84 -5.07
N ARG F 121 5.50 -39.90 -4.98
CA ARG F 121 4.63 -39.20 -5.91
C ARG F 121 3.82 -38.15 -5.20
N GLN F 122 3.78 -36.96 -5.78
CA GLN F 122 3.13 -35.81 -5.19
C GLN F 122 2.87 -34.86 -6.35
N PHE F 123 1.76 -34.15 -6.31
CA PHE F 123 1.43 -33.18 -7.34
C PHE F 123 1.09 -31.86 -6.65
N ARG F 124 1.74 -30.78 -7.07
CA ARG F 124 1.52 -29.47 -6.50
C ARG F 124 1.49 -28.43 -7.60
N ILE F 125 0.76 -27.35 -7.37
CA ILE F 125 0.78 -26.21 -8.28
C ILE F 125 1.96 -25.33 -7.89
N GLY F 126 2.58 -24.72 -8.91
CA GLY F 126 3.67 -23.79 -8.69
C GLY F 126 3.22 -22.36 -8.78
N ASP F 127 3.52 -21.67 -9.87
CA ASP F 127 3.14 -20.29 -10.04
C ASP F 127 1.87 -20.19 -10.87
N ILE F 128 1.05 -19.20 -10.54
CA ILE F 128 -0.06 -18.77 -11.39
C ILE F 128 0.16 -17.28 -11.64
N ALA F 129 0.38 -16.91 -12.91
CA ALA F 129 0.70 -15.51 -13.16
C ALA F 129 0.21 -15.07 -14.53
N GLY F 130 0.39 -13.80 -14.80
CA GLY F 130 -0.02 -13.22 -16.07
C GLY F 130 -0.34 -11.75 -15.91
N GLU F 131 -1.14 -11.27 -16.86
CA GLU F 131 -1.59 -9.87 -16.90
C GLU F 131 -2.84 -9.74 -16.03
N HIS F 132 -2.61 -9.59 -14.73
CA HIS F 132 -3.70 -9.53 -13.77
C HIS F 132 -4.67 -8.39 -14.11
N THR F 133 -5.97 -8.65 -14.01
CA THR F 133 -6.99 -7.63 -14.23
C THR F 133 -7.17 -6.83 -12.95
N SER F 134 -7.12 -5.51 -13.06
CA SER F 134 -7.37 -4.65 -11.91
C SER F 134 -8.84 -4.72 -11.49
N PHE F 135 -9.06 -4.88 -10.18
CA PHE F 135 -10.41 -4.86 -9.64
C PHE F 135 -11.11 -3.56 -10.00
N ASP F 136 -10.36 -2.46 -10.02
CA ASP F 136 -10.92 -1.14 -10.30
C ASP F 136 -11.09 -0.86 -11.78
N LYS F 137 -10.78 -1.84 -12.64
CA LYS F 137 -10.95 -1.72 -14.07
C LYS F 137 -11.67 -2.93 -14.64
N LEU F 138 -12.59 -3.49 -13.87
CA LEU F 138 -13.42 -4.58 -14.34
C LEU F 138 -14.57 -4.03 -15.19
N PRO F 139 -15.13 -4.86 -16.06
CA PRO F 139 -16.39 -4.48 -16.70
C PRO F 139 -17.43 -4.13 -15.65
N GLU F 140 -18.27 -3.14 -15.96
CA GLU F 140 -19.28 -2.71 -15.00
C GLU F 140 -20.48 -3.64 -14.94
N GLY F 141 -20.73 -4.40 -15.99
CA GLY F 141 -21.84 -5.32 -16.01
C GLY F 141 -21.62 -6.38 -17.05
N GLY F 142 -22.67 -7.15 -17.28
CA GLY F 142 -22.60 -8.28 -18.19
C GLY F 142 -22.17 -9.54 -17.47
N ARG F 143 -22.20 -10.63 -18.22
CA ARG F 143 -21.95 -11.97 -17.73
C ARG F 143 -21.00 -12.67 -18.69
N ALA F 144 -19.82 -13.05 -18.19
CA ALA F 144 -18.83 -13.73 -19.00
C ALA F 144 -18.80 -15.22 -18.67
N THR F 145 -18.70 -16.04 -19.70
CA THR F 145 -18.50 -17.48 -19.57
C THR F 145 -17.08 -17.82 -19.97
N TYR F 146 -16.40 -18.59 -19.14
CA TYR F 146 -15.05 -19.04 -19.37
C TYR F 146 -15.04 -20.55 -19.53
N ARG F 147 -14.31 -21.06 -20.51
CA ARG F 147 -14.15 -22.48 -20.74
C ARG F 147 -12.67 -22.83 -20.80
N GLY F 148 -12.30 -23.94 -20.20
CA GLY F 148 -10.91 -24.33 -20.25
C GLY F 148 -10.63 -25.64 -19.56
N THR F 149 -9.48 -25.73 -18.89
CA THR F 149 -8.95 -27.00 -18.46
C THR F 149 -8.82 -27.02 -16.95
N ALA F 150 -9.05 -28.19 -16.38
CA ALA F 150 -8.67 -28.49 -15.01
C ALA F 150 -7.73 -29.67 -15.09
N PHE F 151 -6.57 -29.56 -14.45
CA PHE F 151 -5.62 -30.65 -14.49
C PHE F 151 -5.06 -30.96 -13.12
N GLY F 152 -4.86 -32.26 -12.89
CA GLY F 152 -4.30 -32.73 -11.66
C GLY F 152 -3.34 -33.86 -11.92
N SER F 153 -2.94 -34.54 -10.87
CA SER F 153 -1.98 -35.62 -11.03
C SER F 153 -2.46 -36.65 -12.05
N ASP F 154 -1.62 -36.89 -13.05
CA ASP F 154 -1.82 -37.89 -14.10
C ASP F 154 -3.06 -37.64 -14.94
N ASP F 155 -3.57 -36.39 -14.98
CA ASP F 155 -4.84 -36.16 -15.67
C ASP F 155 -4.95 -34.71 -16.11
N ALA F 156 -4.71 -34.45 -17.39
CA ALA F 156 -4.89 -33.13 -17.97
C ALA F 156 -6.19 -33.01 -18.76
N GLY F 157 -7.09 -33.99 -18.63
CA GLY F 157 -8.35 -34.02 -19.37
C GLY F 157 -9.55 -33.39 -18.72
N GLY F 158 -9.38 -32.76 -17.55
CA GLY F 158 -10.49 -32.10 -16.91
C GLY F 158 -10.94 -30.86 -17.65
N LYS F 159 -12.22 -30.55 -17.51
CA LYS F 159 -12.83 -29.40 -18.16
C LYS F 159 -13.37 -28.43 -17.11
N LEU F 160 -13.03 -27.16 -17.26
CA LEU F 160 -13.48 -26.12 -16.35
C LEU F 160 -14.47 -25.25 -17.09
N THR F 161 -15.60 -25.00 -16.45
CA THR F 161 -16.54 -23.96 -16.85
C THR F 161 -16.73 -22.99 -15.70
N TYR F 162 -16.75 -21.70 -16.00
CA TYR F 162 -16.85 -20.71 -14.96
C TYR F 162 -17.59 -19.51 -15.53
N THR F 163 -18.47 -18.91 -14.73
CA THR F 163 -19.20 -17.73 -15.13
C THR F 163 -19.07 -16.62 -14.09
N ILE F 164 -18.88 -15.40 -14.58
CA ILE F 164 -18.76 -14.22 -13.73
C ILE F 164 -19.87 -13.26 -14.11
N ASP F 165 -20.58 -12.77 -13.09
CA ASP F 165 -21.55 -11.70 -13.22
C ASP F 165 -20.90 -10.41 -12.72
N PHE F 166 -20.52 -9.53 -13.64
CA PHE F 166 -19.75 -8.36 -13.27
C PHE F 166 -20.56 -7.27 -12.59
N ALA F 167 -21.90 -7.34 -12.60
CA ALA F 167 -22.67 -6.39 -11.80
C ALA F 167 -22.79 -6.85 -10.36
N ALA F 168 -23.09 -8.13 -10.14
CA ALA F 168 -23.05 -8.69 -8.80
C ALA F 168 -21.63 -8.84 -8.28
N LYS F 169 -20.64 -8.78 -9.19
CA LYS F 169 -19.25 -9.11 -8.86
C LYS F 169 -19.18 -10.45 -8.14
N GLN F 170 -19.63 -11.47 -8.85
CA GLN F 170 -19.77 -12.81 -8.28
C GLN F 170 -19.53 -13.83 -9.38
N GLY F 171 -18.98 -14.98 -9.01
CA GLY F 171 -18.73 -16.02 -9.97
C GLY F 171 -18.96 -17.39 -9.37
N ASN F 172 -19.07 -18.37 -10.27
CA ASN F 172 -19.27 -19.77 -9.88
C ASN F 172 -19.00 -20.64 -11.09
N GLY F 173 -18.71 -21.92 -10.83
CA GLY F 173 -18.47 -22.82 -11.93
C GLY F 173 -18.43 -24.28 -11.53
N LYS F 174 -17.79 -25.06 -12.38
CA LYS F 174 -17.85 -26.51 -12.28
C LYS F 174 -16.60 -27.12 -12.91
N ILE F 175 -16.12 -28.21 -12.30
CA ILE F 175 -15.09 -29.05 -12.89
C ILE F 175 -15.74 -30.36 -13.31
N GLU F 176 -15.45 -30.80 -14.55
CA GLU F 176 -15.97 -32.05 -15.07
C GLU F 176 -14.88 -32.85 -15.75
N HIS F 177 -15.11 -34.15 -15.84
CA HIS F 177 -14.41 -35.10 -16.68
C HIS F 177 -13.04 -35.50 -16.19
N LEU F 178 -12.63 -35.13 -14.97
CA LEU F 178 -11.46 -35.74 -14.38
C LEU F 178 -11.71 -37.23 -14.12
N LYS F 179 -10.67 -38.05 -14.29
CA LYS F 179 -10.84 -39.50 -14.16
C LYS F 179 -11.22 -39.91 -12.75
N SER F 180 -10.84 -39.14 -11.73
CA SER F 180 -11.18 -39.45 -10.35
C SER F 180 -12.48 -38.75 -9.99
N PRO F 181 -13.60 -39.46 -9.86
CA PRO F 181 -14.88 -38.74 -9.82
C PRO F 181 -14.98 -37.70 -8.74
N GLU F 182 -14.36 -37.94 -7.58
CA GLU F 182 -14.50 -37.02 -6.47
C GLU F 182 -13.88 -35.67 -6.76
N LEU F 183 -13.04 -35.56 -7.77
CA LEU F 183 -12.44 -34.28 -8.08
C LEU F 183 -13.32 -33.39 -8.95
N ASN F 184 -14.47 -33.90 -9.43
CA ASN F 184 -15.34 -33.13 -10.33
C ASN F 184 -16.31 -32.27 -9.53
N VAL F 185 -15.77 -31.26 -8.88
CA VAL F 185 -16.49 -30.49 -7.88
C VAL F 185 -17.11 -29.25 -8.51
N ASP F 186 -18.12 -28.74 -7.81
CA ASP F 186 -18.69 -27.44 -8.14
C ASP F 186 -17.88 -26.35 -7.45
N LEU F 187 -17.66 -25.25 -8.17
CA LEU F 187 -16.98 -24.07 -7.62
C LEU F 187 -18.06 -23.10 -7.19
N ALA F 188 -18.28 -23.03 -5.88
CA ALA F 188 -19.45 -22.34 -5.35
C ALA F 188 -19.37 -20.84 -5.59
N ALA F 189 -20.54 -20.22 -5.61
CA ALA F 189 -20.60 -18.78 -5.78
C ALA F 189 -19.71 -18.05 -4.79
N ALA F 190 -18.94 -17.09 -5.30
CA ALA F 190 -17.98 -16.33 -4.52
C ALA F 190 -17.86 -14.93 -5.09
N ASP F 191 -17.52 -13.97 -4.23
CA ASP F 191 -17.37 -12.57 -4.60
C ASP F 191 -16.00 -12.30 -5.23
N ILE F 192 -15.98 -11.36 -6.18
CA ILE F 192 -14.74 -10.78 -6.66
C ILE F 192 -14.26 -9.72 -5.68
N LYS F 193 -13.04 -9.86 -5.23
CA LYS F 193 -12.46 -8.89 -4.31
C LYS F 193 -11.11 -8.42 -4.81
N PRO F 194 -10.70 -7.23 -4.40
CA PRO F 194 -9.33 -6.78 -4.64
C PRO F 194 -8.38 -7.44 -3.65
N ASP F 195 -7.24 -7.89 -4.16
CA ASP F 195 -6.18 -8.39 -3.29
C ASP F 195 -5.25 -7.22 -2.94
N GLY F 196 -4.08 -7.53 -2.38
CA GLY F 196 -3.19 -6.49 -1.91
C GLY F 196 -2.78 -5.51 -2.99
N LYS F 197 -2.57 -6.01 -4.20
CA LYS F 197 -2.22 -5.15 -5.33
C LYS F 197 -3.46 -4.68 -6.10
N ARG F 198 -4.64 -4.87 -5.51
CA ARG F 198 -5.92 -4.53 -6.12
C ARG F 198 -6.14 -5.31 -7.42
N HIS F 199 -5.50 -6.47 -7.53
CA HIS F 199 -5.85 -7.44 -8.57
C HIS F 199 -7.20 -8.07 -8.24
N ALA F 200 -7.96 -8.40 -9.29
CA ALA F 200 -9.28 -9.01 -9.11
C ALA F 200 -9.12 -10.50 -8.86
N VAL F 201 -9.58 -10.95 -7.69
CA VAL F 201 -9.46 -12.34 -7.29
C VAL F 201 -10.77 -12.86 -6.72
N ILE F 202 -10.97 -14.19 -6.85
CA ILE F 202 -12.16 -14.85 -6.33
C ILE F 202 -11.69 -16.02 -5.50
N SER F 203 -12.22 -16.14 -4.28
CA SER F 203 -11.89 -17.27 -3.43
C SER F 203 -13.19 -17.80 -2.86
N GLY F 204 -13.37 -19.12 -2.94
CA GLY F 204 -14.58 -19.71 -2.40
C GLY F 204 -14.45 -21.19 -2.13
N SER F 205 -15.57 -21.80 -1.77
CA SER F 205 -15.59 -23.22 -1.47
C SER F 205 -15.82 -24.03 -2.74
N VAL F 206 -15.43 -25.30 -2.70
CA VAL F 206 -15.86 -26.28 -3.69
C VAL F 206 -16.86 -27.21 -3.00
N LEU F 207 -17.79 -27.75 -3.80
CA LEU F 207 -18.85 -28.62 -3.29
C LEU F 207 -18.91 -29.91 -4.08
N TYR F 208 -19.33 -30.99 -3.41
CA TYR F 208 -19.57 -32.28 -4.06
C TYR F 208 -20.84 -32.86 -3.43
N ASN F 209 -21.93 -32.90 -4.21
CA ASN F 209 -23.24 -33.28 -3.67
C ASN F 209 -23.66 -32.29 -2.57
N GLN F 210 -23.46 -31.00 -2.84
CA GLN F 210 -23.78 -29.92 -1.92
C GLN F 210 -22.99 -29.97 -0.61
N ALA F 211 -22.10 -30.94 -0.44
CA ALA F 211 -21.22 -30.99 0.72
C ALA F 211 -19.94 -30.21 0.45
N GLU F 212 -19.54 -29.39 1.42
CA GLU F 212 -18.29 -28.64 1.30
C GLU F 212 -17.12 -29.61 1.26
N LYS F 213 -16.18 -29.38 0.31
CA LYS F 213 -15.11 -30.36 0.12
C LYS F 213 -13.77 -29.70 -0.24
N GLY F 214 -13.59 -28.43 0.09
CA GLY F 214 -12.30 -27.80 -0.13
C GLY F 214 -12.50 -26.38 -0.59
N SER F 215 -11.57 -25.85 -1.38
CA SER F 215 -11.63 -24.45 -1.74
C SER F 215 -11.02 -24.26 -3.13
N TYR F 216 -11.27 -23.09 -3.69
CA TYR F 216 -10.68 -22.70 -4.97
C TYR F 216 -10.36 -21.23 -4.94
N SER F 217 -9.40 -20.84 -5.77
CA SER F 217 -9.15 -19.42 -5.93
C SER F 217 -8.74 -19.18 -7.37
N LEU F 218 -9.27 -18.10 -7.93
CA LEU F 218 -9.02 -17.75 -9.31
C LEU F 218 -8.62 -16.29 -9.38
N GLY F 219 -7.64 -16.00 -10.20
CA GLY F 219 -7.37 -14.64 -10.60
C GLY F 219 -8.05 -14.39 -11.94
N ILE F 220 -8.44 -13.13 -12.13
CA ILE F 220 -8.95 -12.64 -13.41
C ILE F 220 -7.79 -12.01 -14.16
N PHE F 221 -7.66 -12.34 -15.44
CA PHE F 221 -6.52 -11.89 -16.27
C PHE F 221 -6.97 -11.28 -17.59
N GLY F 222 -6.18 -10.36 -18.12
CA GLY F 222 -6.46 -9.69 -19.40
C GLY F 222 -7.18 -8.37 -19.19
N GLY F 223 -6.85 -7.35 -19.97
CA GLY F 223 -7.48 -6.02 -19.81
C GLY F 223 -8.99 -6.06 -19.85
N LYS F 224 -9.58 -7.01 -20.55
CA LYS F 224 -11.06 -7.14 -20.67
C LYS F 224 -11.53 -8.38 -19.90
N ALA F 225 -10.79 -8.79 -18.88
CA ALA F 225 -11.11 -9.96 -18.06
C ALA F 225 -11.30 -11.15 -19.00
N GLN F 226 -10.43 -11.37 -19.96
CA GLN F 226 -10.60 -12.47 -20.93
C GLN F 226 -10.36 -13.84 -20.32
N GLU F 227 -9.70 -13.97 -19.18
CA GLU F 227 -9.26 -15.26 -18.69
C GLU F 227 -9.41 -15.35 -17.18
N VAL F 228 -9.49 -16.58 -16.70
CA VAL F 228 -9.35 -16.88 -15.28
C VAL F 228 -8.31 -17.99 -15.14
N ALA F 229 -7.55 -17.91 -14.05
CA ALA F 229 -6.56 -18.94 -13.77
C ALA F 229 -6.35 -19.03 -12.27
N GLY F 230 -6.02 -20.24 -11.83
CA GLY F 230 -5.94 -20.47 -10.40
C GLY F 230 -5.82 -21.95 -10.08
N SER F 231 -6.39 -22.34 -8.94
CA SER F 231 -6.26 -23.73 -8.50
C SER F 231 -7.38 -24.03 -7.50
N ALA F 232 -7.60 -25.31 -7.30
CA ALA F 232 -8.54 -25.81 -6.32
C ALA F 232 -7.82 -26.80 -5.43
N GLU F 233 -8.28 -26.92 -4.20
CA GLU F 233 -7.86 -27.95 -3.26
C GLU F 233 -9.09 -28.78 -2.92
N VAL F 234 -9.04 -30.07 -3.17
CA VAL F 234 -10.15 -30.97 -2.90
C VAL F 234 -9.75 -31.92 -1.78
N LYS F 235 -10.54 -31.94 -0.72
CA LYS F 235 -10.26 -32.83 0.41
C LYS F 235 -10.70 -34.24 0.08
N THR F 236 -9.78 -35.20 0.27
CA THR F 236 -10.08 -36.63 0.09
C THR F 236 -9.52 -37.42 1.26
N VAL F 237 -9.93 -38.69 1.38
CA VAL F 237 -9.45 -39.49 2.50
C VAL F 237 -7.97 -39.84 2.37
N ASN F 238 -7.37 -39.62 1.21
CA ASN F 238 -5.94 -39.85 1.01
C ASN F 238 -5.12 -38.57 0.95
N GLY F 239 -5.71 -37.46 1.35
CA GLY F 239 -5.06 -36.17 1.42
C GLY F 239 -5.76 -35.15 0.55
N ILE F 240 -5.25 -33.93 0.63
CA ILE F 240 -5.70 -32.86 -0.25
C ILE F 240 -5.15 -33.10 -1.66
N ARG F 241 -6.01 -32.97 -2.65
CA ARG F 241 -5.61 -33.07 -4.06
C ARG F 241 -5.70 -31.69 -4.72
N HIS F 242 -4.62 -31.30 -5.39
CA HIS F 242 -4.49 -30.00 -6.02
C HIS F 242 -4.83 -30.11 -7.49
N ILE F 243 -5.54 -29.11 -7.99
CA ILE F 243 -6.04 -29.08 -9.37
C ILE F 243 -5.70 -27.71 -9.93
N GLY F 244 -5.00 -27.68 -11.06
CA GLY F 244 -4.77 -26.44 -11.75
C GLY F 244 -5.97 -26.07 -12.60
N LEU F 245 -6.27 -24.78 -12.65
CA LEU F 245 -7.47 -24.24 -13.30
C LEU F 245 -7.09 -23.14 -14.28
N ALA F 246 -7.53 -23.24 -15.52
CA ALA F 246 -7.36 -22.14 -16.46
C ALA F 246 -8.47 -22.16 -17.51
N ALA F 247 -9.15 -21.04 -17.70
CA ALA F 247 -10.25 -20.95 -18.68
C ALA F 247 -10.24 -19.58 -19.37
N LYS F 248 -10.91 -19.49 -20.50
CA LYS F 248 -10.91 -18.25 -21.28
C LYS F 248 -12.26 -18.04 -21.95
N GLN F 249 -12.61 -16.80 -22.17
CA GLN F 249 -13.84 -16.46 -22.90
C GLN F 249 -13.62 -16.79 -24.38
N LEU F 250 -14.69 -16.95 -25.14
CA LEU F 250 -14.59 -17.18 -26.60
C LEU F 250 -14.06 -15.91 -27.28
#